data_3VZD
#
_entry.id   3VZD
#
_cell.length_a   102.202
_cell.length_b   106.573
_cell.length_c   226.020
_cell.angle_alpha   90.000
_cell.angle_beta   90.000
_cell.angle_gamma   90.000
#
_symmetry.space_group_name_H-M   'P 21 21 21'
#
loop_
_entity.id
_entity.type
_entity.pdbx_description
1 polymer 'Sphingosine kinase 1'
2 non-polymer 4-{[4-(4-chlorophenyl)-1,3-thiazol-2-yl]amino}phenol
3 non-polymer 'PYROPHOSPHATE 2-'
4 non-polymer 'MAGNESIUM ION'
5 non-polymer 'CHLORIDE ION'
6 non-polymer "ADENOSINE-5'-DIPHOSPHATE"
7 water water
#
_entity_poly.entity_id   1
_entity_poly.type   'polypeptide(L)'
_entity_poly.pdbx_seq_one_letter_code
;GAMGSGVLPRPCRVLVLLNPRGGKGKALQLFRSHVQPLLAEAEISFTLMLTERRNHARELVRSEELGRWDALVVMSGDGL
MHEVVNGLMERPDWETAIQKPLCSLPAGSGNALAASLNHYAGYEQVTNEDLLTNCTLLLCRRLLSPMNLLSLHTASGLRL
FSVLSLAWGFIADVDLESEKYRRLGEMRFTLGTFLRLAALRTYRGRLAYLPVGRVGSKTPASPVVVQQGPVDAHLVPLEE
PVPSHWTVVPDEDFVLVLALLHSHLGSEMFAAPMGRCAAGVMHLFYVRAGVSRAMLLRLFLAMEKGRHMEYECPYLVYVP
VVAFRLEPKDGKGVFAVDGELMVSEAVQGQVHPNYFWMVSG
;
_entity_poly.pdbx_strand_id   A,B,C,D,E,F
#
loop_
_chem_comp.id
_chem_comp.type
_chem_comp.name
_chem_comp.formula
ADP non-polymer ADENOSINE-5'-DIPHOSPHATE 'C10 H15 N5 O10 P2'
CL non-polymer 'CHLORIDE ION' 'Cl -1'
MG non-polymer 'MAGNESIUM ION' 'Mg 2'
POP non-polymer 'PYROPHOSPHATE 2-' 'H2 O7 P2 -2'
UUL non-polymer 4-{[4-(4-chlorophenyl)-1,3-thiazol-2-yl]amino}phenol 'C15 H11 Cl N2 O S'
#
# COMPACT_ATOMS: atom_id res chain seq x y z
N MET A 3 -6.01 -38.80 -1.51
CA MET A 3 -5.71 -37.99 -2.74
C MET A 3 -6.99 -37.84 -3.65
N GLY A 4 -7.72 -38.93 -3.90
CA GLY A 4 -9.00 -38.82 -4.59
C GLY A 4 -10.03 -38.06 -3.76
N SER A 5 -10.84 -37.23 -4.43
CA SER A 5 -11.89 -36.49 -3.75
C SER A 5 -13.27 -37.02 -4.08
N GLY A 6 -13.38 -38.13 -4.84
CA GLY A 6 -14.70 -38.70 -5.19
C GLY A 6 -14.42 -39.98 -5.98
N VAL A 7 -15.45 -40.72 -6.32
CA VAL A 7 -15.20 -41.96 -7.03
C VAL A 7 -16.31 -42.20 -8.10
N LEU A 8 -15.97 -42.81 -9.23
CA LEU A 8 -17.04 -43.39 -10.09
C LEU A 8 -17.62 -44.62 -9.40
N PRO A 9 -18.91 -44.85 -9.59
CA PRO A 9 -19.55 -46.12 -9.26
C PRO A 9 -18.92 -47.30 -10.01
N ARG A 10 -18.97 -48.49 -9.40
CA ARG A 10 -18.63 -49.76 -10.06
C ARG A 10 -19.88 -50.66 -9.97
N PRO A 11 -20.35 -51.21 -11.11
CA PRO A 11 -19.86 -50.95 -12.46
C PRO A 11 -20.37 -49.60 -12.94
N CYS A 12 -19.85 -49.12 -14.06
CA CYS A 12 -20.40 -47.86 -14.54
C CYS A 12 -20.45 -47.82 -16.05
N ARG A 13 -21.09 -46.80 -16.59
CA ARG A 13 -21.03 -46.62 -18.02
C ARG A 13 -20.61 -45.23 -18.39
N VAL A 14 -19.89 -45.17 -19.51
CA VAL A 14 -19.17 -43.99 -19.90
C VAL A 14 -19.40 -43.72 -21.38
N LEU A 15 -19.59 -42.46 -21.74
CA LEU A 15 -19.55 -42.03 -23.12
C LEU A 15 -18.08 -41.68 -23.53
N VAL A 16 -17.57 -42.35 -24.58
CA VAL A 16 -16.26 -42.10 -25.21
C VAL A 16 -16.37 -41.29 -26.52
N LEU A 17 -15.88 -40.06 -26.52
CA LEU A 17 -15.89 -39.24 -27.69
C LEU A 17 -14.50 -39.34 -28.27
N LEU A 18 -14.39 -39.83 -29.51
CA LEU A 18 -13.13 -40.17 -30.09
C LEU A 18 -12.97 -39.52 -31.44
N ASN A 19 -11.81 -38.91 -31.64
CA ASN A 19 -11.44 -38.37 -32.95
C ASN A 19 -10.62 -39.43 -33.69
N PRO A 20 -11.25 -40.06 -34.70
CA PRO A 20 -10.60 -41.09 -35.53
C PRO A 20 -9.40 -40.58 -36.33
N ARG A 21 -9.32 -39.26 -36.58
CA ARG A 21 -8.11 -38.63 -37.19
C ARG A 21 -6.86 -38.49 -36.28
N GLY A 22 -6.97 -38.73 -34.97
CA GLY A 22 -5.85 -38.46 -34.05
C GLY A 22 -5.08 -39.74 -33.82
N GLY A 23 -3.81 -39.60 -33.41
CA GLY A 23 -2.92 -40.76 -33.31
C GLY A 23 -2.54 -41.17 -34.74
N LYS A 24 -2.37 -40.18 -35.62
CA LYS A 24 -2.09 -40.34 -37.06
C LYS A 24 -3.18 -41.17 -37.73
N GLY A 25 -4.40 -41.06 -37.21
CA GLY A 25 -5.53 -41.83 -37.70
C GLY A 25 -5.68 -43.21 -37.08
N LYS A 26 -5.15 -43.40 -35.89
CA LYS A 26 -5.16 -44.77 -35.29
C LYS A 26 -5.84 -44.83 -33.91
N ALA A 27 -6.44 -43.69 -33.58
CA ALA A 27 -7.18 -43.51 -32.34
C ALA A 27 -8.17 -44.65 -32.10
N LEU A 28 -9.05 -44.93 -33.07
CA LEU A 28 -9.96 -46.05 -32.90
C LEU A 28 -9.26 -47.40 -32.73
N GLN A 29 -8.26 -47.69 -33.54
CA GLN A 29 -7.50 -48.96 -33.35
C GLN A 29 -6.72 -48.97 -31.98
N LEU A 30 -6.22 -47.81 -31.56
CA LEU A 30 -5.58 -47.70 -30.19
C LEU A 30 -6.62 -47.85 -29.11
N PHE A 31 -7.82 -47.33 -29.36
CA PHE A 31 -8.92 -47.62 -28.38
C PHE A 31 -9.10 -49.13 -28.22
N ARG A 32 -9.26 -49.77 -29.37
CA ARG A 32 -9.51 -51.22 -29.44
C ARG A 32 -8.36 -51.99 -28.80
N SER A 33 -7.11 -51.66 -29.10
CA SER A 33 -6.02 -52.49 -28.52
C SER A 33 -5.64 -52.16 -27.06
N HIS A 34 -5.65 -50.87 -26.70
CA HIS A 34 -5.15 -50.49 -25.38
C HIS A 34 -6.17 -50.13 -24.34
N VAL A 35 -7.33 -49.65 -24.75
CA VAL A 35 -8.33 -49.18 -23.81
C VAL A 35 -9.46 -50.17 -23.54
N GLN A 36 -10.09 -50.66 -24.61
CA GLN A 36 -11.24 -51.59 -24.50
C GLN A 36 -11.00 -52.78 -23.55
N PRO A 37 -9.88 -53.52 -23.70
CA PRO A 37 -9.68 -54.72 -22.85
C PRO A 37 -9.60 -54.41 -21.36
N LEU A 38 -9.04 -53.24 -21.02
CA LEU A 38 -9.01 -52.74 -19.63
C LEU A 38 -10.41 -52.36 -19.13
N LEU A 39 -11.22 -51.71 -19.96
CA LEU A 39 -12.59 -51.36 -19.54
C LEU A 39 -13.37 -52.59 -19.16
N ALA A 40 -13.37 -53.60 -20.04
CA ALA A 40 -14.03 -54.88 -19.80
C ALA A 40 -13.69 -55.40 -18.42
N GLU A 41 -12.42 -55.67 -18.12
CA GLU A 41 -12.00 -56.13 -16.75
C GLU A 41 -12.39 -55.22 -15.58
N ALA A 42 -12.49 -53.91 -15.82
CA ALA A 42 -12.89 -52.95 -14.76
C ALA A 42 -14.42 -52.79 -14.62
N GLU A 43 -15.17 -53.56 -15.41
CA GLU A 43 -16.63 -53.41 -15.48
C GLU A 43 -17.07 -52.00 -15.81
N ILE A 44 -16.34 -51.36 -16.72
CA ILE A 44 -16.76 -50.09 -17.31
C ILE A 44 -17.44 -50.32 -18.68
N SER A 45 -18.76 -50.15 -18.76
CA SER A 45 -19.42 -50.17 -20.11
C SER A 45 -19.08 -48.91 -20.83
N PHE A 46 -19.08 -48.95 -22.16
CA PHE A 46 -18.90 -47.70 -22.86
C PHE A 46 -19.71 -47.62 -24.15
N THR A 47 -19.99 -46.41 -24.59
CA THR A 47 -20.36 -46.26 -25.95
C THR A 47 -19.43 -45.25 -26.69
N LEU A 48 -18.98 -45.62 -27.86
CA LEU A 48 -18.10 -44.81 -28.68
C LEU A 48 -18.91 -43.98 -29.68
N MET A 49 -18.57 -42.72 -29.78
CA MET A 49 -19.14 -41.76 -30.70
C MET A 49 -17.95 -41.13 -31.41
N LEU A 50 -17.91 -41.20 -32.74
CA LEU A 50 -16.87 -40.56 -33.53
C LEU A 50 -17.10 -39.08 -33.76
N THR A 51 -16.07 -38.30 -33.46
CA THR A 51 -16.20 -36.87 -33.48
C THR A 51 -15.01 -36.23 -34.15
N GLU A 52 -15.11 -35.91 -35.44
CA GLU A 52 -13.98 -35.26 -36.14
C GLU A 52 -14.16 -33.82 -36.66
N ARG A 53 -15.32 -33.48 -37.22
CA ARG A 53 -15.58 -32.12 -37.74
C ARG A 53 -15.54 -31.07 -36.63
N ARG A 54 -15.38 -29.82 -37.05
CA ARG A 54 -15.29 -28.71 -36.10
C ARG A 54 -16.58 -28.40 -35.32
N ASN A 55 -16.44 -28.37 -33.98
CA ASN A 55 -17.53 -28.17 -32.98
C ASN A 55 -18.49 -29.33 -32.84
N HIS A 56 -18.19 -30.42 -33.51
CA HIS A 56 -19.08 -31.52 -33.47
C HIS A 56 -19.27 -31.94 -32.00
N ALA A 57 -18.14 -32.29 -31.37
CA ALA A 57 -18.08 -32.76 -29.97
C ALA A 57 -18.66 -31.72 -28.99
N ARG A 58 -18.34 -30.46 -29.23
CA ARG A 58 -18.97 -29.38 -28.48
C ARG A 58 -20.52 -29.38 -28.57
N GLU A 59 -21.07 -29.50 -29.78
CA GLU A 59 -22.54 -29.54 -29.97
C GLU A 59 -23.14 -30.80 -29.37
N LEU A 60 -22.45 -31.94 -29.49
CA LEU A 60 -22.88 -33.14 -28.80
C LEU A 60 -23.09 -33.01 -27.27
N VAL A 61 -22.10 -32.43 -26.62
CA VAL A 61 -22.07 -32.37 -25.16
C VAL A 61 -23.09 -31.29 -24.71
N ARG A 62 -23.23 -30.24 -25.52
CA ARG A 62 -24.27 -29.24 -25.28
C ARG A 62 -25.68 -29.81 -25.27
N SER A 63 -25.95 -30.84 -26.08
CA SER A 63 -27.33 -31.30 -26.17
C SER A 63 -27.53 -32.61 -25.45
N GLU A 64 -26.49 -33.22 -24.90
CA GLU A 64 -26.57 -34.59 -24.37
C GLU A 64 -27.42 -34.64 -23.09
N GLU A 65 -27.95 -35.83 -22.81
CA GLU A 65 -28.70 -36.12 -21.59
C GLU A 65 -27.61 -36.78 -20.75
N LEU A 66 -27.04 -35.98 -19.87
CA LEU A 66 -25.81 -36.37 -19.15
C LEU A 66 -26.08 -37.42 -18.10
N GLY A 67 -27.35 -37.48 -17.70
CA GLY A 67 -27.85 -38.42 -16.69
C GLY A 67 -27.60 -39.87 -17.03
N ARG A 68 -27.58 -40.23 -18.33
CA ARG A 68 -27.26 -41.62 -18.75
C ARG A 68 -25.79 -41.98 -18.61
N TRP A 69 -24.90 -41.02 -18.36
CA TRP A 69 -23.50 -41.42 -18.22
C TRP A 69 -22.96 -41.14 -16.83
N ASP A 70 -22.06 -42.00 -16.36
CA ASP A 70 -21.25 -41.71 -15.18
C ASP A 70 -20.04 -40.82 -15.43
N ALA A 71 -19.51 -40.87 -16.65
CA ALA A 71 -18.35 -40.08 -17.04
C ALA A 71 -18.36 -39.82 -18.54
N LEU A 72 -17.73 -38.72 -18.95
CA LEU A 72 -17.41 -38.53 -20.37
C LEU A 72 -15.94 -38.74 -20.53
N VAL A 73 -15.55 -39.66 -21.40
CA VAL A 73 -14.16 -39.83 -21.67
C VAL A 73 -13.84 -39.40 -23.07
N VAL A 74 -12.79 -38.59 -23.17
CA VAL A 74 -12.44 -37.82 -24.33
C VAL A 74 -11.13 -38.39 -24.89
N MET A 75 -11.16 -38.99 -26.07
CA MET A 75 -9.93 -39.58 -26.64
C MET A 75 -9.42 -38.88 -27.92
N SER A 76 -8.39 -38.09 -27.70
CA SER A 76 -7.79 -37.24 -28.71
C SER A 76 -6.77 -36.36 -27.98
N GLY A 77 -6.76 -35.07 -28.23
CA GLY A 77 -5.81 -34.20 -27.54
C GLY A 77 -6.47 -33.31 -26.48
N ASP A 78 -5.69 -32.34 -25.98
CA ASP A 78 -6.19 -31.23 -25.21
C ASP A 78 -7.31 -30.48 -25.99
N GLY A 79 -7.18 -30.42 -27.32
CA GLY A 79 -8.17 -29.73 -28.15
C GLY A 79 -9.60 -30.27 -27.92
N LEU A 80 -9.77 -31.59 -27.84
CA LEU A 80 -11.09 -32.13 -27.68
C LEU A 80 -11.57 -31.93 -26.23
N MET A 81 -10.66 -32.02 -25.27
CA MET A 81 -11.07 -31.68 -23.92
C MET A 81 -11.59 -30.25 -23.87
N HIS A 82 -10.83 -29.34 -24.41
CA HIS A 82 -11.29 -27.97 -24.59
C HIS A 82 -12.75 -27.83 -25.18
N GLU A 83 -13.05 -28.54 -26.29
CA GLU A 83 -14.43 -28.48 -26.88
C GLU A 83 -15.53 -28.97 -25.93
N VAL A 84 -15.26 -30.07 -25.27
CA VAL A 84 -16.21 -30.72 -24.39
C VAL A 84 -16.52 -29.78 -23.24
N VAL A 85 -15.49 -29.37 -22.53
CA VAL A 85 -15.67 -28.41 -21.43
C VAL A 85 -16.40 -27.12 -21.88
N ASN A 86 -16.05 -26.54 -23.00
CA ASN A 86 -16.83 -25.38 -23.46
C ASN A 86 -18.28 -25.72 -23.83
N GLY A 87 -18.53 -26.97 -24.28
CA GLY A 87 -19.88 -27.42 -24.58
C GLY A 87 -20.73 -27.52 -23.33
N LEU A 88 -20.16 -28.07 -22.27
CA LEU A 88 -20.87 -28.13 -21.02
C LEU A 88 -21.18 -26.74 -20.45
N MET A 89 -20.26 -25.79 -20.61
CA MET A 89 -20.42 -24.46 -19.97
C MET A 89 -21.35 -23.61 -20.81
N GLU A 90 -21.58 -23.99 -22.07
CA GLU A 90 -22.44 -23.13 -22.91
C GLU A 90 -23.90 -23.49 -22.65
N ARG A 91 -24.13 -24.53 -21.83
CA ARG A 91 -25.45 -25.08 -21.58
C ARG A 91 -26.19 -24.21 -20.56
N PRO A 92 -27.52 -24.10 -20.71
CA PRO A 92 -28.25 -23.31 -19.68
C PRO A 92 -28.19 -23.98 -18.29
N ASP A 93 -28.03 -25.31 -18.22
CA ASP A 93 -27.78 -25.98 -16.92
C ASP A 93 -26.27 -26.21 -16.63
N TRP A 94 -25.41 -25.30 -17.07
CA TRP A 94 -23.96 -25.45 -16.97
C TRP A 94 -23.50 -25.76 -15.57
N GLU A 95 -24.16 -25.20 -14.55
CA GLU A 95 -23.69 -25.43 -13.16
C GLU A 95 -23.81 -26.86 -12.69
N THR A 96 -24.85 -27.57 -13.09
CA THR A 96 -24.83 -29.03 -12.90
C THR A 96 -24.08 -29.81 -14.04
N ALA A 97 -24.23 -29.42 -15.29
CA ALA A 97 -23.48 -30.05 -16.40
C ALA A 97 -21.96 -30.16 -16.16
N ILE A 98 -21.35 -29.07 -15.66
CA ILE A 98 -19.89 -29.03 -15.48
C ILE A 98 -19.43 -29.98 -14.38
N GLN A 99 -20.37 -30.55 -13.64
CA GLN A 99 -19.96 -31.54 -12.67
C GLN A 99 -19.86 -32.95 -13.20
N LYS A 100 -20.19 -33.19 -14.46
CA LYS A 100 -20.06 -34.55 -14.97
C LYS A 100 -18.60 -34.93 -15.02
N PRO A 101 -18.19 -36.02 -14.35
CA PRO A 101 -16.76 -36.34 -14.38
C PRO A 101 -16.20 -36.59 -15.82
N LEU A 102 -14.99 -36.13 -16.07
CA LEU A 102 -14.43 -36.14 -17.37
C LEU A 102 -13.14 -36.92 -17.32
N CYS A 103 -12.72 -37.42 -18.46
CA CYS A 103 -11.54 -38.24 -18.43
C CYS A 103 -10.81 -37.99 -19.73
N SER A 104 -9.50 -37.96 -19.63
CA SER A 104 -8.76 -37.58 -20.76
C SER A 104 -7.87 -38.72 -21.15
N LEU A 105 -8.10 -39.27 -22.34
CA LEU A 105 -7.29 -40.35 -22.91
C LEU A 105 -6.48 -39.84 -24.10
N PRO A 106 -5.15 -39.98 -24.01
CA PRO A 106 -4.23 -39.37 -24.96
C PRO A 106 -4.19 -40.14 -26.23
N ALA A 107 -4.38 -39.43 -27.32
CA ALA A 107 -4.07 -39.91 -28.65
C ALA A 107 -3.46 -38.74 -29.43
N GLY A 108 -2.40 -39.06 -30.19
CA GLY A 108 -1.71 -38.14 -31.08
C GLY A 108 -0.77 -37.41 -30.16
N SER A 109 -0.51 -36.13 -30.45
CA SER A 109 0.29 -35.26 -29.59
C SER A 109 -0.54 -34.02 -29.18
N GLY A 110 0.02 -33.17 -28.31
CA GLY A 110 -0.81 -32.14 -27.70
C GLY A 110 -1.69 -32.83 -26.66
N ASN A 111 -1.02 -33.57 -25.76
CA ASN A 111 -1.63 -34.29 -24.66
C ASN A 111 -1.12 -33.82 -23.31
N ALA A 112 -1.04 -32.51 -23.11
CA ALA A 112 -0.50 -31.93 -21.88
C ALA A 112 -1.35 -32.25 -20.67
N LEU A 113 -2.67 -32.26 -20.85
CA LEU A 113 -3.56 -32.65 -19.79
C LEU A 113 -3.35 -34.10 -19.33
N ALA A 114 -3.32 -35.04 -20.28
CA ALA A 114 -3.17 -36.42 -19.87
C ALA A 114 -1.76 -36.56 -19.19
N ALA A 115 -0.72 -35.92 -19.77
CA ALA A 115 0.64 -35.97 -19.17
C ALA A 115 0.66 -35.43 -17.72
N SER A 116 -0.12 -34.38 -17.41
CA SER A 116 -0.14 -33.85 -16.03
C SER A 116 -0.78 -34.83 -15.03
N LEU A 117 -1.91 -35.40 -15.39
CA LEU A 117 -2.63 -36.33 -14.52
C LEU A 117 -1.84 -37.61 -14.24
N ASN A 118 -1.12 -38.07 -15.27
CA ASN A 118 -0.24 -39.18 -15.13
C ASN A 118 0.87 -38.90 -14.10
N HIS A 119 1.44 -37.69 -14.18
CA HIS A 119 2.34 -37.13 -13.18
C HIS A 119 1.66 -36.96 -11.80
N TYR A 120 0.45 -36.41 -11.74
CA TYR A 120 -0.09 -36.23 -10.40
C TYR A 120 -0.23 -37.55 -9.69
N ALA A 121 -0.51 -38.57 -10.50
CA ALA A 121 -0.78 -39.89 -9.96
C ALA A 121 0.53 -40.62 -9.56
N GLY A 122 1.70 -40.14 -10.00
CA GLY A 122 2.92 -40.75 -9.50
C GLY A 122 3.65 -41.61 -10.51
N TYR A 123 3.20 -41.61 -11.78
CA TYR A 123 3.88 -42.35 -12.81
C TYR A 123 5.03 -41.58 -13.39
N GLU A 124 5.89 -42.31 -14.10
CA GLU A 124 6.98 -41.70 -14.86
C GLU A 124 6.46 -41.00 -16.07
N GLN A 125 7.27 -40.10 -16.58
CA GLN A 125 6.90 -39.36 -17.72
C GLN A 125 6.94 -40.21 -19.00
N VAL A 126 5.92 -41.04 -19.16
CA VAL A 126 5.88 -41.96 -20.26
C VAL A 126 5.20 -41.29 -21.40
N THR A 127 5.28 -41.88 -22.58
CA THR A 127 4.65 -41.28 -23.75
C THR A 127 3.88 -42.32 -24.62
N ASN A 128 3.23 -41.86 -25.69
CA ASN A 128 2.59 -42.76 -26.67
C ASN A 128 1.68 -43.80 -25.99
N GLU A 129 1.87 -45.12 -26.26
CA GLU A 129 0.94 -46.14 -25.73
C GLU A 129 1.03 -46.30 -24.26
N ASP A 130 2.21 -46.06 -23.70
CA ASP A 130 2.42 -46.19 -22.24
C ASP A 130 1.59 -45.15 -21.52
N LEU A 131 1.50 -43.97 -22.11
CA LEU A 131 0.75 -42.87 -21.51
C LEU A 131 -0.73 -43.21 -21.57
N LEU A 132 -1.16 -43.61 -22.76
CA LEU A 132 -2.54 -44.11 -22.96
C LEU A 132 -2.89 -45.21 -21.95
N THR A 133 -1.99 -46.16 -21.76
CA THR A 133 -2.27 -47.25 -20.85
C THR A 133 -2.48 -46.75 -19.43
N ASN A 134 -1.54 -45.92 -19.00
CA ASN A 134 -1.61 -45.29 -17.68
C ASN A 134 -2.93 -44.48 -17.44
N CYS A 135 -3.28 -43.61 -18.39
CA CYS A 135 -4.51 -42.80 -18.23
C CYS A 135 -5.71 -43.73 -18.19
N THR A 136 -5.60 -44.86 -18.91
CA THR A 136 -6.66 -45.87 -18.93
C THR A 136 -6.75 -46.57 -17.57
N LEU A 137 -5.61 -46.90 -16.97
CA LEU A 137 -5.57 -47.51 -15.63
C LEU A 137 -6.06 -46.54 -14.57
N LEU A 138 -5.81 -45.23 -14.74
CA LEU A 138 -6.53 -44.20 -13.88
C LEU A 138 -8.05 -44.27 -14.00
N LEU A 139 -8.58 -44.35 -15.21
CA LEU A 139 -10.02 -44.48 -15.35
C LEU A 139 -10.51 -45.76 -14.72
N CYS A 140 -9.76 -46.86 -14.81
CA CYS A 140 -10.25 -48.10 -14.21
C CYS A 140 -10.25 -48.02 -12.68
N ARG A 141 -9.37 -47.23 -12.09
CA ARG A 141 -9.31 -47.11 -10.64
C ARG A 141 -10.39 -46.19 -10.10
N ARG A 142 -11.01 -45.44 -11.00
CA ARG A 142 -12.22 -44.63 -10.77
C ARG A 142 -12.16 -43.36 -9.91
N LEU A 143 -10.97 -43.02 -9.42
CA LEU A 143 -10.79 -41.86 -8.53
C LEU A 143 -10.93 -40.54 -9.28
N LEU A 144 -11.55 -39.58 -8.60
CA LEU A 144 -11.90 -38.26 -9.13
C LEU A 144 -11.25 -37.17 -8.28
N SER A 145 -10.85 -36.05 -8.89
CA SER A 145 -10.32 -34.83 -8.20
C SER A 145 -10.91 -33.66 -8.97
N PRO A 146 -11.19 -32.53 -8.32
CA PRO A 146 -11.69 -31.36 -9.02
C PRO A 146 -10.53 -30.56 -9.65
N MET A 147 -10.81 -29.83 -10.71
CA MET A 147 -9.73 -29.10 -11.37
C MET A 147 -10.14 -27.68 -11.59
N ASN A 148 -9.12 -26.81 -11.61
CA ASN A 148 -9.32 -25.42 -12.00
C ASN A 148 -9.71 -25.19 -13.43
N LEU A 149 -10.49 -24.12 -13.61
CA LEU A 149 -10.90 -23.71 -14.94
C LEU A 149 -10.58 -22.27 -15.19
N LEU A 150 -10.03 -21.98 -16.37
CA LEU A 150 -9.72 -20.62 -16.79
C LEU A 150 -10.81 -19.99 -17.63
N SER A 151 -11.31 -18.87 -17.16
CA SER A 151 -12.29 -18.13 -17.92
C SER A 151 -11.58 -16.97 -18.69
N LEU A 152 -11.79 -16.90 -20.01
CA LEU A 152 -11.15 -15.93 -20.87
C LEU A 152 -12.14 -14.97 -21.55
N HIS A 153 -11.73 -13.73 -21.79
CA HIS A 153 -12.52 -12.74 -22.52
C HIS A 153 -11.55 -12.08 -23.46
N THR A 154 -12.00 -11.88 -24.70
CA THR A 154 -11.21 -11.28 -25.71
C THR A 154 -11.75 -9.88 -26.01
N ALA A 155 -10.91 -9.09 -26.67
CA ALA A 155 -11.31 -7.70 -26.99
C ALA A 155 -12.56 -7.71 -27.83
N SER A 156 -12.70 -8.71 -28.70
CA SER A 156 -13.88 -8.72 -29.54
C SER A 156 -15.13 -9.07 -28.75
N GLY A 157 -15.00 -9.41 -27.46
CA GLY A 157 -16.17 -9.76 -26.62
C GLY A 157 -16.49 -11.25 -26.47
N LEU A 158 -15.64 -12.13 -26.97
CA LEU A 158 -15.93 -13.54 -26.86
C LEU A 158 -15.51 -13.99 -25.45
N ARG A 159 -16.26 -14.90 -24.84
CA ARG A 159 -15.91 -15.45 -23.56
C ARG A 159 -15.72 -16.93 -23.80
N LEU A 160 -14.58 -17.46 -23.35
CA LEU A 160 -14.34 -18.90 -23.49
C LEU A 160 -13.58 -19.47 -22.32
N PHE A 161 -13.44 -20.80 -22.28
CA PHE A 161 -12.84 -21.48 -21.18
C PHE A 161 -11.64 -22.29 -21.61
N SER A 162 -10.70 -22.48 -20.69
CA SER A 162 -9.42 -23.10 -20.99
C SER A 162 -9.18 -24.02 -19.82
N VAL A 163 -8.86 -25.27 -20.15
CA VAL A 163 -8.62 -26.29 -19.15
C VAL A 163 -7.11 -26.48 -18.85
N LEU A 164 -6.27 -25.86 -19.69
CA LEU A 164 -4.82 -26.14 -19.68
C LEU A 164 -3.89 -24.93 -19.74
N SER A 165 -4.01 -24.18 -20.82
CA SER A 165 -3.15 -23.08 -21.08
C SER A 165 -3.69 -22.01 -22.00
N LEU A 166 -3.11 -20.83 -21.81
CA LEU A 166 -3.11 -19.74 -22.80
C LEU A 166 -1.65 -19.33 -23.01
N ALA A 167 -1.24 -19.33 -24.27
CA ALA A 167 0.12 -18.98 -24.70
C ALA A 167 0.10 -17.91 -25.76
N TRP A 168 1.12 -17.05 -25.70
CA TRP A 168 1.32 -15.95 -26.66
C TRP A 168 2.81 -15.86 -26.93
N GLY A 169 3.14 -15.45 -28.15
CA GLY A 169 4.52 -15.26 -28.55
C GLY A 169 5.11 -16.57 -29.09
N PHE A 170 6.36 -16.80 -28.74
CA PHE A 170 7.08 -17.88 -29.33
C PHE A 170 6.34 -19.22 -29.26
N ILE A 171 5.83 -19.57 -28.08
CA ILE A 171 5.09 -20.84 -27.91
C ILE A 171 3.86 -20.92 -28.84
N ALA A 172 3.09 -19.84 -28.96
CA ALA A 172 1.93 -19.83 -29.84
C ALA A 172 2.28 -19.90 -31.32
N ASP A 173 3.38 -19.25 -31.68
CA ASP A 173 3.83 -19.24 -33.07
C ASP A 173 4.30 -20.65 -33.48
N VAL A 174 4.91 -21.38 -32.57
CA VAL A 174 5.35 -22.71 -32.85
C VAL A 174 4.16 -23.71 -32.86
N ASP A 175 3.18 -23.57 -31.97
CA ASP A 175 1.98 -24.42 -32.05
C ASP A 175 1.37 -24.25 -33.40
N LEU A 176 1.28 -23.01 -33.85
CA LEU A 176 0.73 -22.68 -35.18
C LEU A 176 1.65 -23.20 -36.31
N GLU A 177 2.88 -22.70 -36.43
CA GLU A 177 3.76 -23.09 -37.55
C GLU A 177 4.01 -24.57 -37.56
N SER A 178 3.80 -25.18 -36.40
CA SER A 178 4.12 -26.58 -36.15
C SER A 178 3.12 -27.59 -36.75
N GLU A 179 1.91 -27.14 -37.07
CA GLU A 179 0.86 -28.11 -37.40
C GLU A 179 1.19 -29.03 -38.57
N LYS A 180 1.95 -28.52 -39.52
CA LYS A 180 2.32 -29.28 -40.68
C LYS A 180 3.03 -30.59 -40.33
N TYR A 181 3.99 -30.57 -39.40
CA TYR A 181 4.65 -31.82 -39.03
C TYR A 181 3.85 -32.60 -37.99
N ARG A 182 2.52 -32.47 -38.01
CA ARG A 182 1.67 -33.22 -37.08
C ARG A 182 1.99 -34.73 -37.16
N ARG A 183 2.35 -35.21 -38.34
CA ARG A 183 2.71 -36.62 -38.52
C ARG A 183 3.88 -37.13 -37.64
N LEU A 184 4.76 -36.22 -37.20
CA LEU A 184 5.92 -36.57 -36.35
C LEU A 184 5.63 -36.72 -34.87
N GLY A 185 4.42 -36.38 -34.44
CA GLY A 185 4.09 -36.44 -32.99
C GLY A 185 4.74 -35.34 -32.14
N GLU A 186 4.92 -35.58 -30.84
CA GLU A 186 5.44 -34.59 -29.87
C GLU A 186 6.77 -33.94 -30.32
N MET A 187 7.56 -34.65 -31.12
CA MET A 187 8.82 -34.09 -31.55
C MET A 187 8.64 -32.88 -32.46
N ARG A 188 7.43 -32.67 -32.98
CA ARG A 188 7.21 -31.48 -33.81
C ARG A 188 7.46 -30.13 -33.08
N PHE A 189 7.36 -30.14 -31.75
CA PHE A 189 7.52 -28.93 -30.98
C PHE A 189 8.98 -28.61 -30.84
N THR A 190 9.80 -29.67 -30.76
CA THR A 190 11.26 -29.56 -30.84
C THR A 190 11.72 -28.98 -32.18
N LEU A 191 11.34 -29.65 -33.27
CA LEU A 191 11.63 -29.11 -34.58
C LEU A 191 11.12 -27.67 -34.77
N GLY A 192 9.88 -27.40 -34.32
CA GLY A 192 9.33 -26.06 -34.45
C GLY A 192 10.14 -25.04 -33.64
N THR A 193 10.55 -25.44 -32.45
CA THR A 193 11.28 -24.55 -31.56
C THR A 193 12.63 -24.28 -32.17
N PHE A 194 13.29 -25.37 -32.59
CA PHE A 194 14.59 -25.26 -33.20
C PHE A 194 14.60 -24.35 -34.40
N LEU A 195 13.65 -24.53 -35.33
CA LEU A 195 13.56 -23.68 -36.53
C LEU A 195 13.23 -22.25 -36.27
N ARG A 196 12.32 -22.01 -35.34
CA ARG A 196 11.84 -20.67 -35.03
C ARG A 196 12.86 -19.88 -34.21
N LEU A 197 13.67 -20.57 -33.41
CA LEU A 197 14.84 -19.94 -32.77
C LEU A 197 15.73 -19.17 -33.75
N ALA A 198 15.87 -19.60 -35.01
CA ALA A 198 16.76 -18.92 -35.95
C ALA A 198 16.34 -17.45 -36.17
N ALA A 199 15.04 -17.22 -36.41
CA ALA A 199 14.48 -15.84 -36.45
C ALA A 199 13.78 -15.53 -35.13
N LEU A 200 14.54 -15.49 -34.04
CA LEU A 200 13.96 -15.27 -32.72
C LEU A 200 13.49 -13.84 -32.80
N ARG A 201 12.18 -13.65 -32.84
CA ARG A 201 11.64 -12.33 -32.71
C ARG A 201 11.00 -12.14 -31.37
N THR A 202 10.71 -10.90 -31.04
CA THR A 202 10.15 -10.63 -29.74
C THR A 202 8.80 -10.03 -29.98
N TYR A 203 7.99 -9.95 -28.96
CA TYR A 203 6.63 -9.46 -29.18
C TYR A 203 6.35 -8.31 -28.20
N ARG A 204 5.70 -7.30 -28.76
CA ARG A 204 5.40 -6.10 -27.99
C ARG A 204 4.03 -6.27 -27.40
N GLY A 205 3.96 -6.14 -26.09
CA GLY A 205 2.65 -6.08 -25.46
C GLY A 205 2.74 -5.64 -24.01
N ARG A 206 1.56 -5.58 -23.39
CA ARG A 206 1.40 -5.18 -21.97
C ARG A 206 0.80 -6.32 -21.18
N LEU A 207 1.47 -6.71 -20.11
CA LEU A 207 1.03 -7.80 -19.32
C LEU A 207 0.83 -7.27 -17.91
N ALA A 208 -0.31 -7.62 -17.34
CA ALA A 208 -0.65 -7.36 -15.92
C ALA A 208 -1.28 -8.63 -15.34
N TYR A 209 -1.05 -8.87 -14.07
CA TYR A 209 -1.66 -10.02 -13.40
C TYR A 209 -1.97 -9.73 -11.94
N LEU A 210 -2.84 -10.54 -11.36
CA LEU A 210 -3.11 -10.53 -9.97
C LEU A 210 -2.45 -11.71 -9.21
N PRO A 211 -1.40 -11.46 -8.42
CA PRO A 211 -0.70 -12.51 -7.70
C PRO A 211 -1.59 -13.07 -6.62
N VAL A 212 -1.37 -14.32 -6.28
CA VAL A 212 -2.19 -15.02 -5.31
C VAL A 212 -2.24 -14.28 -3.98
N GLY A 213 -1.09 -13.82 -3.49
CA GLY A 213 -1.04 -13.18 -2.15
C GLY A 213 -1.70 -11.81 -2.02
N ARG A 214 -2.01 -11.22 -3.19
CA ARG A 214 -2.53 -9.86 -3.29
C ARG A 214 -4.03 -9.75 -3.49
N VAL A 215 -4.73 -10.87 -3.48
CA VAL A 215 -6.19 -10.78 -3.42
C VAL A 215 -6.61 -10.53 -1.96
N GLY A 216 -7.49 -9.53 -1.80
CA GLY A 216 -7.92 -9.10 -0.47
C GLY A 216 -9.36 -9.56 -0.42
N SER A 217 -10.14 -8.95 0.47
CA SER A 217 -11.59 -9.07 0.39
C SER A 217 -12.14 -8.04 -0.61
N GLN A 228 -24.91 -15.15 -18.37
CA GLN A 228 -24.13 -15.90 -19.35
C GLN A 228 -23.64 -17.25 -18.77
N GLY A 229 -22.81 -17.16 -17.71
CA GLY A 229 -22.17 -18.32 -17.01
C GLY A 229 -21.71 -17.74 -15.67
N PRO A 230 -20.59 -18.23 -15.09
CA PRO A 230 -20.02 -17.68 -13.81
C PRO A 230 -19.52 -16.25 -13.92
N VAL A 231 -19.54 -15.49 -12.81
CA VAL A 231 -19.06 -14.11 -12.88
C VAL A 231 -17.59 -14.07 -12.59
N ASP A 232 -16.88 -13.26 -13.34
CA ASP A 232 -15.46 -13.18 -13.21
C ASP A 232 -15.22 -11.94 -12.32
N ALA A 233 -15.29 -12.10 -11.01
CA ALA A 233 -15.22 -10.98 -10.08
C ALA A 233 -13.86 -10.29 -10.02
N HIS A 234 -12.81 -10.89 -10.53
CA HIS A 234 -11.55 -10.17 -10.42
C HIS A 234 -11.30 -9.34 -11.59
N LEU A 235 -12.15 -9.50 -12.61
CA LEU A 235 -11.88 -8.85 -13.90
C LEU A 235 -12.71 -7.58 -14.08
N VAL A 236 -12.08 -6.52 -14.60
CA VAL A 236 -12.80 -5.37 -15.07
C VAL A 236 -12.73 -5.27 -16.61
N PRO A 237 -13.71 -4.57 -17.22
CA PRO A 237 -13.75 -4.51 -18.70
C PRO A 237 -12.37 -4.23 -19.32
N LEU A 238 -12.09 -4.87 -20.46
CA LEU A 238 -10.83 -4.55 -21.24
C LEU A 238 -10.51 -3.06 -21.53
N GLU A 239 -11.49 -2.15 -21.51
CA GLU A 239 -11.18 -0.69 -21.78
C GLU A 239 -10.86 0.12 -20.53
N GLU A 240 -11.07 -0.45 -19.35
CA GLU A 240 -10.73 0.24 -18.10
C GLU A 240 -9.30 -0.24 -17.78
N PRO A 241 -8.49 0.52 -17.03
CA PRO A 241 -7.22 -0.14 -16.64
C PRO A 241 -7.46 -1.20 -15.56
N VAL A 242 -6.49 -2.09 -15.37
CA VAL A 242 -6.61 -3.14 -14.33
C VAL A 242 -6.67 -2.49 -12.95
N PRO A 243 -7.24 -3.18 -11.94
CA PRO A 243 -7.22 -2.57 -10.60
C PRO A 243 -5.82 -2.30 -10.10
N SER A 244 -5.71 -1.27 -9.26
CA SER A 244 -4.42 -0.79 -8.79
C SER A 244 -3.67 -1.81 -7.92
N HIS A 245 -4.34 -2.78 -7.34
CA HIS A 245 -3.63 -3.81 -6.60
C HIS A 245 -2.99 -4.99 -7.48
N TRP A 246 -3.28 -4.98 -8.78
CA TRP A 246 -2.60 -5.84 -9.74
C TRP A 246 -1.15 -5.37 -9.95
N THR A 247 -0.32 -6.26 -10.50
CA THR A 247 1.00 -5.92 -10.95
C THR A 247 0.93 -5.73 -12.45
N VAL A 248 1.40 -4.59 -12.91
CA VAL A 248 1.60 -4.33 -14.31
C VAL A 248 3.09 -4.60 -14.51
N VAL A 249 3.46 -5.40 -15.52
CA VAL A 249 4.84 -5.70 -15.73
C VAL A 249 5.50 -4.53 -16.46
N PRO A 250 6.76 -4.19 -16.11
CA PRO A 250 7.36 -2.99 -16.75
C PRO A 250 7.77 -3.27 -18.18
N ASP A 251 8.46 -4.39 -18.39
CA ASP A 251 8.84 -4.81 -19.73
C ASP A 251 7.65 -4.87 -20.66
N GLU A 252 7.79 -4.39 -21.87
CA GLU A 252 6.76 -4.50 -22.90
C GLU A 252 7.24 -5.26 -24.13
N ASP A 253 8.36 -5.95 -23.91
CA ASP A 253 8.99 -6.79 -24.91
C ASP A 253 9.27 -8.19 -24.42
N PHE A 254 8.58 -9.14 -25.03
CA PHE A 254 8.58 -10.55 -24.59
C PHE A 254 8.97 -11.53 -25.68
N VAL A 255 9.58 -12.64 -25.30
CA VAL A 255 9.55 -13.71 -26.30
C VAL A 255 8.32 -14.64 -26.15
N LEU A 256 7.87 -14.82 -24.91
CA LEU A 256 6.64 -15.60 -24.64
C LEU A 256 5.90 -15.28 -23.34
N VAL A 257 4.59 -15.44 -23.35
CA VAL A 257 3.84 -15.40 -22.10
C VAL A 257 3.01 -16.71 -22.07
N LEU A 258 2.97 -17.34 -20.90
CA LEU A 258 2.28 -18.58 -20.74
C LEU A 258 1.50 -18.57 -19.43
N ALA A 259 0.19 -18.74 -19.56
CA ALA A 259 -0.66 -19.08 -18.42
C ALA A 259 -0.92 -20.61 -18.46
N LEU A 260 -0.62 -21.31 -17.38
CA LEU A 260 -0.63 -22.79 -17.37
C LEU A 260 -1.25 -23.28 -16.05
N LEU A 261 -2.24 -24.16 -16.17
CA LEU A 261 -3.01 -24.61 -15.02
C LEU A 261 -2.48 -25.91 -14.41
N HIS A 262 -1.57 -26.55 -15.09
CA HIS A 262 -1.14 -27.89 -14.71
C HIS A 262 0.39 -27.98 -14.76
N SER A 263 0.93 -29.17 -14.51
CA SER A 263 2.39 -29.37 -14.43
C SER A 263 3.03 -29.49 -15.80
N HIS A 264 2.26 -29.99 -16.79
CA HIS A 264 2.87 -30.24 -18.07
C HIS A 264 2.31 -29.43 -19.22
N LEU A 265 3.23 -29.01 -20.06
CA LEU A 265 2.94 -28.28 -21.25
C LEU A 265 2.81 -29.26 -22.42
N GLY A 266 3.23 -30.51 -22.21
CA GLY A 266 3.25 -31.52 -23.25
C GLY A 266 3.74 -32.74 -22.52
N SER A 267 3.68 -33.92 -23.14
CA SER A 267 4.04 -35.16 -22.46
C SER A 267 5.52 -35.32 -22.14
N GLU A 268 6.35 -34.48 -22.72
CA GLU A 268 7.77 -34.50 -22.34
C GLU A 268 8.29 -33.10 -21.97
N MET A 269 7.37 -32.30 -21.39
CA MET A 269 7.62 -30.91 -21.04
C MET A 269 7.06 -30.64 -19.64
N PHE A 270 7.83 -30.94 -18.60
CA PHE A 270 7.46 -30.76 -17.21
C PHE A 270 7.75 -29.28 -16.95
N ALA A 271 6.77 -28.42 -17.27
CA ALA A 271 7.05 -26.97 -17.34
C ALA A 271 6.87 -26.35 -15.95
N ALA A 272 6.09 -27.00 -15.11
CA ALA A 272 5.77 -26.41 -13.85
C ALA A 272 6.05 -27.38 -12.74
N PRO A 273 7.35 -27.55 -12.38
CA PRO A 273 7.80 -28.48 -11.42
C PRO A 273 7.66 -28.01 -10.00
N MET A 274 7.28 -26.75 -9.80
CA MET A 274 7.32 -26.21 -8.43
C MET A 274 6.17 -26.71 -7.57
N GLY A 275 5.32 -27.58 -8.09
CA GLY A 275 4.19 -28.03 -7.27
C GLY A 275 2.83 -27.75 -7.88
N ARG A 276 1.89 -28.64 -7.59
CA ARG A 276 0.57 -28.59 -8.15
C ARG A 276 -0.17 -27.38 -7.67
N CYS A 277 -0.83 -26.73 -8.61
CA CYS A 277 -1.68 -25.60 -8.31
C CYS A 277 -2.76 -25.87 -7.28
N ALA A 278 -2.79 -25.04 -6.24
CA ALA A 278 -3.88 -25.01 -5.32
C ALA A 278 -5.16 -24.52 -6.03
N ALA A 279 -6.29 -24.73 -5.38
CA ALA A 279 -7.57 -24.34 -5.89
C ALA A 279 -7.61 -22.83 -6.22
N GLY A 280 -7.94 -22.46 -7.49
CA GLY A 280 -8.15 -21.07 -7.85
C GLY A 280 -6.84 -20.40 -8.28
N VAL A 281 -5.78 -21.19 -8.37
CA VAL A 281 -4.50 -20.66 -8.75
C VAL A 281 -3.96 -21.28 -10.05
N MET A 282 -3.25 -20.50 -10.85
CA MET A 282 -2.54 -21.03 -11.99
C MET A 282 -1.11 -20.48 -12.05
N HIS A 283 -0.28 -21.10 -12.90
CA HIS A 283 1.08 -20.59 -13.11
C HIS A 283 1.15 -19.57 -14.20
N LEU A 284 1.93 -18.50 -13.99
CA LEU A 284 2.21 -17.54 -15.04
C LEU A 284 3.72 -17.44 -15.28
N PHE A 285 4.11 -17.65 -16.54
CA PHE A 285 5.48 -17.59 -16.95
C PHE A 285 5.51 -16.54 -18.04
N TYR A 286 6.60 -15.78 -18.07
CA TYR A 286 6.92 -15.09 -19.31
C TYR A 286 8.45 -15.02 -19.44
N VAL A 287 8.89 -14.75 -20.66
CA VAL A 287 10.29 -14.59 -21.01
C VAL A 287 10.46 -13.19 -21.61
N ARG A 288 11.26 -12.38 -20.91
CA ARG A 288 11.47 -10.96 -21.27
C ARG A 288 12.38 -10.96 -22.50
N ALA A 289 12.28 -9.96 -23.36
CA ALA A 289 13.14 -9.90 -24.54
C ALA A 289 14.61 -9.80 -24.13
N GLY A 290 15.51 -10.31 -24.99
CA GLY A 290 16.98 -10.26 -24.77
C GLY A 290 17.64 -11.53 -24.23
N VAL A 291 16.91 -12.66 -24.16
CA VAL A 291 17.58 -13.94 -23.87
C VAL A 291 18.29 -14.31 -25.13
N SER A 292 19.43 -14.99 -25.06
CA SER A 292 20.01 -15.57 -26.32
C SER A 292 19.21 -16.82 -26.81
N ARG A 293 19.28 -17.06 -28.11
CA ARG A 293 18.81 -18.30 -28.65
C ARG A 293 19.23 -19.50 -27.82
N ALA A 294 20.53 -19.63 -27.53
CA ALA A 294 21.02 -20.81 -26.83
C ALA A 294 20.39 -21.02 -25.49
N MET A 295 20.15 -19.94 -24.75
CA MET A 295 19.60 -20.07 -23.39
C MET A 295 18.11 -20.43 -23.49
N LEU A 296 17.40 -19.80 -24.43
CA LEU A 296 16.03 -20.24 -24.72
C LEU A 296 15.95 -21.78 -25.02
N LEU A 297 16.87 -22.27 -25.86
CA LEU A 297 16.98 -23.72 -26.16
C LEU A 297 17.33 -24.54 -24.97
N ARG A 298 18.34 -24.13 -24.24
CA ARG A 298 18.63 -24.84 -22.99
C ARG A 298 17.43 -24.87 -22.07
N LEU A 299 16.69 -23.76 -21.97
CA LEU A 299 15.53 -23.79 -21.05
C LEU A 299 14.49 -24.83 -21.59
N PHE A 300 14.20 -24.74 -22.87
CA PHE A 300 13.38 -25.76 -23.53
C PHE A 300 13.83 -27.19 -23.21
N LEU A 301 15.09 -27.51 -23.53
CA LEU A 301 15.62 -28.87 -23.31
C LEU A 301 15.55 -29.31 -21.88
N ALA A 302 15.74 -28.39 -20.95
CA ALA A 302 15.79 -28.76 -19.55
C ALA A 302 14.38 -29.09 -19.07
N MET A 303 13.41 -28.64 -19.87
CA MET A 303 12.00 -28.77 -19.51
C MET A 303 11.51 -30.20 -19.51
N GLU A 304 12.12 -31.02 -20.35
CA GLU A 304 11.93 -32.46 -20.22
C GLU A 304 12.04 -33.03 -18.81
N LYS A 305 13.05 -32.61 -18.04
CA LYS A 305 13.19 -33.12 -16.67
C LYS A 305 12.71 -32.15 -15.57
N GLY A 306 11.94 -31.11 -15.96
CA GLY A 306 11.51 -30.03 -15.05
C GLY A 306 12.69 -29.33 -14.36
N ARG A 307 13.75 -29.06 -15.11
CA ARG A 307 14.97 -28.53 -14.55
C ARG A 307 15.27 -27.12 -15.03
N HIS A 308 14.38 -26.57 -15.83
CA HIS A 308 14.64 -25.26 -16.42
C HIS A 308 14.67 -24.15 -15.38
N MET A 309 14.04 -24.36 -14.22
CA MET A 309 13.98 -23.34 -13.13
C MET A 309 15.33 -23.19 -12.42
N GLU A 310 16.13 -24.24 -12.60
CA GLU A 310 17.45 -24.36 -11.95
C GLU A 310 18.47 -23.41 -12.55
N TYR A 311 18.32 -22.96 -13.80
CA TYR A 311 19.23 -21.97 -14.36
C TYR A 311 19.09 -20.57 -13.75
N GLU A 312 18.07 -20.33 -12.94
CA GLU A 312 17.70 -18.93 -12.56
C GLU A 312 18.12 -17.90 -13.64
N CYS A 313 17.79 -18.18 -14.89
CA CYS A 313 17.85 -17.20 -15.97
C CYS A 313 17.01 -15.98 -15.57
N PRO A 314 17.58 -14.76 -15.70
CA PRO A 314 16.93 -13.56 -15.16
C PRO A 314 15.82 -13.11 -16.09
N TYR A 315 15.82 -13.62 -17.30
CA TYR A 315 14.83 -13.30 -18.29
C TYR A 315 13.53 -14.10 -18.17
N LEU A 316 13.53 -15.14 -17.36
CA LEU A 316 12.33 -15.97 -17.23
C LEU A 316 11.71 -15.68 -15.92
N VAL A 317 10.45 -15.24 -15.94
CA VAL A 317 9.74 -14.99 -14.67
C VAL A 317 8.59 -15.99 -14.43
N TYR A 318 8.42 -16.46 -13.20
CA TYR A 318 7.34 -17.31 -12.82
C TYR A 318 6.63 -16.64 -11.68
N VAL A 319 5.27 -16.65 -11.73
CA VAL A 319 4.43 -16.12 -10.67
C VAL A 319 3.08 -16.88 -10.58
N PRO A 320 2.70 -17.30 -9.38
CA PRO A 320 1.34 -17.86 -9.17
C PRO A 320 0.27 -16.76 -9.21
N VAL A 321 -0.78 -16.94 -10.03
CA VAL A 321 -1.76 -15.85 -10.19
C VAL A 321 -3.15 -16.39 -10.20
N VAL A 322 -4.14 -15.48 -10.02
CA VAL A 322 -5.54 -15.85 -10.13
C VAL A 322 -6.17 -15.16 -11.34
N ALA A 323 -5.48 -14.16 -11.92
CA ALA A 323 -6.04 -13.44 -13.03
C ALA A 323 -4.94 -12.74 -13.77
N PHE A 324 -5.14 -12.41 -15.05
CA PHE A 324 -4.07 -11.74 -15.83
C PHE A 324 -4.76 -11.02 -16.96
N ARG A 325 -4.04 -10.11 -17.60
CA ARG A 325 -4.47 -9.42 -18.81
C ARG A 325 -3.23 -9.25 -19.71
N LEU A 326 -3.44 -9.41 -20.99
CA LEU A 326 -2.32 -9.37 -21.88
C LEU A 326 -2.82 -8.75 -23.12
N GLU A 327 -2.15 -7.72 -23.54
CA GLU A 327 -2.65 -6.91 -24.60
C GLU A 327 -1.50 -6.70 -25.58
N PRO A 328 -1.44 -7.50 -26.65
CA PRO A 328 -0.43 -7.28 -27.70
C PRO A 328 -0.49 -5.84 -28.19
N LYS A 329 0.65 -5.16 -28.20
CA LYS A 329 0.76 -3.90 -28.93
C LYS A 329 0.82 -4.27 -30.41
N ASP A 330 0.28 -3.43 -31.27
CA ASP A 330 0.36 -3.59 -32.73
C ASP A 330 -0.72 -4.55 -33.24
N GLY A 331 -1.97 -4.16 -33.03
CA GLY A 331 -3.11 -4.92 -33.51
C GLY A 331 -3.20 -6.30 -32.89
N LYS A 332 -3.66 -7.28 -33.68
CA LYS A 332 -3.94 -8.64 -33.20
C LYS A 332 -2.69 -9.48 -32.88
N GLY A 333 -2.72 -10.13 -31.73
CA GLY A 333 -1.78 -11.18 -31.45
C GLY A 333 -2.36 -12.54 -31.73
N VAL A 334 -1.46 -13.48 -31.99
CA VAL A 334 -1.77 -14.88 -32.16
C VAL A 334 -1.62 -15.60 -30.81
N PHE A 335 -2.68 -16.25 -30.36
CA PHE A 335 -2.64 -16.95 -29.08
C PHE A 335 -2.84 -18.43 -29.36
N ALA A 336 -2.39 -19.27 -28.44
CA ALA A 336 -2.83 -20.67 -28.42
C ALA A 336 -3.60 -20.91 -27.13
N VAL A 337 -4.85 -21.36 -27.27
CA VAL A 337 -5.71 -21.73 -26.11
C VAL A 337 -5.86 -23.27 -26.10
N ASP A 338 -5.31 -23.93 -25.09
CA ASP A 338 -5.27 -25.37 -25.01
C ASP A 338 -4.77 -25.94 -26.36
N GLY A 339 -3.77 -25.24 -26.90
CA GLY A 339 -3.15 -25.63 -28.16
C GLY A 339 -3.83 -25.16 -29.46
N GLU A 340 -5.06 -24.61 -29.42
CA GLU A 340 -5.82 -24.24 -30.60
C GLU A 340 -5.59 -22.81 -30.84
N LEU A 341 -5.40 -22.46 -32.12
CA LEU A 341 -5.14 -21.09 -32.56
C LEU A 341 -6.31 -20.19 -32.27
N MET A 342 -6.04 -19.02 -31.70
CA MET A 342 -7.02 -17.93 -31.55
C MET A 342 -6.28 -16.60 -31.75
N VAL A 343 -6.93 -15.63 -32.43
CA VAL A 343 -6.30 -14.35 -32.77
C VAL A 343 -7.01 -13.19 -32.08
N SER A 344 -6.30 -12.32 -31.37
CA SER A 344 -7.03 -11.23 -30.71
C SER A 344 -6.23 -10.06 -30.26
N GLU A 345 -6.90 -8.92 -30.20
CA GLU A 345 -6.36 -7.62 -29.70
C GLU A 345 -5.96 -7.61 -28.22
N ALA A 346 -6.63 -8.43 -27.42
CA ALA A 346 -6.46 -8.38 -25.98
C ALA A 346 -7.26 -9.46 -25.29
N VAL A 347 -6.68 -10.03 -24.24
CA VAL A 347 -7.23 -11.22 -23.65
C VAL A 347 -7.04 -11.01 -22.17
N GLN A 348 -8.02 -11.36 -21.38
CA GLN A 348 -7.77 -11.42 -19.96
C GLN A 348 -8.53 -12.62 -19.42
N GLY A 349 -8.14 -13.08 -18.24
CA GLY A 349 -8.70 -14.31 -17.71
C GLY A 349 -8.61 -14.33 -16.20
N GLN A 350 -9.41 -15.18 -15.57
CA GLN A 350 -9.22 -15.50 -14.19
C GLN A 350 -9.59 -16.95 -14.02
N VAL A 351 -8.93 -17.56 -13.02
CA VAL A 351 -9.06 -18.91 -12.63
C VAL A 351 -10.26 -19.09 -11.72
N HIS A 352 -11.06 -20.12 -12.02
CA HIS A 352 -12.18 -20.56 -11.17
C HIS A 352 -11.80 -21.84 -10.49
N PRO A 353 -11.94 -21.88 -9.14
CA PRO A 353 -11.47 -22.98 -8.35
C PRO A 353 -12.24 -24.30 -8.53
N ASN A 354 -11.53 -25.39 -8.77
CA ASN A 354 -12.16 -26.73 -8.67
C ASN A 354 -13.52 -26.79 -9.39
N TYR A 355 -13.59 -26.31 -10.63
CA TYR A 355 -14.90 -26.20 -11.27
C TYR A 355 -15.43 -27.55 -11.89
N PHE A 356 -14.57 -28.31 -12.51
CA PHE A 356 -14.96 -29.60 -13.03
C PHE A 356 -14.14 -30.72 -12.42
N TRP A 357 -14.61 -31.95 -12.62
CA TRP A 357 -14.03 -33.13 -12.03
C TRP A 357 -13.45 -34.00 -13.08
N MET A 358 -12.31 -34.58 -12.77
CA MET A 358 -11.61 -35.42 -13.68
C MET A 358 -11.18 -36.68 -13.01
N VAL A 359 -11.13 -37.77 -13.79
CA VAL A 359 -10.49 -38.96 -13.28
C VAL A 359 -9.00 -38.76 -13.17
N SER A 360 -8.44 -39.21 -12.08
CA SER A 360 -7.03 -38.99 -11.80
C SER A 360 -6.70 -39.96 -10.69
N GLY A 361 -5.47 -39.97 -10.16
CA GLY A 361 -5.14 -40.88 -9.02
C GLY A 361 -4.02 -40.40 -8.13
N GLY B 6 3.68 4.99 -8.15
CA GLY B 6 3.94 6.41 -8.59
C GLY B 6 3.74 6.59 -10.09
N VAL B 7 2.84 5.75 -10.65
CA VAL B 7 2.43 5.89 -12.06
C VAL B 7 0.89 5.88 -12.23
N LEU B 8 0.39 6.75 -13.10
CA LEU B 8 -1.02 6.67 -13.51
C LEU B 8 -1.37 5.36 -14.24
N PRO B 9 -2.58 4.82 -14.01
CA PRO B 9 -3.09 3.67 -14.77
C PRO B 9 -3.09 3.97 -16.26
N ARG B 10 -2.94 2.93 -17.07
CA ARG B 10 -3.21 3.04 -18.51
C ARG B 10 -4.28 2.01 -18.90
N PRO B 11 -5.38 2.42 -19.57
CA PRO B 11 -5.84 3.80 -19.87
C PRO B 11 -6.24 4.51 -18.61
N CYS B 12 -6.41 5.83 -18.67
CA CYS B 12 -6.87 6.54 -17.49
C CYS B 12 -7.76 7.65 -17.97
N ARG B 13 -8.36 8.34 -17.00
CA ARG B 13 -9.10 9.50 -17.36
C ARG B 13 -8.84 10.64 -16.48
N VAL B 14 -8.89 11.79 -17.10
CA VAL B 14 -8.37 12.96 -16.54
C VAL B 14 -9.41 14.09 -16.76
N LEU B 15 -9.55 14.89 -15.71
CA LEU B 15 -10.28 16.14 -15.78
C LEU B 15 -9.31 17.25 -16.14
N VAL B 16 -9.59 17.94 -17.24
CA VAL B 16 -8.81 19.07 -17.64
C VAL B 16 -9.58 20.39 -17.35
N LEU B 17 -9.14 21.10 -16.33
CA LEU B 17 -9.71 22.37 -15.95
C LEU B 17 -8.87 23.41 -16.67
N LEU B 18 -9.47 23.98 -17.72
CA LEU B 18 -8.83 24.90 -18.64
C LEU B 18 -9.47 26.29 -18.59
N ASN B 19 -8.62 27.32 -18.53
CA ASN B 19 -9.09 28.67 -18.60
C ASN B 19 -9.01 29.21 -20.00
N PRO B 20 -10.16 29.37 -20.69
CA PRO B 20 -10.13 29.73 -22.11
C PRO B 20 -9.59 31.12 -22.39
N ARG B 21 -9.48 31.99 -21.40
CA ARG B 21 -8.99 33.34 -21.71
C ARG B 21 -7.59 33.84 -21.31
N GLY B 22 -7.27 33.94 -20.00
CA GLY B 22 -5.98 34.56 -19.46
C GLY B 22 -4.56 34.09 -19.93
N GLY B 23 -3.64 35.04 -20.11
CA GLY B 23 -2.50 34.91 -21.03
C GLY B 23 -3.02 35.48 -22.37
N LYS B 24 -3.40 34.58 -23.29
CA LYS B 24 -3.59 34.82 -24.73
C LYS B 24 -5.01 34.71 -25.36
N GLY B 25 -5.93 34.02 -24.70
CA GLY B 25 -7.23 33.69 -25.31
C GLY B 25 -7.17 32.48 -26.22
N LYS B 26 -6.11 31.70 -26.12
CA LYS B 26 -5.93 30.57 -27.08
C LYS B 26 -5.79 29.20 -26.42
N ALA B 27 -5.87 29.19 -25.10
CA ALA B 27 -5.65 27.99 -24.31
C ALA B 27 -6.43 26.81 -24.88
N LEU B 28 -7.70 27.02 -25.23
CA LEU B 28 -8.46 25.93 -25.76
C LEU B 28 -7.95 25.41 -27.14
N GLN B 29 -7.70 26.31 -28.08
CA GLN B 29 -7.12 25.90 -29.40
C GLN B 29 -5.73 25.20 -29.20
N LEU B 30 -4.90 25.70 -28.30
CA LEU B 30 -3.61 25.04 -28.06
C LEU B 30 -3.81 23.62 -27.53
N PHE B 31 -4.74 23.49 -26.59
CA PHE B 31 -5.09 22.16 -26.07
C PHE B 31 -5.41 21.24 -27.24
N ARG B 32 -6.20 21.76 -28.14
CA ARG B 32 -6.69 21.01 -29.24
C ARG B 32 -5.54 20.66 -30.19
N SER B 33 -4.70 21.63 -30.53
CA SER B 33 -3.62 21.33 -31.48
C SER B 33 -2.41 20.60 -30.84
N HIS B 34 -2.09 20.88 -29.56
CA HIS B 34 -0.82 20.43 -29.00
C HIS B 34 -0.95 19.39 -27.90
N VAL B 35 -2.07 19.42 -27.20
CA VAL B 35 -2.26 18.47 -26.11
C VAL B 35 -3.04 17.24 -26.52
N GLN B 36 -4.21 17.49 -27.10
CA GLN B 36 -5.12 16.41 -27.44
C GLN B 36 -4.55 15.23 -28.24
N PRO B 37 -3.87 15.49 -29.40
CA PRO B 37 -3.25 14.42 -30.19
C PRO B 37 -2.31 13.47 -29.39
N LEU B 38 -1.55 14.02 -28.45
CA LEU B 38 -0.69 13.22 -27.59
C LEU B 38 -1.52 12.42 -26.60
N LEU B 39 -2.55 13.05 -26.01
CA LEU B 39 -3.42 12.29 -25.05
C LEU B 39 -4.00 11.03 -25.69
N ALA B 40 -4.52 11.20 -26.89
CA ALA B 40 -5.11 10.10 -27.70
C ALA B 40 -4.13 8.95 -27.95
N GLU B 41 -2.88 9.25 -28.32
CA GLU B 41 -1.90 8.20 -28.52
C GLU B 41 -1.54 7.49 -27.20
N ALA B 42 -1.56 8.23 -26.11
CA ALA B 42 -1.31 7.69 -24.76
C ALA B 42 -2.52 7.04 -24.09
N GLU B 43 -3.69 7.13 -24.72
CA GLU B 43 -4.89 6.49 -24.14
C GLU B 43 -5.31 7.13 -22.82
N ILE B 44 -5.27 8.47 -22.84
CA ILE B 44 -5.68 9.31 -21.71
C ILE B 44 -6.92 9.96 -22.27
N SER B 45 -8.10 9.52 -21.81
CA SER B 45 -9.25 10.28 -22.20
C SER B 45 -9.45 11.35 -21.15
N PHE B 46 -10.12 12.41 -21.53
CA PHE B 46 -10.17 13.60 -20.73
C PHE B 46 -11.59 14.19 -20.85
N THR B 47 -11.95 14.99 -19.86
CA THR B 47 -13.04 15.89 -20.01
C THR B 47 -12.61 17.29 -19.66
N LEU B 48 -12.92 18.19 -20.56
CA LEU B 48 -12.70 19.59 -20.42
C LEU B 48 -13.81 20.29 -19.70
N MET B 49 -13.41 21.03 -18.71
CA MET B 49 -14.24 21.92 -17.98
C MET B 49 -13.60 23.34 -18.05
N LEU B 50 -14.37 24.31 -18.55
CA LEU B 50 -13.86 25.64 -18.74
C LEU B 50 -14.07 26.46 -17.49
N THR B 51 -13.07 27.18 -17.03
CA THR B 51 -13.23 27.91 -15.76
C THR B 51 -13.56 29.38 -15.99
N GLU B 52 -14.77 29.79 -15.60
CA GLU B 52 -15.39 31.06 -16.01
C GLU B 52 -14.83 32.40 -15.42
N ARG B 53 -14.10 32.34 -14.32
CA ARG B 53 -14.04 33.51 -13.43
C ARG B 53 -13.43 33.09 -12.12
N ARG B 54 -13.54 33.95 -11.12
CA ARG B 54 -12.78 33.64 -9.93
C ARG B 54 -13.42 32.74 -8.86
N ASN B 55 -12.59 31.79 -8.39
CA ASN B 55 -12.97 30.77 -7.41
C ASN B 55 -13.83 29.70 -8.01
N HIS B 56 -14.13 29.85 -9.30
CA HIS B 56 -14.90 28.88 -10.05
C HIS B 56 -14.22 27.48 -9.93
N ALA B 57 -12.95 27.43 -10.30
CA ALA B 57 -12.13 26.23 -10.22
C ALA B 57 -12.05 25.71 -8.80
N ARG B 58 -11.80 26.61 -7.87
CA ARG B 58 -11.71 26.23 -6.46
C ARG B 58 -13.00 25.53 -5.99
N GLU B 59 -14.14 26.10 -6.35
CA GLU B 59 -15.44 25.60 -5.91
C GLU B 59 -15.76 24.30 -6.59
N LEU B 60 -15.47 24.24 -7.89
CA LEU B 60 -15.59 22.95 -8.62
C LEU B 60 -14.85 21.79 -7.95
N VAL B 61 -13.57 21.99 -7.67
CA VAL B 61 -12.71 20.99 -7.05
C VAL B 61 -13.16 20.64 -5.65
N ARG B 62 -13.53 21.64 -4.87
CA ARG B 62 -14.09 21.45 -3.52
C ARG B 62 -15.32 20.55 -3.58
N SER B 63 -16.16 20.70 -4.60
CA SER B 63 -17.37 19.82 -4.64
C SER B 63 -17.30 18.49 -5.47
N GLU B 64 -16.16 18.25 -6.10
CA GLU B 64 -15.98 17.23 -7.16
C GLU B 64 -15.97 15.85 -6.60
N GLU B 65 -16.60 14.94 -7.31
CA GLU B 65 -16.50 13.53 -7.03
C GLU B 65 -15.11 13.11 -7.60
N LEU B 66 -14.10 13.06 -6.75
CA LEU B 66 -12.75 12.83 -7.24
C LEU B 66 -12.52 11.40 -7.69
N GLY B 67 -13.40 10.48 -7.32
CA GLY B 67 -13.23 9.06 -7.64
C GLY B 67 -13.41 8.73 -9.09
N ARG B 68 -14.03 9.64 -9.87
CA ARG B 68 -14.15 9.44 -11.31
C ARG B 68 -12.84 9.77 -12.03
N TRP B 69 -11.90 10.47 -11.37
CA TRP B 69 -10.70 10.90 -12.11
C TRP B 69 -9.41 10.18 -11.65
N ASP B 70 -8.53 9.86 -12.59
CA ASP B 70 -7.14 9.44 -12.23
C ASP B 70 -6.16 10.57 -11.94
N ALA B 71 -6.44 11.75 -12.48
CA ALA B 71 -5.59 12.89 -12.23
C ALA B 71 -6.44 14.10 -12.54
N LEU B 72 -6.03 15.29 -12.05
CA LEU B 72 -6.55 16.58 -12.51
C LEU B 72 -5.47 17.38 -13.27
N VAL B 73 -5.80 17.80 -14.49
CA VAL B 73 -4.90 18.59 -15.24
C VAL B 73 -5.38 20.07 -15.35
N VAL B 74 -4.45 20.95 -15.04
CA VAL B 74 -4.70 22.34 -14.94
C VAL B 74 -3.98 23.01 -16.09
N MET B 75 -4.73 23.59 -16.99
CA MET B 75 -4.15 24.27 -18.11
C MET B 75 -4.46 25.74 -18.13
N SER B 76 -3.53 26.50 -17.60
CA SER B 76 -3.65 27.92 -17.40
C SER B 76 -2.30 28.28 -16.85
N GLY B 77 -2.24 28.95 -15.73
CA GLY B 77 -1.00 29.33 -15.15
C GLY B 77 -0.96 28.82 -13.72
N ASP B 78 0.05 29.32 -13.00
CA ASP B 78 0.25 29.01 -11.62
C ASP B 78 -0.99 29.32 -10.75
N GLY B 79 -1.72 30.39 -11.07
CA GLY B 79 -2.96 30.79 -10.34
C GLY B 79 -4.02 29.72 -10.25
N LEU B 80 -4.26 29.08 -11.40
CA LEU B 80 -5.23 27.99 -11.47
C LEU B 80 -4.82 26.87 -10.57
N MET B 81 -3.52 26.55 -10.56
CA MET B 81 -3.07 25.41 -9.78
C MET B 81 -3.22 25.82 -8.36
N HIS B 82 -2.97 27.09 -8.07
CA HIS B 82 -3.16 27.60 -6.70
C HIS B 82 -4.62 27.37 -6.32
N GLU B 83 -5.54 27.72 -7.20
CA GLU B 83 -6.99 27.49 -6.93
C GLU B 83 -7.37 26.02 -6.65
N VAL B 84 -6.82 25.12 -7.47
CA VAL B 84 -7.14 23.71 -7.43
C VAL B 84 -6.67 23.13 -6.10
N VAL B 85 -5.41 23.38 -5.72
CA VAL B 85 -4.87 22.80 -4.50
C VAL B 85 -5.54 23.37 -3.25
N ASN B 86 -5.89 24.63 -3.25
CA ASN B 86 -6.61 25.17 -2.11
C ASN B 86 -8.04 24.65 -1.97
N GLY B 87 -8.74 24.47 -3.10
CA GLY B 87 -10.02 23.77 -3.12
C GLY B 87 -9.96 22.36 -2.58
N LEU B 88 -8.86 21.64 -2.88
CA LEU B 88 -8.80 20.26 -2.36
C LEU B 88 -8.54 20.38 -0.88
N MET B 89 -7.82 21.41 -0.46
CA MET B 89 -7.44 21.53 0.96
C MET B 89 -8.62 22.06 1.81
N GLU B 90 -9.61 22.70 1.18
CA GLU B 90 -10.79 23.16 1.93
C GLU B 90 -11.89 22.11 2.12
N ARG B 91 -11.70 20.89 1.63
CA ARG B 91 -12.74 19.87 1.70
C ARG B 91 -12.72 19.18 3.04
N PRO B 92 -13.85 18.57 3.50
CA PRO B 92 -13.73 17.74 4.72
C PRO B 92 -12.71 16.63 4.55
N ASP B 93 -12.63 16.07 3.34
CA ASP B 93 -11.81 14.91 3.08
C ASP B 93 -10.44 15.30 2.48
N TRP B 94 -9.97 16.50 2.80
CA TRP B 94 -8.67 17.02 2.30
C TRP B 94 -7.49 16.01 2.38
N GLU B 95 -7.44 15.21 3.45
CA GLU B 95 -6.36 14.26 3.62
C GLU B 95 -6.20 13.24 2.49
N THR B 96 -7.30 12.74 1.97
CA THR B 96 -7.21 11.86 0.81
C THR B 96 -7.31 12.64 -0.48
N ALA B 97 -7.95 13.79 -0.42
CA ALA B 97 -8.27 14.54 -1.61
C ALA B 97 -6.99 15.14 -2.20
N ILE B 98 -6.07 15.51 -1.31
CA ILE B 98 -4.85 16.18 -1.73
C ILE B 98 -3.88 15.17 -2.38
N GLN B 99 -4.20 13.88 -2.27
CA GLN B 99 -3.41 12.86 -2.89
C GLN B 99 -3.86 12.50 -4.26
N LYS B 100 -4.85 13.23 -4.79
CA LYS B 100 -5.23 13.04 -6.16
C LYS B 100 -4.10 13.60 -7.08
N PRO B 101 -3.65 12.82 -8.07
CA PRO B 101 -2.57 13.34 -8.89
C PRO B 101 -2.98 14.53 -9.74
N LEU B 102 -2.04 15.47 -9.87
CA LEU B 102 -2.21 16.81 -10.39
C LEU B 102 -1.19 17.00 -11.52
N CYS B 103 -1.50 17.83 -12.48
CA CYS B 103 -0.61 18.05 -13.56
C CYS B 103 -0.84 19.48 -14.03
N SER B 104 0.22 20.06 -14.53
CA SER B 104 0.21 21.47 -14.91
C SER B 104 0.63 21.60 -16.36
N LEU B 105 -0.27 22.09 -17.21
CA LEU B 105 0.08 22.31 -18.58
C LEU B 105 0.03 23.80 -18.76
N PRO B 106 1.10 24.39 -19.30
CA PRO B 106 1.21 25.86 -19.38
C PRO B 106 0.35 26.49 -20.47
N ALA B 107 -0.31 27.59 -20.17
CA ALA B 107 -0.95 28.39 -21.22
C ALA B 107 -0.86 29.89 -20.81
N GLY B 108 -1.35 30.25 -19.59
CA GLY B 108 -1.12 31.59 -18.92
C GLY B 108 0.23 32.30 -19.14
N SER B 109 0.55 33.27 -18.29
CA SER B 109 1.78 34.08 -18.48
C SER B 109 2.86 33.62 -17.52
N GLY B 110 2.39 33.15 -16.36
CA GLY B 110 3.24 32.62 -15.32
C GLY B 110 3.05 31.11 -15.37
N ASN B 111 4.05 30.45 -15.94
CA ASN B 111 4.10 28.98 -16.00
C ASN B 111 5.32 28.41 -15.25
N ALA B 112 5.65 29.02 -14.13
CA ALA B 112 6.77 28.64 -13.32
C ALA B 112 6.75 27.15 -12.92
N LEU B 113 5.59 26.61 -12.57
CA LEU B 113 5.56 25.27 -12.05
C LEU B 113 5.86 24.36 -13.22
N ALA B 114 5.20 24.63 -14.34
CA ALA B 114 5.41 23.85 -15.55
C ALA B 114 6.90 23.99 -16.06
N ALA B 115 7.47 25.17 -15.91
CA ALA B 115 8.84 25.43 -16.37
C ALA B 115 9.75 24.66 -15.45
N SER B 116 9.46 24.68 -14.15
CA SER B 116 10.23 23.87 -13.20
C SER B 116 10.23 22.35 -13.49
N LEU B 117 9.08 21.80 -13.81
CA LEU B 117 8.95 20.39 -13.98
C LEU B 117 9.62 19.99 -15.30
N ASN B 118 9.63 20.90 -16.26
CA ASN B 118 10.27 20.69 -17.54
C ASN B 118 11.76 20.67 -17.27
N HIS B 119 12.21 21.45 -16.30
CA HIS B 119 13.61 21.51 -15.96
C HIS B 119 14.05 20.24 -15.28
N TYR B 120 13.26 19.75 -14.32
CA TYR B 120 13.59 18.56 -13.54
C TYR B 120 13.65 17.37 -14.46
N ALA B 121 12.85 17.36 -15.54
CA ALA B 121 12.80 16.22 -16.49
C ALA B 121 14.00 16.19 -17.44
N GLY B 122 14.82 17.25 -17.39
CA GLY B 122 16.07 17.31 -18.14
C GLY B 122 16.00 18.13 -19.40
N TYR B 123 14.88 18.76 -19.69
CA TYR B 123 14.76 19.54 -20.91
C TYR B 123 15.47 20.89 -20.89
N GLU B 124 15.76 21.44 -22.07
CA GLU B 124 16.19 22.83 -22.18
C GLU B 124 15.05 23.74 -21.80
N GLN B 125 15.45 24.95 -21.49
CA GLN B 125 14.58 25.96 -20.97
C GLN B 125 13.68 26.50 -22.07
N VAL B 126 12.74 25.69 -22.52
CA VAL B 126 11.83 26.10 -23.58
C VAL B 126 10.64 26.92 -23.07
N THR B 127 9.87 27.40 -24.03
CA THR B 127 8.98 28.51 -23.84
C THR B 127 7.70 28.18 -24.64
N ASN B 128 6.54 28.74 -24.24
CA ASN B 128 5.33 28.62 -25.07
C ASN B 128 4.98 27.19 -25.49
N GLU B 129 4.92 26.96 -26.81
CA GLU B 129 4.37 25.76 -27.41
C GLU B 129 5.28 24.56 -27.26
N ASP B 130 6.59 24.82 -27.19
CA ASP B 130 7.53 23.76 -26.88
C ASP B 130 7.40 23.37 -25.41
N LEU B 131 7.14 24.36 -24.56
CA LEU B 131 6.95 24.08 -23.18
C LEU B 131 5.67 23.22 -22.97
N LEU B 132 4.59 23.59 -23.63
CA LEU B 132 3.32 22.86 -23.57
C LEU B 132 3.49 21.39 -23.96
N THR B 133 4.21 21.18 -25.07
CA THR B 133 4.40 19.87 -25.67
C THR B 133 5.18 19.05 -24.70
N ASN B 134 6.27 19.56 -24.16
CA ASN B 134 7.04 18.78 -23.17
C ASN B 134 6.29 18.42 -21.93
N CYS B 135 5.61 19.39 -21.35
CA CYS B 135 4.75 19.12 -20.20
C CYS B 135 3.71 18.11 -20.59
N THR B 136 3.18 18.18 -21.82
CA THR B 136 2.23 17.15 -22.22
C THR B 136 2.88 15.79 -22.28
N LEU B 137 4.08 15.73 -22.86
CA LEU B 137 4.85 14.44 -22.86
C LEU B 137 5.04 13.89 -21.42
N LEU B 138 5.30 14.75 -20.45
CA LEU B 138 5.41 14.27 -19.05
C LEU B 138 4.10 13.60 -18.65
N LEU B 139 2.97 14.27 -18.90
CA LEU B 139 1.67 13.62 -18.58
C LEU B 139 1.53 12.24 -19.27
N CYS B 140 1.85 12.16 -20.56
CA CYS B 140 1.73 10.93 -21.31
C CYS B 140 2.61 9.77 -20.86
N ARG B 141 3.68 10.05 -20.13
CA ARG B 141 4.56 9.00 -19.61
C ARG B 141 4.10 8.60 -18.23
N ARG B 142 3.20 9.38 -17.63
CA ARG B 142 2.40 8.91 -16.49
C ARG B 142 3.13 8.79 -15.17
N LEU B 143 4.38 9.25 -15.12
CA LEU B 143 5.14 9.06 -13.92
C LEU B 143 4.82 10.24 -12.99
N LEU B 144 4.69 9.95 -11.70
CA LEU B 144 4.33 10.92 -10.67
C LEU B 144 5.49 11.07 -9.67
N SER B 145 5.76 12.26 -9.12
CA SER B 145 6.56 12.33 -7.90
C SER B 145 6.02 13.35 -6.89
N PRO B 146 6.36 13.18 -5.59
CA PRO B 146 5.77 14.06 -4.61
C PRO B 146 6.39 15.46 -4.63
N MET B 147 5.61 16.43 -4.18
CA MET B 147 5.92 17.83 -4.19
C MET B 147 5.60 18.39 -2.82
N ASN B 148 6.40 19.37 -2.46
CA ASN B 148 6.24 20.14 -1.24
C ASN B 148 5.11 21.12 -1.32
N LEU B 149 4.56 21.41 -0.16
CA LEU B 149 3.44 22.32 -0.04
C LEU B 149 3.71 23.36 1.06
N LEU B 150 3.52 24.64 0.76
CA LEU B 150 3.67 25.64 1.82
C LEU B 150 2.34 25.98 2.44
N SER B 151 2.29 25.89 3.77
CA SER B 151 1.15 26.26 4.57
C SER B 151 1.33 27.66 5.09
N LEU B 152 0.45 28.57 4.66
CA LEU B 152 0.52 29.99 5.09
C LEU B 152 -0.53 30.36 6.15
N HIS B 153 -0.36 31.53 6.79
CA HIS B 153 -1.20 31.98 7.92
C HIS B 153 -1.19 33.52 7.91
N THR B 154 -2.35 34.18 7.84
CA THR B 154 -2.30 35.65 7.78
C THR B 154 -2.61 36.37 9.10
N ALA B 155 -2.41 37.69 9.06
CA ALA B 155 -2.71 38.60 10.15
C ALA B 155 -4.13 38.32 10.64
N SER B 156 -5.08 38.16 9.72
CA SER B 156 -6.46 37.94 10.11
C SER B 156 -6.90 36.47 10.23
N GLY B 157 -5.99 35.56 10.56
CA GLY B 157 -6.34 34.15 10.82
C GLY B 157 -6.77 33.26 9.64
N LEU B 158 -6.59 33.76 8.41
CA LEU B 158 -6.75 32.97 7.16
C LEU B 158 -5.60 31.98 6.91
N ARG B 159 -5.93 30.69 6.77
CA ARG B 159 -4.97 29.68 6.33
C ARG B 159 -5.12 29.59 4.81
N LEU B 160 -3.98 29.61 4.07
CA LEU B 160 -3.96 29.27 2.62
C LEU B 160 -2.73 28.46 2.28
N PHE B 161 -2.78 27.70 1.18
CA PHE B 161 -1.65 26.91 0.76
C PHE B 161 -0.98 27.42 -0.49
N SER B 162 0.35 27.32 -0.53
CA SER B 162 1.16 27.74 -1.68
C SER B 162 1.93 26.57 -2.32
N VAL B 163 1.96 26.54 -3.63
CA VAL B 163 2.65 25.43 -4.29
C VAL B 163 3.89 25.94 -4.98
N LEU B 164 3.99 27.24 -5.14
CA LEU B 164 5.10 27.76 -5.89
C LEU B 164 5.86 28.82 -5.16
N SER B 165 5.20 29.87 -4.73
CA SER B 165 5.92 30.97 -4.11
C SER B 165 5.12 31.94 -3.32
N LEU B 166 5.79 32.52 -2.33
CA LEU B 166 5.35 33.72 -1.64
C LEU B 166 6.37 34.83 -1.83
N ALA B 167 5.91 35.98 -2.34
CA ALA B 167 6.73 37.12 -2.70
C ALA B 167 6.25 38.45 -2.06
N TRP B 168 7.22 39.34 -1.81
CA TRP B 168 7.01 40.65 -1.19
C TRP B 168 8.04 41.68 -1.68
N GLY B 169 7.54 42.88 -1.99
CA GLY B 169 8.39 43.94 -2.44
C GLY B 169 8.45 43.99 -3.94
N PHE B 170 9.65 44.11 -4.50
CA PHE B 170 9.78 44.28 -5.91
C PHE B 170 8.93 43.24 -6.71
N ILE B 171 8.95 41.98 -6.26
CA ILE B 171 8.32 40.96 -7.08
C ILE B 171 6.83 41.14 -7.06
N ALA B 172 6.23 41.13 -5.87
CA ALA B 172 4.82 41.44 -5.74
C ALA B 172 4.36 42.71 -6.52
N ASP B 173 5.18 43.75 -6.56
CA ASP B 173 4.79 44.98 -7.24
C ASP B 173 4.71 44.73 -8.69
N VAL B 174 5.76 44.21 -9.29
CA VAL B 174 5.69 43.93 -10.71
C VAL B 174 4.47 43.00 -11.02
N ASP B 175 4.22 41.99 -10.20
CA ASP B 175 3.15 41.04 -10.50
C ASP B 175 1.81 41.81 -10.56
N LEU B 176 1.56 42.66 -9.54
CA LEU B 176 0.41 43.56 -9.46
C LEU B 176 0.24 44.50 -10.67
N GLU B 177 1.19 45.40 -10.85
CA GLU B 177 1.18 46.36 -11.94
C GLU B 177 1.32 45.72 -13.31
N SER B 178 1.68 44.45 -13.36
CA SER B 178 1.94 43.76 -14.63
C SER B 178 0.70 43.37 -15.36
N GLU B 179 -0.36 43.20 -14.59
CA GLU B 179 -1.64 42.74 -15.08
C GLU B 179 -2.25 43.57 -16.22
N LYS B 180 -1.99 44.88 -16.20
CA LYS B 180 -2.43 45.77 -17.24
C LYS B 180 -1.72 45.49 -18.57
N TYR B 181 -0.87 44.46 -18.60
CA TYR B 181 -0.35 43.90 -19.87
C TYR B 181 -0.30 42.37 -19.88
N ARG B 182 -1.35 41.68 -19.41
CA ARG B 182 -1.41 40.20 -19.56
C ARG B 182 -1.19 39.94 -21.06
N ARG B 183 -1.44 41.01 -21.82
CA ARG B 183 -1.22 41.10 -23.26
C ARG B 183 0.21 40.74 -23.74
N LEU B 184 1.23 41.18 -23.01
CA LEU B 184 2.61 40.92 -23.45
C LEU B 184 3.10 39.47 -23.21
N GLY B 185 2.28 38.67 -22.52
CA GLY B 185 2.64 37.28 -22.23
C GLY B 185 3.67 37.15 -21.13
N GLU B 186 4.63 36.25 -21.31
CA GLU B 186 5.77 36.14 -20.38
C GLU B 186 6.46 37.51 -20.23
N MET B 187 6.63 38.22 -21.36
CA MET B 187 7.33 39.52 -21.43
C MET B 187 6.74 40.60 -20.53
N ARG B 188 5.52 40.40 -20.04
CA ARG B 188 4.92 41.40 -19.20
C ARG B 188 5.70 41.62 -17.92
N PHE B 189 6.30 40.55 -17.38
CA PHE B 189 7.13 40.68 -16.18
C PHE B 189 8.45 41.42 -16.47
N THR B 190 8.90 41.38 -17.71
CA THR B 190 10.15 42.03 -18.08
C THR B 190 9.99 43.55 -18.18
N LEU B 191 8.98 44.00 -18.93
CA LEU B 191 8.63 45.41 -19.00
C LEU B 191 8.34 45.92 -17.60
N GLY B 192 7.54 45.12 -16.85
CA GLY B 192 7.13 45.40 -15.49
C GLY B 192 8.24 45.50 -14.47
N THR B 193 9.30 44.71 -14.64
CA THR B 193 10.53 44.82 -13.85
C THR B 193 11.38 45.99 -14.30
N PHE B 194 11.62 46.13 -15.60
CA PHE B 194 12.50 47.19 -16.12
C PHE B 194 12.07 48.52 -15.61
N LEU B 195 10.76 48.77 -15.64
CA LEU B 195 10.30 50.07 -15.25
C LEU B 195 10.22 50.28 -13.73
N ARG B 196 9.97 49.22 -12.98
CA ARG B 196 10.07 49.34 -11.52
C ARG B 196 11.55 49.50 -11.12
N LEU B 197 12.42 48.91 -11.94
CA LEU B 197 13.86 48.87 -11.73
C LEU B 197 14.50 50.21 -12.09
N ALA B 198 14.03 50.81 -13.18
CA ALA B 198 14.47 52.16 -13.53
C ALA B 198 14.02 53.15 -12.45
N ALA B 199 12.85 52.91 -11.84
CA ALA B 199 12.35 53.78 -10.78
C ALA B 199 12.32 53.01 -9.44
N LEU B 200 13.38 52.24 -9.21
CA LEU B 200 13.54 51.37 -8.03
C LEU B 200 13.18 51.99 -6.66
N ARG B 201 12.53 51.24 -5.79
CA ARG B 201 12.27 51.71 -4.42
C ARG B 201 12.53 50.59 -3.43
N THR B 202 12.12 50.72 -2.17
CA THR B 202 12.44 49.73 -1.11
C THR B 202 11.28 49.64 -0.17
N TYR B 203 11.25 48.59 0.65
CA TYR B 203 10.08 48.28 1.51
C TYR B 203 10.57 47.99 2.89
N ARG B 204 9.70 48.15 3.89
CA ARG B 204 10.12 47.95 5.27
C ARG B 204 9.35 46.86 6.00
N GLY B 205 10.10 45.88 6.50
CA GLY B 205 9.53 44.79 7.29
C GLY B 205 10.50 44.10 8.23
N ARG B 206 10.04 43.02 8.88
CA ARG B 206 10.86 42.11 9.70
C ARG B 206 10.77 40.64 9.21
N LEU B 207 11.86 40.15 8.64
CA LEU B 207 12.03 38.75 8.22
C LEU B 207 12.59 37.85 9.33
N ALA B 208 11.96 36.72 9.57
CA ALA B 208 12.54 35.67 10.40
C ALA B 208 12.30 34.32 9.73
N TYR B 209 13.20 33.35 9.95
CA TYR B 209 13.04 32.00 9.36
C TYR B 209 13.63 30.86 10.19
N LEU B 210 13.21 29.63 9.92
CA LEU B 210 13.82 28.47 10.51
C LEU B 210 14.65 27.76 9.44
N PRO B 211 15.99 27.96 9.45
CA PRO B 211 16.84 27.24 8.51
C PRO B 211 16.82 25.72 8.74
N VAL B 212 17.22 24.98 7.71
CA VAL B 212 17.25 23.53 7.65
C VAL B 212 18.09 22.84 8.75
N GLY B 213 19.19 23.46 9.12
CA GLY B 213 20.04 23.00 10.24
C GLY B 213 19.32 22.71 11.56
N ARG B 214 18.59 23.71 12.04
CA ARG B 214 17.65 23.55 13.14
C ARG B 214 16.33 22.99 12.56
N GLY B 229 -6.64 20.41 7.92
CA GLY B 229 -5.29 20.86 7.59
C GLY B 229 -4.22 20.20 8.46
N PRO B 230 -2.95 20.14 8.00
CA PRO B 230 -1.90 19.51 8.83
C PRO B 230 -1.50 20.46 9.93
N VAL B 231 -0.96 19.96 11.05
CA VAL B 231 -0.50 20.90 12.09
C VAL B 231 0.84 21.52 11.64
N ASP B 232 0.94 22.85 11.74
CA ASP B 232 2.21 23.56 11.48
C ASP B 232 3.06 23.64 12.78
N ALA B 233 3.62 22.49 13.16
CA ALA B 233 4.37 22.27 14.42
C ALA B 233 5.48 23.31 14.69
N HIS B 234 6.10 23.83 13.63
CA HIS B 234 7.21 24.79 13.71
C HIS B 234 6.72 26.23 13.98
N LEU B 235 5.45 26.53 13.75
CA LEU B 235 4.98 27.92 13.86
C LEU B 235 4.34 28.26 15.22
N VAL B 236 4.55 29.47 15.71
CA VAL B 236 3.86 29.90 16.92
C VAL B 236 2.89 31.02 16.50
N PRO B 237 1.84 31.29 17.31
CA PRO B 237 0.82 32.29 16.88
C PRO B 237 1.47 33.62 16.47
N LEU B 238 0.97 34.21 15.40
CA LEU B 238 1.58 35.41 14.85
C LEU B 238 1.78 36.55 15.88
N GLU B 239 0.98 36.46 16.94
CA GLU B 239 1.02 37.37 18.07
C GLU B 239 2.32 37.21 18.87
N GLU B 240 2.72 35.96 19.12
CA GLU B 240 4.01 35.63 19.77
C GLU B 240 5.24 36.24 19.09
N PRO B 241 6.32 36.44 19.85
CA PRO B 241 7.60 36.59 19.15
C PRO B 241 7.95 35.21 18.58
N VAL B 242 8.72 35.16 17.50
CA VAL B 242 9.25 33.86 17.02
C VAL B 242 10.00 33.13 18.14
N PRO B 243 10.19 31.80 18.03
CA PRO B 243 11.11 31.14 18.96
C PRO B 243 12.54 31.73 18.90
N SER B 244 13.28 31.51 19.99
CA SER B 244 14.67 31.94 20.15
C SER B 244 15.61 31.31 19.13
N HIS B 245 15.39 30.02 18.83
CA HIS B 245 16.23 29.32 17.85
C HIS B 245 16.05 29.75 16.38
N TRP B 246 15.06 30.60 16.07
CA TRP B 246 14.94 31.12 14.70
C TRP B 246 15.97 32.19 14.43
N THR B 247 16.15 32.56 13.17
CA THR B 247 17.02 33.66 12.82
C THR B 247 16.16 34.90 12.54
N VAL B 248 16.38 35.96 13.31
CA VAL B 248 15.77 37.26 13.01
C VAL B 248 16.74 38.03 12.11
N VAL B 249 16.26 38.44 10.93
CA VAL B 249 17.16 39.13 10.01
C VAL B 249 17.43 40.50 10.64
N PRO B 250 18.73 40.91 10.70
CA PRO B 250 19.09 42.26 11.21
C PRO B 250 18.40 43.39 10.40
N ASP B 251 18.58 43.44 9.08
CA ASP B 251 17.94 44.41 8.18
C ASP B 251 16.45 44.50 8.35
N GLU B 252 15.93 45.67 8.00
CA GLU B 252 14.51 45.93 8.03
C GLU B 252 14.20 46.80 6.82
N ASP B 253 15.05 46.64 5.82
CA ASP B 253 14.91 47.32 4.54
C ASP B 253 15.31 46.51 3.29
N PHE B 254 14.29 46.07 2.56
CA PHE B 254 14.47 45.13 1.48
C PHE B 254 14.04 45.67 0.14
N VAL B 255 14.69 45.26 -0.92
CA VAL B 255 14.06 45.41 -2.20
C VAL B 255 13.02 44.32 -2.52
N LEU B 256 13.22 43.08 -2.03
CA LEU B 256 12.28 41.94 -2.19
C LEU B 256 12.57 40.81 -1.22
N VAL B 257 11.52 40.16 -0.72
CA VAL B 257 11.63 38.85 -0.04
C VAL B 257 10.88 37.77 -0.83
N LEU B 258 11.51 36.61 -1.04
CA LEU B 258 10.95 35.52 -1.87
C LEU B 258 11.13 34.11 -1.33
N ALA B 259 10.02 33.45 -1.05
CA ALA B 259 10.02 32.03 -0.74
C ALA B 259 9.59 31.31 -1.98
N LEU B 260 10.38 30.33 -2.37
CA LEU B 260 10.16 29.63 -3.63
C LEU B 260 10.40 28.14 -3.41
N LEU B 261 9.48 27.33 -3.92
CA LEU B 261 9.45 25.90 -3.71
C LEU B 261 10.01 25.17 -4.88
N HIS B 262 10.27 25.88 -5.97
CA HIS B 262 10.78 25.22 -7.17
C HIS B 262 11.98 25.91 -7.74
N SER B 263 12.47 25.41 -8.88
CA SER B 263 13.62 25.99 -9.55
C SER B 263 13.32 27.33 -10.28
N HIS B 264 12.10 27.50 -10.77
CA HIS B 264 11.83 28.58 -11.72
C HIS B 264 10.74 29.55 -11.28
N LEU B 265 10.93 30.86 -11.53
CA LEU B 265 9.92 31.89 -11.28
C LEU B 265 9.01 32.14 -12.47
N GLY B 266 9.45 31.70 -13.64
CA GLY B 266 8.72 31.85 -14.89
C GLY B 266 9.50 30.99 -15.86
N SER B 267 8.98 30.83 -17.08
CA SER B 267 9.60 29.94 -18.01
C SER B 267 10.99 30.42 -18.41
N GLU B 268 11.30 31.66 -18.11
CA GLU B 268 12.60 32.19 -18.43
C GLU B 268 13.23 32.87 -17.25
N MET B 269 12.84 32.43 -16.08
CA MET B 269 13.50 32.89 -14.88
C MET B 269 13.92 31.73 -13.98
N PHE B 270 15.12 31.25 -14.26
CA PHE B 270 15.74 30.15 -13.55
C PHE B 270 16.23 30.69 -12.23
N ALA B 271 15.32 30.96 -11.30
CA ALA B 271 15.65 31.74 -10.13
C ALA B 271 16.43 31.01 -9.04
N ALA B 272 16.34 29.67 -9.02
CA ALA B 272 17.01 28.85 -8.01
C ALA B 272 17.92 27.81 -8.68
N PRO B 273 19.17 28.23 -8.99
CA PRO B 273 20.00 27.35 -9.83
C PRO B 273 20.49 26.11 -9.09
N MET B 274 20.32 26.00 -7.79
CA MET B 274 20.62 24.70 -7.14
C MET B 274 19.58 23.61 -7.47
N GLY B 275 18.57 23.95 -8.29
CA GLY B 275 17.61 22.97 -8.82
C GLY B 275 16.43 22.64 -7.88
N ARG B 276 15.92 21.43 -8.06
CA ARG B 276 14.75 20.95 -7.32
C ARG B 276 15.02 20.91 -5.79
N CYS B 277 14.11 21.43 -4.97
CA CYS B 277 14.24 21.34 -3.54
C CYS B 277 14.11 19.91 -3.03
N ALA B 278 14.81 19.67 -1.94
CA ALA B 278 14.57 18.49 -1.11
C ALA B 278 13.17 18.52 -0.48
N ALA B 279 12.74 17.39 0.01
CA ALA B 279 11.43 17.24 0.64
C ALA B 279 11.38 18.11 1.90
N GLY B 280 10.28 18.82 2.12
CA GLY B 280 10.17 19.65 3.31
C GLY B 280 11.12 20.85 3.40
N VAL B 281 11.75 21.20 2.28
CA VAL B 281 12.62 22.38 2.26
C VAL B 281 12.13 23.34 1.17
N MET B 282 12.24 24.66 1.44
CA MET B 282 11.95 25.77 0.49
C MET B 282 13.22 26.59 0.25
N HIS B 283 13.29 27.25 -0.89
CA HIS B 283 14.30 28.25 -1.10
C HIS B 283 13.80 29.57 -0.56
N LEU B 284 14.61 30.23 0.28
CA LEU B 284 14.35 31.61 0.62
C LEU B 284 15.43 32.48 0.03
N PHE B 285 15.03 33.52 -0.69
CA PHE B 285 15.89 34.61 -1.11
C PHE B 285 15.46 35.97 -0.50
N TYR B 286 16.41 36.89 -0.40
CA TYR B 286 16.13 38.31 -0.17
C TYR B 286 17.21 39.21 -0.68
N VAL B 287 16.79 40.35 -1.22
CA VAL B 287 17.68 41.40 -1.61
C VAL B 287 17.52 42.47 -0.54
N ARG B 288 18.59 42.76 0.20
CA ARG B 288 18.60 43.85 1.18
C ARG B 288 18.71 45.18 0.43
N ALA B 289 18.23 46.28 1.04
CA ALA B 289 18.35 47.65 0.48
C ALA B 289 19.82 48.08 0.36
N GLY B 290 20.14 48.74 -0.77
CA GLY B 290 21.45 49.30 -0.99
C GLY B 290 21.99 49.00 -2.37
N VAL B 291 21.35 48.10 -3.12
CA VAL B 291 21.86 47.69 -4.42
C VAL B 291 21.67 48.81 -5.41
N SER B 292 22.58 48.93 -6.35
CA SER B 292 22.37 49.86 -7.43
C SER B 292 21.33 49.26 -8.38
N ARG B 293 20.68 50.14 -9.14
CA ARG B 293 19.75 49.69 -10.17
C ARG B 293 20.52 48.87 -11.20
N ALA B 294 21.73 49.33 -11.56
CA ALA B 294 22.51 48.59 -12.58
C ALA B 294 22.84 47.14 -12.14
N MET B 295 23.08 46.94 -10.84
CA MET B 295 23.31 45.61 -10.27
C MET B 295 22.05 44.71 -10.38
N LEU B 296 20.97 45.07 -9.68
CA LEU B 296 19.65 44.45 -9.96
C LEU B 296 19.34 44.10 -11.44
N LEU B 297 19.54 45.03 -12.36
CA LEU B 297 19.34 44.71 -13.76
C LEU B 297 20.20 43.54 -14.20
N ARG B 298 21.49 43.68 -13.93
CA ARG B 298 22.53 42.70 -14.18
C ARG B 298 22.15 41.30 -13.61
N LEU B 299 21.58 41.34 -12.41
CA LEU B 299 21.11 40.21 -11.66
C LEU B 299 19.85 39.58 -12.31
N PHE B 300 18.77 40.37 -12.40
CA PHE B 300 17.59 40.02 -13.20
C PHE B 300 17.99 39.35 -14.51
N LEU B 301 18.74 40.05 -15.34
CA LEU B 301 19.23 39.52 -16.61
C LEU B 301 19.95 38.14 -16.47
N ALA B 302 20.72 38.01 -15.39
CA ALA B 302 21.56 36.84 -15.16
C ALA B 302 20.64 35.66 -14.81
N MET B 303 19.59 35.95 -14.03
CA MET B 303 18.61 34.98 -13.66
C MET B 303 17.99 34.17 -14.83
N GLU B 304 17.94 34.73 -16.03
CA GLU B 304 17.47 33.95 -17.15
C GLU B 304 18.20 32.61 -17.36
N LYS B 305 19.52 32.65 -17.23
CA LYS B 305 20.34 31.45 -17.34
C LYS B 305 20.66 30.87 -15.95
N GLY B 306 20.10 31.47 -14.90
CA GLY B 306 20.40 31.08 -13.52
C GLY B 306 21.84 31.40 -13.12
N ARG B 307 22.37 32.54 -13.61
CA ARG B 307 23.77 32.96 -13.31
C ARG B 307 23.85 34.07 -12.29
N HIS B 308 22.71 34.38 -11.66
CA HIS B 308 22.65 35.56 -10.84
C HIS B 308 23.36 35.38 -9.51
N MET B 309 23.66 34.15 -9.14
CA MET B 309 24.40 33.92 -7.88
C MET B 309 25.89 33.88 -8.09
N GLU B 310 26.28 33.72 -9.36
CA GLU B 310 27.65 33.77 -9.77
C GLU B 310 28.29 35.18 -9.61
N TYR B 311 27.50 36.15 -9.12
CA TYR B 311 27.86 37.56 -9.04
C TYR B 311 28.07 37.94 -7.61
N GLU B 312 29.07 38.79 -7.36
CA GLU B 312 29.44 39.05 -6.00
C GLU B 312 28.59 40.22 -5.58
N CYS B 313 27.62 39.93 -4.74
CA CYS B 313 26.63 40.89 -4.39
C CYS B 313 26.18 40.56 -3.02
N PRO B 314 26.71 41.28 -2.00
CA PRO B 314 26.34 41.03 -0.58
C PRO B 314 24.86 41.35 -0.29
N TYR B 315 24.19 41.96 -1.27
CA TYR B 315 22.78 42.32 -1.10
C TYR B 315 21.80 41.16 -1.33
N LEU B 316 22.17 40.24 -2.23
CA LEU B 316 21.38 39.03 -2.47
C LEU B 316 21.77 37.90 -1.50
N VAL B 317 20.87 37.61 -0.55
CA VAL B 317 21.05 36.49 0.39
C VAL B 317 20.15 35.25 0.06
N TYR B 318 20.75 34.06 0.17
CA TYR B 318 20.05 32.82 -0.09
C TYR B 318 20.14 31.92 1.12
N VAL B 319 18.99 31.35 1.52
CA VAL B 319 18.92 30.35 2.58
C VAL B 319 17.82 29.29 2.33
N PRO B 320 18.17 28.00 2.58
CA PRO B 320 17.14 26.97 2.55
C PRO B 320 16.47 26.90 3.87
N VAL B 321 15.13 26.90 3.89
CA VAL B 321 14.41 26.95 5.14
C VAL B 321 13.24 26.00 5.19
N VAL B 322 12.77 25.70 6.40
CA VAL B 322 11.48 25.03 6.61
C VAL B 322 10.32 25.95 7.05
N ALA B 323 10.63 27.16 7.51
CA ALA B 323 9.60 28.10 7.99
C ALA B 323 10.06 29.53 7.83
N PHE B 324 9.10 30.46 7.84
CA PHE B 324 9.42 31.87 7.88
C PHE B 324 8.26 32.73 8.44
N ARG B 325 8.58 33.98 8.78
CA ARG B 325 7.60 34.98 9.11
C ARG B 325 8.07 36.32 8.56
N LEU B 326 7.14 37.06 7.96
CA LEU B 326 7.44 38.36 7.42
C LEU B 326 6.36 39.29 7.94
N GLU B 327 6.77 40.38 8.61
CA GLU B 327 5.87 41.45 9.12
C GLU B 327 6.23 42.76 8.46
N PRO B 328 5.42 43.23 7.50
CA PRO B 328 5.66 44.55 6.92
C PRO B 328 5.44 45.70 7.93
N LYS B 329 6.50 46.48 8.17
CA LYS B 329 6.46 47.64 9.07
C LYS B 329 5.50 48.65 8.47
N ASP B 330 4.57 49.15 9.30
CA ASP B 330 3.65 50.26 8.92
C ASP B 330 2.57 49.83 7.91
N GLY B 331 1.48 49.31 8.48
CA GLY B 331 0.34 48.87 7.69
C GLY B 331 0.66 47.75 6.69
N LYS B 332 -0.12 47.70 5.61
CA LYS B 332 -0.19 46.53 4.72
C LYS B 332 0.82 46.48 3.55
N GLY B 333 1.54 45.35 3.48
CA GLY B 333 2.33 44.99 2.29
C GLY B 333 1.50 44.15 1.32
N VAL B 334 1.73 44.41 0.04
CA VAL B 334 1.16 43.60 -1.03
C VAL B 334 2.02 42.33 -1.22
N PHE B 335 1.38 41.17 -1.03
CA PHE B 335 1.98 39.85 -1.30
C PHE B 335 1.49 39.17 -2.57
N ALA B 336 2.38 38.47 -3.27
CA ALA B 336 1.95 37.51 -4.33
C ALA B 336 2.21 36.08 -3.85
N VAL B 337 1.13 35.30 -3.83
CA VAL B 337 1.15 33.86 -3.52
C VAL B 337 0.84 33.21 -4.84
N ASP B 338 1.73 32.29 -5.24
CA ASP B 338 1.71 31.69 -6.56
C ASP B 338 1.32 32.69 -7.63
N GLY B 339 1.82 33.91 -7.51
CA GLY B 339 1.56 34.95 -8.51
C GLY B 339 0.25 35.73 -8.35
N GLU B 340 -0.57 35.38 -7.34
CA GLU B 340 -1.87 35.94 -7.09
C GLU B 340 -1.70 36.97 -6.00
N LEU B 341 -2.25 38.16 -6.21
CA LEU B 341 -2.18 39.22 -5.23
C LEU B 341 -2.96 38.98 -3.94
N MET B 342 -2.44 39.56 -2.87
CA MET B 342 -2.90 39.33 -1.53
C MET B 342 -2.43 40.52 -0.66
N VAL B 343 -3.36 41.11 0.09
CA VAL B 343 -3.04 42.23 0.97
C VAL B 343 -2.90 41.65 2.35
N SER B 344 -1.78 41.93 3.00
CA SER B 344 -1.70 41.63 4.43
C SER B 344 -0.63 42.42 5.13
N GLU B 345 -0.59 42.22 6.45
CA GLU B 345 0.29 42.95 7.38
C GLU B 345 1.24 41.95 8.03
N ALA B 346 0.93 40.66 7.89
CA ALA B 346 1.72 39.58 8.52
C ALA B 346 1.30 38.19 8.05
N VAL B 347 2.28 37.45 7.52
CA VAL B 347 2.12 36.05 7.15
C VAL B 347 3.31 35.27 7.66
N GLN B 348 3.08 34.10 8.18
CA GLN B 348 4.16 33.14 8.30
C GLN B 348 3.76 31.85 7.60
N GLY B 349 4.73 30.96 7.40
CA GLY B 349 4.45 29.69 6.77
C GLY B 349 5.47 28.61 7.04
N GLN B 350 5.00 27.37 6.96
CA GLN B 350 5.83 26.19 7.09
C GLN B 350 5.66 25.22 5.91
N VAL B 351 6.79 24.67 5.41
CA VAL B 351 6.78 23.73 4.30
C VAL B 351 6.46 22.34 4.80
N HIS B 352 5.55 21.69 4.12
CA HIS B 352 5.33 20.28 4.39
C HIS B 352 5.93 19.48 3.27
N PRO B 353 6.63 18.39 3.61
CA PRO B 353 7.23 17.57 2.56
C PRO B 353 6.26 16.64 1.82
N ASN B 354 6.50 16.47 0.52
CA ASN B 354 5.94 15.37 -0.24
C ASN B 354 4.43 15.22 0.00
N TYR B 355 3.73 16.32 -0.15
CA TYR B 355 2.40 16.42 0.33
C TYR B 355 1.34 16.17 -0.72
N PHE B 356 1.67 16.38 -2.01
CA PHE B 356 0.86 16.04 -3.18
C PHE B 356 1.70 15.42 -4.30
N TRP B 357 1.04 14.65 -5.16
CA TRP B 357 1.63 14.05 -6.36
C TRP B 357 1.51 14.96 -7.58
N MET B 358 2.64 15.15 -8.29
CA MET B 358 2.53 15.72 -9.60
C MET B 358 2.97 14.80 -10.70
N VAL B 359 2.47 14.96 -11.93
CA VAL B 359 3.21 14.37 -13.02
C VAL B 359 4.56 15.08 -13.35
N SER B 360 5.56 14.26 -13.64
CA SER B 360 6.91 14.77 -13.81
C SER B 360 7.76 13.66 -14.32
N GLY B 361 8.95 14.03 -14.78
CA GLY B 361 10.03 13.06 -15.19
C GLY B 361 11.36 13.35 -14.47
N MET C 3 -42.51 13.88 -6.76
CA MET C 3 -41.87 14.69 -7.86
C MET C 3 -41.76 16.25 -7.70
N GLY C 4 -42.64 16.90 -6.93
CA GLY C 4 -42.36 18.30 -6.49
C GLY C 4 -42.80 19.46 -7.41
N SER C 5 -42.30 20.65 -7.15
CA SER C 5 -42.75 21.85 -7.85
C SER C 5 -41.99 22.24 -9.18
N GLY C 6 -42.66 22.89 -10.14
CA GLY C 6 -42.11 23.08 -11.50
C GLY C 6 -41.21 24.31 -11.77
N VAL C 7 -40.25 24.60 -10.89
CA VAL C 7 -39.51 25.83 -11.03
C VAL C 7 -38.06 25.64 -10.60
N LEU C 8 -37.13 26.28 -11.32
CA LEU C 8 -35.73 26.38 -10.86
C LEU C 8 -35.57 27.44 -9.76
N PRO C 9 -34.66 27.23 -8.80
CA PRO C 9 -34.37 28.32 -7.88
C PRO C 9 -33.72 29.51 -8.57
N ARG C 10 -33.89 30.72 -7.99
CA ARG C 10 -33.19 31.94 -8.43
C ARG C 10 -32.42 32.63 -7.28
N PRO C 11 -31.10 32.88 -7.46
CA PRO C 11 -30.31 32.49 -8.64
C PRO C 11 -30.11 30.97 -8.72
N CYS C 12 -29.60 30.48 -9.84
CA CYS C 12 -29.27 29.05 -9.83
C CYS C 12 -27.99 28.69 -10.57
N ARG C 13 -27.51 27.48 -10.34
CA ARG C 13 -26.39 26.99 -11.12
C ARG C 13 -26.60 25.67 -11.86
N VAL C 14 -25.93 25.59 -13.00
CA VAL C 14 -26.34 24.72 -14.05
C VAL C 14 -25.10 24.12 -14.68
N LEU C 15 -25.07 22.79 -14.80
CA LEU C 15 -24.06 22.15 -15.60
C LEU C 15 -24.44 22.18 -17.07
N VAL C 16 -23.55 22.66 -17.95
CA VAL C 16 -23.86 22.71 -19.33
C VAL C 16 -22.94 21.73 -20.05
N LEU C 17 -23.53 20.72 -20.69
CA LEU C 17 -22.79 19.75 -21.41
C LEU C 17 -22.90 20.09 -22.87
N LEU C 18 -21.77 20.36 -23.51
CA LEU C 18 -21.85 20.91 -24.82
C LEU C 18 -21.03 20.04 -25.75
N ASN C 19 -21.58 19.73 -26.91
CA ASN C 19 -20.86 19.04 -27.95
C ASN C 19 -20.31 20.08 -28.93
N PRO C 20 -18.98 20.27 -28.91
CA PRO C 20 -18.35 21.35 -29.67
C PRO C 20 -18.41 21.14 -31.19
N ARG C 21 -18.43 19.89 -31.64
CA ARG C 21 -18.73 19.75 -33.04
C ARG C 21 -20.20 19.34 -33.11
N GLY C 22 -21.06 20.36 -33.32
CA GLY C 22 -22.54 20.21 -33.26
C GLY C 22 -23.20 19.44 -34.41
N GLY C 23 -23.96 20.18 -35.20
CA GLY C 23 -24.31 19.73 -36.54
C GLY C 23 -23.19 20.33 -37.35
N LYS C 24 -23.11 21.67 -37.33
CA LYS C 24 -22.15 22.46 -38.13
C LYS C 24 -20.88 22.84 -37.36
N GLY C 25 -20.65 22.23 -36.19
CA GLY C 25 -19.43 22.50 -35.37
C GLY C 25 -19.22 23.87 -34.71
N LYS C 26 -20.30 24.58 -34.37
CA LYS C 26 -20.18 25.93 -33.82
C LYS C 26 -20.82 26.13 -32.43
N ALA C 27 -21.12 25.00 -31.76
CA ALA C 27 -21.98 25.02 -30.59
C ALA C 27 -21.43 25.91 -29.51
N LEU C 28 -20.11 25.92 -29.37
CA LEU C 28 -19.44 26.76 -28.38
C LEU C 28 -19.54 28.25 -28.68
N GLN C 29 -19.31 28.60 -29.95
CA GLN C 29 -19.41 29.96 -30.43
C GLN C 29 -20.84 30.50 -30.18
N LEU C 30 -21.83 29.77 -30.67
CA LEU C 30 -23.26 29.99 -30.40
C LEU C 30 -23.58 30.11 -28.92
N PHE C 31 -22.97 29.26 -28.08
CA PHE C 31 -23.15 29.44 -26.64
C PHE C 31 -22.69 30.81 -26.17
N ARG C 32 -21.53 31.20 -26.64
CA ARG C 32 -20.86 32.41 -26.11
C ARG C 32 -21.66 33.63 -26.55
N SER C 33 -22.13 33.62 -27.79
CA SER C 33 -22.85 34.79 -28.32
C SER C 33 -24.37 34.81 -28.00
N HIS C 34 -25.02 33.66 -28.08
CA HIS C 34 -26.51 33.57 -27.93
C HIS C 34 -27.04 33.10 -26.61
N VAL C 35 -26.27 32.30 -25.90
CA VAL C 35 -26.69 31.76 -24.63
C VAL C 35 -26.14 32.51 -23.47
N GLN C 36 -24.82 32.61 -23.34
CA GLN C 36 -24.21 33.16 -22.09
C GLN C 36 -24.73 34.52 -21.57
N PRO C 37 -24.90 35.50 -22.46
CA PRO C 37 -25.33 36.83 -21.98
C PRO C 37 -26.74 36.81 -21.44
N LEU C 38 -27.59 35.90 -21.92
CA LEU C 38 -28.94 35.78 -21.35
C LEU C 38 -28.89 35.18 -19.99
N LEU C 39 -28.05 34.16 -19.77
CA LEU C 39 -27.93 33.51 -18.43
C LEU C 39 -27.46 34.46 -17.33
N ALA C 40 -26.60 35.38 -17.74
CA ALA C 40 -25.93 36.25 -16.78
C ALA C 40 -26.95 37.27 -16.37
N GLU C 41 -27.73 37.68 -17.35
CA GLU C 41 -28.85 38.55 -17.10
C GLU C 41 -29.87 37.86 -16.19
N ALA C 42 -30.10 36.54 -16.39
CA ALA C 42 -30.99 35.77 -15.47
C ALA C 42 -30.39 35.31 -14.13
N GLU C 43 -29.14 35.69 -13.83
CA GLU C 43 -28.41 35.13 -12.65
C GLU C 43 -28.37 33.60 -12.63
N ILE C 44 -28.14 33.00 -13.79
CA ILE C 44 -27.98 31.53 -13.87
C ILE C 44 -26.47 31.39 -14.05
N SER C 45 -25.75 30.95 -13.02
CA SER C 45 -24.34 30.70 -13.26
C SER C 45 -24.18 29.26 -13.76
N PHE C 46 -23.19 29.07 -14.64
CA PHE C 46 -22.97 27.80 -15.33
C PHE C 46 -21.52 27.29 -15.25
N THR C 47 -21.35 25.98 -15.43
CA THR C 47 -20.09 25.52 -15.89
C THR C 47 -20.24 24.69 -17.12
N LEU C 48 -19.41 25.01 -18.13
CA LEU C 48 -19.35 24.23 -19.36
C LEU C 48 -18.43 23.00 -19.19
N MET C 49 -18.91 21.83 -19.57
CA MET C 49 -18.07 20.69 -19.86
C MET C 49 -18.36 20.33 -21.28
N LEU C 50 -17.30 19.94 -21.98
CA LEU C 50 -17.36 19.60 -23.39
C LEU C 50 -17.39 18.12 -23.52
N THR C 51 -18.24 17.60 -24.40
CA THR C 51 -18.26 16.17 -24.60
C THR C 51 -17.35 15.87 -25.77
N GLU C 52 -16.78 14.66 -25.77
CA GLU C 52 -15.64 14.36 -26.66
C GLU C 52 -15.89 13.15 -27.58
N ARG C 53 -16.91 12.34 -27.27
CA ARG C 53 -17.15 11.06 -27.95
C ARG C 53 -18.47 10.52 -27.50
N ARG C 54 -18.91 9.49 -28.20
CA ARG C 54 -20.15 8.77 -27.86
C ARG C 54 -20.05 8.24 -26.39
N ASN C 55 -21.17 8.40 -25.67
CA ASN C 55 -21.31 7.96 -24.27
C ASN C 55 -20.54 8.74 -23.23
N HIS C 56 -19.81 9.73 -23.67
CA HIS C 56 -19.12 10.55 -22.75
C HIS C 56 -20.12 11.29 -21.81
N ALA C 57 -21.15 11.92 -22.35
CA ALA C 57 -22.07 12.64 -21.48
C ALA C 57 -22.75 11.66 -20.53
N ARG C 58 -23.05 10.46 -21.03
CA ARG C 58 -23.71 9.45 -20.20
C ARG C 58 -22.81 9.06 -19.00
N GLU C 59 -21.54 8.75 -19.27
CA GLU C 59 -20.56 8.48 -18.19
C GLU C 59 -20.43 9.58 -17.20
N LEU C 60 -20.42 10.83 -17.67
CA LEU C 60 -20.29 11.99 -16.74
C LEU C 60 -21.52 12.09 -15.80
N VAL C 61 -22.71 11.92 -16.36
CA VAL C 61 -23.96 12.06 -15.61
C VAL C 61 -24.10 10.84 -14.69
N ARG C 62 -23.65 9.67 -15.15
CA ARG C 62 -23.66 8.49 -14.25
C ARG C 62 -22.87 8.71 -12.96
N SER C 63 -21.77 9.46 -13.02
CA SER C 63 -20.85 9.52 -11.91
C SER C 63 -20.89 10.90 -11.28
N GLU C 64 -21.71 11.79 -11.85
CA GLU C 64 -21.80 13.17 -11.36
C GLU C 64 -22.33 13.24 -9.93
N GLU C 65 -21.82 14.24 -9.22
CA GLU C 65 -22.37 14.71 -7.96
C GLU C 65 -23.50 15.72 -8.28
N LEU C 66 -24.74 15.22 -8.28
CA LEU C 66 -25.89 15.99 -8.71
C LEU C 66 -26.31 17.13 -7.78
N GLY C 67 -25.99 17.06 -6.49
CA GLY C 67 -26.37 18.11 -5.52
C GLY C 67 -25.72 19.46 -5.76
N ARG C 68 -24.70 19.49 -6.62
CA ARG C 68 -24.03 20.73 -7.05
C ARG C 68 -24.85 21.52 -8.05
N TRP C 69 -25.79 20.89 -8.74
CA TRP C 69 -26.39 21.53 -9.92
C TRP C 69 -27.88 21.70 -9.64
N ASP C 70 -28.46 22.79 -10.13
CA ASP C 70 -29.96 22.95 -10.10
C ASP C 70 -30.65 22.40 -11.35
N ALA C 71 -29.90 22.34 -12.45
CA ALA C 71 -30.35 21.67 -13.66
C ALA C 71 -29.14 21.14 -14.47
N LEU C 72 -29.38 20.19 -15.36
CA LEU C 72 -28.38 19.86 -16.39
C LEU C 72 -28.90 20.40 -17.73
N VAL C 73 -28.07 21.14 -18.45
CA VAL C 73 -28.40 21.71 -19.71
C VAL C 73 -27.50 21.12 -20.79
N VAL C 74 -28.19 20.59 -21.80
CA VAL C 74 -27.59 19.88 -22.81
C VAL C 74 -27.62 20.74 -24.07
N MET C 75 -26.44 21.03 -24.61
CA MET C 75 -26.37 21.84 -25.79
C MET C 75 -25.76 21.04 -26.92
N SER C 76 -26.65 20.55 -27.76
CA SER C 76 -26.33 19.58 -28.78
C SER C 76 -27.53 19.25 -29.65
N GLY C 77 -27.57 18.03 -30.19
CA GLY C 77 -28.82 17.39 -30.69
C GLY C 77 -29.60 16.52 -29.68
N ASP C 78 -30.56 15.75 -30.20
CA ASP C 78 -31.46 15.01 -29.31
C ASP C 78 -30.65 13.89 -28.70
N GLY C 79 -29.61 13.49 -29.42
CA GLY C 79 -28.74 12.35 -29.02
C GLY C 79 -28.05 12.57 -27.70
N LEU C 80 -27.61 13.78 -27.43
CA LEU C 80 -26.96 13.99 -26.16
C LEU C 80 -27.98 13.86 -25.05
N MET C 81 -29.17 14.42 -25.24
CA MET C 81 -30.24 14.26 -24.23
C MET C 81 -30.53 12.78 -23.91
N HIS C 82 -30.62 11.97 -24.96
CA HIS C 82 -30.74 10.53 -24.79
C HIS C 82 -29.67 9.91 -23.86
N GLU C 83 -28.42 10.33 -24.04
CA GLU C 83 -27.31 9.93 -23.17
C GLU C 83 -27.45 10.39 -21.70
N VAL C 84 -27.86 11.65 -21.49
CA VAL C 84 -27.95 12.15 -20.15
C VAL C 84 -29.02 11.33 -19.38
N VAL C 85 -30.16 11.10 -20.02
CA VAL C 85 -31.30 10.44 -19.35
C VAL C 85 -30.92 9.04 -19.09
N ASN C 86 -30.32 8.37 -20.06
CA ASN C 86 -29.83 7.03 -19.78
C ASN C 86 -28.74 6.94 -18.68
N GLY C 87 -27.87 7.95 -18.57
CA GLY C 87 -26.88 7.96 -17.52
C GLY C 87 -27.56 8.11 -16.19
N LEU C 88 -28.54 9.01 -16.08
CA LEU C 88 -29.27 9.13 -14.82
C LEU C 88 -29.96 7.84 -14.43
N MET C 89 -30.50 7.12 -15.43
CA MET C 89 -31.31 5.94 -15.14
C MET C 89 -30.43 4.76 -14.90
N GLU C 90 -29.13 4.92 -15.12
CA GLU C 90 -28.17 3.81 -14.86
C GLU C 90 -27.55 3.89 -13.50
N ARG C 91 -27.89 4.90 -12.72
CA ARG C 91 -27.37 5.07 -11.39
C ARG C 91 -28.05 4.17 -10.30
N PRO C 92 -27.30 3.77 -9.25
CA PRO C 92 -27.95 3.17 -8.09
C PRO C 92 -29.05 4.05 -7.55
N ASP C 93 -28.82 5.38 -7.45
CA ASP C 93 -29.84 6.30 -6.92
C ASP C 93 -30.75 6.93 -8.02
N TRP C 94 -31.15 6.11 -8.99
CA TRP C 94 -31.81 6.57 -10.18
C TRP C 94 -33.13 7.31 -9.91
N GLU C 95 -33.78 6.90 -8.83
CA GLU C 95 -35.14 7.31 -8.51
C GLU C 95 -35.09 8.74 -8.07
N THR C 96 -33.99 9.18 -7.44
CA THR C 96 -33.83 10.61 -7.11
C THR C 96 -33.10 11.33 -8.23
N ALA C 97 -32.12 10.64 -8.85
CA ALA C 97 -31.35 11.19 -9.96
C ALA C 97 -32.22 11.62 -11.10
N ILE C 98 -33.19 10.80 -11.47
CA ILE C 98 -34.06 11.12 -12.63
C ILE C 98 -34.94 12.36 -12.40
N GLN C 99 -35.06 12.81 -11.14
CA GLN C 99 -35.73 14.05 -10.78
C GLN C 99 -34.91 15.33 -11.04
N LYS C 100 -33.63 15.23 -11.40
CA LYS C 100 -32.86 16.46 -11.70
C LYS C 100 -33.39 17.12 -12.97
N PRO C 101 -33.76 18.40 -12.90
CA PRO C 101 -34.28 19.08 -14.12
C PRO C 101 -33.25 19.21 -15.24
N LEU C 102 -33.75 18.97 -16.47
CA LEU C 102 -32.98 18.90 -17.67
C LEU C 102 -33.41 20.02 -18.57
N CYS C 103 -32.64 20.34 -19.58
CA CYS C 103 -32.95 21.49 -20.44
C CYS C 103 -32.22 21.18 -21.72
N SER C 104 -32.91 21.38 -22.81
CA SER C 104 -32.34 21.13 -24.12
C SER C 104 -32.08 22.45 -24.86
N LEU C 105 -30.83 22.76 -25.24
CA LEU C 105 -30.52 23.99 -26.03
C LEU C 105 -30.05 23.44 -27.30
N PRO C 106 -30.66 23.89 -28.40
CA PRO C 106 -30.39 23.18 -29.66
C PRO C 106 -29.07 23.60 -30.37
N ALA C 107 -28.30 22.63 -30.83
CA ALA C 107 -27.13 22.94 -31.61
C ALA C 107 -26.73 21.74 -32.44
N GLY C 108 -27.53 20.67 -32.51
CA GLY C 108 -27.20 19.52 -33.41
C GLY C 108 -27.87 19.70 -34.78
N SER C 109 -27.99 18.61 -35.50
CA SER C 109 -28.71 18.63 -36.74
C SER C 109 -30.07 17.99 -36.47
N GLY C 110 -30.15 17.26 -35.34
CA GLY C 110 -31.44 16.75 -34.87
C GLY C 110 -31.85 17.43 -33.57
N ASN C 111 -32.74 18.44 -33.68
CA ASN C 111 -33.23 19.17 -32.53
C ASN C 111 -34.74 19.04 -32.26
N ALA C 112 -35.25 17.83 -32.48
CA ALA C 112 -36.68 17.52 -32.35
C ALA C 112 -37.26 17.94 -30.96
N LEU C 113 -36.54 17.60 -29.90
CA LEU C 113 -36.96 17.91 -28.60
C LEU C 113 -37.03 19.41 -28.34
N ALA C 114 -35.95 20.16 -28.59
CA ALA C 114 -36.04 21.61 -28.49
C ALA C 114 -37.18 22.12 -29.40
N ALA C 115 -37.42 21.48 -30.51
CA ALA C 115 -38.37 22.04 -31.48
C ALA C 115 -39.83 21.90 -30.96
N SER C 116 -40.08 20.75 -30.30
CA SER C 116 -41.32 20.47 -29.62
C SER C 116 -41.51 21.45 -28.48
N LEU C 117 -40.46 21.64 -27.67
CA LEU C 117 -40.62 22.49 -26.46
C LEU C 117 -40.93 23.91 -26.81
N ASN C 118 -40.31 24.40 -27.88
CA ASN C 118 -40.57 25.74 -28.47
C ASN C 118 -42.03 25.83 -28.96
N HIS C 119 -42.48 24.80 -29.67
CA HIS C 119 -43.86 24.72 -30.10
C HIS C 119 -44.80 24.75 -28.87
N TYR C 120 -44.57 23.85 -27.89
CA TYR C 120 -45.44 23.81 -26.71
C TYR C 120 -45.54 25.17 -26.05
N ALA C 121 -44.45 25.93 -26.10
CA ALA C 121 -44.42 27.24 -25.47
C ALA C 121 -45.24 28.24 -26.27
N GLY C 122 -45.63 27.86 -27.49
CA GLY C 122 -46.39 28.79 -28.36
C GLY C 122 -45.63 29.69 -29.32
N TYR C 123 -44.38 29.37 -29.66
CA TYR C 123 -43.65 30.15 -30.66
C TYR C 123 -43.81 29.52 -32.00
N GLU C 124 -43.49 30.31 -33.02
CA GLU C 124 -43.41 29.88 -34.39
C GLU C 124 -42.41 28.76 -34.53
N GLN C 125 -42.47 28.11 -35.69
CA GLN C 125 -41.64 26.98 -35.97
C GLN C 125 -40.31 27.57 -36.44
N VAL C 126 -39.54 28.13 -35.51
CA VAL C 126 -38.31 28.76 -35.95
C VAL C 126 -37.16 27.76 -35.89
N THR C 127 -35.99 28.26 -36.26
CA THR C 127 -34.87 27.41 -36.68
C THR C 127 -33.53 28.07 -36.30
N ASN C 128 -32.46 27.29 -36.15
CA ASN C 128 -31.08 27.84 -36.10
C ASN C 128 -30.97 28.75 -34.91
N GLU C 129 -30.39 29.95 -35.06
CA GLU C 129 -30.24 30.79 -33.86
C GLU C 129 -31.52 31.32 -33.21
N ASP C 130 -32.62 31.36 -33.98
CA ASP C 130 -33.88 31.81 -33.44
C ASP C 130 -34.39 30.78 -32.44
N LEU C 131 -34.28 29.50 -32.83
CA LEU C 131 -34.67 28.38 -32.01
C LEU C 131 -33.79 28.41 -30.76
N LEU C 132 -32.49 28.60 -31.00
CA LEU C 132 -31.55 28.59 -29.87
C LEU C 132 -31.93 29.65 -28.85
N THR C 133 -32.22 30.84 -29.35
CA THR C 133 -32.68 31.94 -28.49
C THR C 133 -33.99 31.63 -27.73
N ASN C 134 -34.99 31.11 -28.41
CA ASN C 134 -36.26 30.81 -27.69
C ASN C 134 -35.97 29.83 -26.53
N CYS C 135 -35.26 28.71 -26.83
CA CYS C 135 -35.07 27.69 -25.79
C CYS C 135 -34.26 28.29 -24.65
N THR C 136 -33.35 29.23 -24.93
CA THR C 136 -32.57 29.88 -23.87
C THR C 136 -33.43 30.81 -22.98
N LEU C 137 -34.34 31.55 -23.58
CA LEU C 137 -35.38 32.27 -22.82
C LEU C 137 -36.22 31.35 -21.92
N LEU C 138 -36.57 30.19 -22.44
CA LEU C 138 -37.28 29.24 -21.60
C LEU C 138 -36.47 28.88 -20.39
N LEU C 139 -35.16 28.70 -20.59
CA LEU C 139 -34.30 28.39 -19.44
C LEU C 139 -34.26 29.58 -18.50
N CYS C 140 -34.12 30.78 -19.09
CA CYS C 140 -34.06 31.97 -18.27
C CYS C 140 -35.36 32.18 -17.49
N ARG C 141 -36.52 31.81 -18.09
CA ARG C 141 -37.79 31.90 -17.35
C ARG C 141 -37.95 30.92 -16.24
N ARG C 142 -37.21 29.80 -16.30
CA ARG C 142 -37.10 28.91 -15.13
C ARG C 142 -38.30 28.00 -14.75
N LEU C 143 -39.21 27.79 -15.67
CA LEU C 143 -40.35 26.88 -15.41
C LEU C 143 -40.07 25.59 -16.14
N LEU C 144 -40.61 24.54 -15.56
CA LEU C 144 -40.39 23.15 -15.92
C LEU C 144 -41.73 22.49 -16.18
N SER C 145 -41.72 21.43 -17.00
CA SER C 145 -42.84 20.59 -17.19
C SER C 145 -42.38 19.10 -17.05
N PRO C 146 -43.25 18.26 -16.48
CA PRO C 146 -42.98 16.83 -16.45
C PRO C 146 -43.08 16.32 -17.89
N MET C 147 -42.32 15.28 -18.26
CA MET C 147 -42.38 14.65 -19.60
C MET C 147 -42.45 13.18 -19.45
N ASN C 148 -43.07 12.56 -20.43
CA ASN C 148 -43.04 11.12 -20.56
C ASN C 148 -41.65 10.57 -20.86
N LEU C 149 -41.46 9.30 -20.52
CA LEU C 149 -40.26 8.58 -20.84
C LEU C 149 -40.65 7.24 -21.41
N LEU C 150 -40.04 6.85 -22.53
CA LEU C 150 -40.26 5.53 -23.13
C LEU C 150 -39.28 4.47 -22.55
N SER C 151 -39.82 3.40 -21.96
CA SER C 151 -38.98 2.29 -21.48
C SER C 151 -38.92 1.22 -22.57
N LEU C 152 -37.71 0.86 -23.01
CA LEU C 152 -37.54 -0.09 -24.11
C LEU C 152 -36.87 -1.35 -23.67
N HIS C 153 -37.27 -2.48 -24.24
CA HIS C 153 -36.55 -3.78 -24.03
C HIS C 153 -36.15 -4.37 -25.35
N THR C 154 -34.94 -4.93 -25.42
CA THR C 154 -34.52 -5.63 -26.66
C THR C 154 -34.44 -7.16 -26.49
N ALA C 155 -34.46 -7.87 -27.62
CA ALA C 155 -34.32 -9.34 -27.61
C ALA C 155 -33.12 -9.74 -26.82
N SER C 156 -32.00 -9.04 -27.01
CA SER C 156 -30.77 -9.37 -26.26
C SER C 156 -30.93 -9.12 -24.76
N GLY C 157 -32.01 -8.48 -24.35
CA GLY C 157 -32.22 -8.29 -22.92
C GLY C 157 -31.71 -6.94 -22.44
N LEU C 158 -31.38 -6.05 -23.37
CA LEU C 158 -30.91 -4.70 -22.99
C LEU C 158 -32.14 -3.87 -22.57
N ARG C 159 -32.01 -3.19 -21.46
CA ARG C 159 -33.01 -2.24 -21.01
C ARG C 159 -32.51 -0.80 -21.35
N LEU C 160 -33.25 -0.02 -22.14
CA LEU C 160 -32.87 1.43 -22.30
C LEU C 160 -34.09 2.42 -22.29
N PHE C 161 -33.83 3.74 -22.24
CA PHE C 161 -34.86 4.72 -22.22
C PHE C 161 -34.78 5.66 -23.34
N SER C 162 -35.92 6.16 -23.77
CA SER C 162 -36.01 7.03 -24.93
C SER C 162 -36.87 8.24 -24.55
N VAL C 163 -36.39 9.45 -24.82
CA VAL C 163 -37.13 10.72 -24.51
C VAL C 163 -37.94 11.29 -25.70
N LEU C 164 -37.79 10.72 -26.89
CA LEU C 164 -38.31 11.30 -28.10
C LEU C 164 -38.96 10.30 -29.02
N SER C 165 -38.20 9.29 -29.43
CA SER C 165 -38.61 8.42 -30.53
C SER C 165 -37.87 7.13 -30.68
N LEU C 166 -38.59 6.17 -31.26
CA LEU C 166 -38.02 4.93 -31.74
C LEU C 166 -38.51 4.75 -33.19
N ALA C 167 -37.58 4.70 -34.15
CA ALA C 167 -37.93 4.47 -35.53
C ALA C 167 -37.30 3.21 -36.12
N TRP C 168 -38.00 2.65 -37.11
CA TRP C 168 -37.55 1.46 -37.82
C TRP C 168 -38.00 1.59 -39.25
N GLY C 169 -37.16 1.17 -40.18
CA GLY C 169 -37.53 1.29 -41.56
C GLY C 169 -36.98 2.59 -42.08
N PHE C 170 -37.74 3.24 -42.97
CA PHE C 170 -37.25 4.40 -43.67
C PHE C 170 -36.46 5.41 -42.81
N ILE C 171 -37.09 5.89 -41.73
CA ILE C 171 -36.55 6.95 -40.88
C ILE C 171 -35.26 6.48 -40.26
N ALA C 172 -35.21 5.21 -39.80
CA ALA C 172 -33.95 4.66 -39.23
C ALA C 172 -32.83 4.61 -40.24
N ASP C 173 -33.21 4.32 -41.48
CA ASP C 173 -32.25 4.23 -42.58
C ASP C 173 -31.73 5.61 -42.95
N VAL C 174 -32.56 6.63 -42.94
CA VAL C 174 -32.05 7.97 -43.18
C VAL C 174 -31.17 8.41 -42.01
N ASP C 175 -31.60 8.22 -40.77
CA ASP C 175 -30.73 8.58 -39.65
C ASP C 175 -29.32 7.96 -39.72
N LEU C 176 -29.21 6.65 -39.95
CA LEU C 176 -27.88 6.01 -39.99
C LEU C 176 -27.07 6.53 -41.20
N GLU C 177 -27.66 6.46 -42.39
CA GLU C 177 -26.98 6.81 -43.61
C GLU C 177 -26.64 8.31 -43.72
N SER C 178 -27.47 9.19 -43.15
CA SER C 178 -27.24 10.66 -43.14
C SER C 178 -25.98 11.11 -42.42
N GLU C 179 -25.38 10.23 -41.61
CA GLU C 179 -24.25 10.64 -40.78
C GLU C 179 -23.17 11.27 -41.61
N LYS C 180 -22.89 10.65 -42.75
CA LYS C 180 -21.93 11.19 -43.71
C LYS C 180 -22.40 12.42 -44.49
N TYR C 181 -23.46 13.10 -44.03
CA TYR C 181 -23.82 14.37 -44.65
C TYR C 181 -24.03 15.42 -43.57
N ARG C 182 -23.62 15.12 -42.32
CA ARG C 182 -23.92 15.98 -41.13
C ARG C 182 -23.29 17.34 -41.32
N ARG C 183 -22.27 17.31 -42.15
CA ARG C 183 -21.62 18.45 -42.66
C ARG C 183 -22.61 19.29 -43.50
N LEU C 184 -23.93 19.09 -43.31
CA LEU C 184 -24.97 19.92 -43.97
C LEU C 184 -25.93 20.50 -42.93
N GLY C 185 -25.77 20.08 -41.68
CA GLY C 185 -26.72 20.48 -40.65
C GLY C 185 -28.01 19.69 -40.74
N GLU C 186 -29.14 20.36 -40.48
CA GLU C 186 -30.46 19.73 -40.53
C GLU C 186 -30.85 19.19 -41.89
N MET C 187 -30.22 19.74 -42.93
CA MET C 187 -30.51 19.35 -44.30
C MET C 187 -30.02 17.96 -44.58
N ARG C 188 -29.21 17.40 -43.69
CA ARG C 188 -28.82 16.03 -43.88
C ARG C 188 -30.06 15.12 -43.94
N PHE C 189 -31.15 15.50 -43.26
CA PHE C 189 -32.35 14.63 -43.19
C PHE C 189 -33.14 14.81 -44.48
N THR C 190 -33.09 16.02 -44.99
CA THR C 190 -33.64 16.38 -46.26
C THR C 190 -32.94 15.60 -47.43
N LEU C 191 -31.62 15.79 -47.62
CA LEU C 191 -30.94 15.03 -48.68
C LEU C 191 -31.12 13.53 -48.47
N GLY C 192 -30.88 13.10 -47.23
CA GLY C 192 -30.92 11.70 -46.89
C GLY C 192 -32.30 11.11 -47.20
N THR C 193 -33.39 11.89 -47.00
CA THR C 193 -34.73 11.42 -47.30
C THR C 193 -34.86 11.20 -48.81
N PHE C 194 -34.46 12.22 -49.57
CA PHE C 194 -34.56 12.15 -51.01
C PHE C 194 -33.90 10.94 -51.61
N LEU C 195 -32.72 10.57 -51.08
CA LEU C 195 -32.02 9.42 -51.52
C LEU C 195 -32.83 8.14 -51.26
N ARG C 196 -33.36 8.00 -50.04
CA ARG C 196 -34.13 6.81 -49.69
C ARG C 196 -35.49 6.74 -50.39
N LEU C 197 -36.02 7.88 -50.74
CA LEU C 197 -37.29 8.02 -51.39
C LEU C 197 -37.20 7.51 -52.83
N ALA C 198 -36.15 7.95 -53.56
CA ALA C 198 -35.88 7.48 -54.93
C ALA C 198 -35.52 6.00 -54.90
N ALA C 199 -34.73 5.58 -53.93
CA ALA C 199 -34.45 4.14 -53.76
C ALA C 199 -35.31 3.47 -52.68
N LEU C 200 -36.63 3.62 -52.80
CA LEU C 200 -37.55 3.15 -51.76
C LEU C 200 -37.32 1.68 -51.46
N ARG C 201 -37.18 1.33 -50.18
CA ARG C 201 -37.21 -0.06 -49.76
C ARG C 201 -38.35 -0.28 -48.74
N THR C 202 -38.72 -1.54 -48.54
CA THR C 202 -39.75 -1.89 -47.59
C THR C 202 -39.17 -2.92 -46.67
N TYR C 203 -39.75 -3.07 -45.47
CA TYR C 203 -39.16 -3.97 -44.48
C TYR C 203 -40.25 -4.89 -43.90
N ARG C 204 -39.85 -6.08 -43.52
CA ARG C 204 -40.77 -7.07 -43.01
C ARG C 204 -40.55 -7.25 -41.51
N GLY C 205 -41.66 -7.29 -40.77
CA GLY C 205 -41.65 -7.53 -39.32
C GLY C 205 -43.09 -7.53 -38.80
N ARG C 206 -43.26 -7.93 -37.54
CA ARG C 206 -44.59 -7.91 -36.91
C ARG C 206 -44.65 -6.74 -35.93
N LEU C 207 -45.69 -5.92 -36.06
CA LEU C 207 -45.95 -4.79 -35.18
C LEU C 207 -47.15 -5.12 -34.32
N ALA C 208 -46.98 -5.11 -32.99
CA ALA C 208 -48.14 -5.16 -32.07
C ALA C 208 -48.16 -3.95 -31.15
N TYR C 209 -49.34 -3.48 -30.74
CA TYR C 209 -49.46 -2.34 -29.77
C TYR C 209 -50.72 -2.37 -28.88
N LEU C 210 -50.65 -1.66 -27.75
CA LEU C 210 -51.75 -1.39 -26.83
C LEU C 210 -52.23 0.06 -26.96
N PRO C 211 -53.39 0.28 -27.60
CA PRO C 211 -53.86 1.67 -27.76
C PRO C 211 -54.38 2.19 -26.44
N VAL C 212 -54.50 3.52 -26.38
CA VAL C 212 -54.88 4.23 -25.19
C VAL C 212 -56.31 3.89 -24.71
N GLY C 213 -57.25 3.76 -25.66
CA GLY C 213 -58.63 3.24 -25.39
C GLY C 213 -58.76 2.09 -24.34
N ARG C 214 -57.94 1.05 -24.51
CA ARG C 214 -57.93 -0.10 -23.59
C ARG C 214 -56.87 0.16 -22.54
N GLN C 228 -33.55 -3.12 -13.06
CA GLN C 228 -33.11 -2.01 -12.21
C GLN C 228 -34.25 -1.03 -11.91
N GLY C 229 -34.64 -0.23 -12.92
CA GLY C 229 -35.60 0.88 -12.78
C GLY C 229 -37.07 0.50 -12.69
N PRO C 230 -37.98 1.35 -13.23
CA PRO C 230 -39.43 1.29 -13.08
C PRO C 230 -40.07 0.06 -13.75
N VAL C 231 -41.19 -0.41 -13.21
CA VAL C 231 -41.78 -1.64 -13.70
C VAL C 231 -42.63 -1.30 -14.93
N ASP C 232 -42.49 -2.09 -15.99
CA ASP C 232 -43.32 -1.93 -17.19
C ASP C 232 -44.48 -2.93 -17.11
N ALA C 233 -45.57 -2.55 -16.47
CA ALA C 233 -46.65 -3.50 -16.19
C ALA C 233 -47.56 -3.80 -17.41
N HIS C 234 -47.51 -3.02 -18.50
CA HIS C 234 -48.25 -3.43 -19.70
C HIS C 234 -47.52 -4.47 -20.54
N LEU C 235 -46.30 -4.84 -20.14
CA LEU C 235 -45.46 -5.65 -21.01
C LEU C 235 -45.24 -7.04 -20.47
N VAL C 236 -45.28 -8.04 -21.35
CA VAL C 236 -44.88 -9.42 -20.99
C VAL C 236 -43.64 -9.83 -21.77
N PRO C 237 -42.76 -10.63 -21.14
CA PRO C 237 -41.56 -11.15 -21.83
C PRO C 237 -41.66 -11.31 -23.36
N LEU C 238 -40.54 -11.05 -24.03
CA LEU C 238 -40.46 -11.10 -25.49
C LEU C 238 -40.73 -12.47 -26.17
N GLU C 239 -40.57 -13.57 -25.43
CA GLU C 239 -40.92 -14.94 -25.90
C GLU C 239 -42.43 -15.26 -25.80
N GLU C 240 -43.11 -14.60 -24.85
CA GLU C 240 -44.55 -14.76 -24.66
C GLU C 240 -45.28 -13.91 -25.68
N PRO C 241 -46.32 -14.47 -26.33
CA PRO C 241 -47.17 -13.70 -27.23
C PRO C 241 -47.82 -12.46 -26.53
N VAL C 242 -48.23 -11.46 -27.31
CA VAL C 242 -48.78 -10.23 -26.72
C VAL C 242 -50.18 -10.38 -26.10
N PRO C 243 -50.44 -9.75 -24.93
CA PRO C 243 -51.76 -9.87 -24.32
C PRO C 243 -52.89 -9.65 -25.32
N SER C 244 -54.01 -10.33 -25.11
CA SER C 244 -54.98 -10.49 -26.21
C SER C 244 -55.76 -9.22 -26.44
N HIS C 245 -55.69 -8.28 -25.51
CA HIS C 245 -56.31 -6.96 -25.78
C HIS C 245 -55.47 -5.98 -26.65
N TRP C 246 -54.20 -6.32 -26.89
CA TRP C 246 -53.34 -5.50 -27.74
C TRP C 246 -53.81 -5.74 -29.15
N THR C 247 -53.73 -4.72 -30.02
CA THR C 247 -53.96 -4.91 -31.45
C THR C 247 -52.66 -5.47 -32.11
N VAL C 248 -52.79 -6.56 -32.88
CA VAL C 248 -51.71 -7.08 -33.71
C VAL C 248 -52.02 -6.62 -35.13
N VAL C 249 -51.16 -5.76 -35.68
CA VAL C 249 -51.31 -5.34 -37.06
C VAL C 249 -51.16 -6.57 -38.01
N PRO C 250 -52.07 -6.68 -39.02
CA PRO C 250 -52.17 -7.80 -39.98
C PRO C 250 -51.08 -7.70 -41.04
N ASP C 251 -50.92 -6.50 -41.59
CA ASP C 251 -49.86 -6.15 -42.51
C ASP C 251 -48.52 -6.49 -41.88
N GLU C 252 -47.66 -7.16 -42.64
CA GLU C 252 -46.32 -7.51 -42.18
C GLU C 252 -45.20 -6.94 -43.07
N ASP C 253 -45.58 -5.94 -43.85
CA ASP C 253 -44.73 -5.25 -44.77
C ASP C 253 -44.87 -3.75 -44.58
N PHE C 254 -43.77 -3.07 -44.30
CA PHE C 254 -43.85 -1.65 -43.91
C PHE C 254 -42.85 -0.79 -44.63
N VAL C 255 -43.10 0.51 -44.79
CA VAL C 255 -41.95 1.37 -45.07
C VAL C 255 -41.29 1.99 -43.80
N LEU C 256 -42.08 2.33 -42.79
CA LEU C 256 -41.55 2.83 -41.48
C LEU C 256 -42.47 2.50 -40.27
N VAL C 257 -41.87 2.29 -39.11
CA VAL C 257 -42.65 2.39 -37.89
C VAL C 257 -42.04 3.51 -37.05
N LEU C 258 -42.87 4.30 -36.37
CA LEU C 258 -42.39 5.42 -35.61
C LEU C 258 -43.20 5.65 -34.33
N ALA C 259 -42.55 5.55 -33.18
CA ALA C 259 -43.20 5.89 -31.93
C ALA C 259 -42.55 7.19 -31.54
N LEU C 260 -43.39 8.21 -31.37
CA LEU C 260 -42.93 9.56 -31.20
C LEU C 260 -43.59 10.13 -29.93
N LEU C 261 -42.80 10.70 -29.01
CA LEU C 261 -43.34 11.14 -27.74
C LEU C 261 -43.75 12.61 -27.73
N HIS C 262 -43.41 13.30 -28.80
CA HIS C 262 -43.56 14.76 -28.84
C HIS C 262 -44.15 15.17 -30.12
N SER C 263 -44.31 16.47 -30.32
CA SER C 263 -44.96 16.96 -31.51
C SER C 263 -44.03 16.97 -32.73
N HIS C 264 -42.72 17.12 -32.51
CA HIS C 264 -41.79 17.28 -33.65
C HIS C 264 -40.76 16.15 -33.83
N LEU C 265 -40.53 15.81 -35.09
CA LEU C 265 -39.39 14.97 -35.48
C LEU C 265 -38.16 15.79 -35.75
N GLY C 266 -38.31 17.08 -35.97
CA GLY C 266 -37.11 17.90 -36.17
C GLY C 266 -37.69 19.28 -36.18
N SER C 267 -36.81 20.30 -36.27
CA SER C 267 -37.16 21.66 -36.00
C SER C 267 -38.03 22.12 -37.12
N GLU C 268 -37.98 21.41 -38.25
CA GLU C 268 -38.94 21.70 -39.33
C GLU C 268 -39.85 20.52 -39.79
N MET C 269 -39.97 19.50 -38.96
CA MET C 269 -40.92 18.43 -39.22
C MET C 269 -41.94 18.33 -38.06
N PHE C 270 -43.11 18.90 -38.28
CA PHE C 270 -44.20 18.91 -37.26
C PHE C 270 -44.92 17.61 -37.50
N ALA C 271 -44.38 16.52 -36.99
CA ALA C 271 -44.93 15.25 -37.38
C ALA C 271 -46.25 14.89 -36.65
N ALA C 272 -46.48 15.46 -35.47
CA ALA C 272 -47.70 15.07 -34.75
C ALA C 272 -48.55 16.27 -34.38
N PRO C 273 -49.35 16.78 -35.33
CA PRO C 273 -50.09 18.00 -35.05
C PRO C 273 -51.43 17.76 -34.33
N MET C 274 -51.74 16.55 -33.93
CA MET C 274 -53.08 16.26 -33.35
C MET C 274 -53.22 16.55 -31.84
N GLY C 275 -52.30 17.35 -31.29
CA GLY C 275 -52.34 17.71 -29.88
C GLY C 275 -51.14 17.14 -29.13
N ARG C 276 -50.68 17.87 -28.13
CA ARG C 276 -49.59 17.42 -27.25
C ARG C 276 -49.97 16.13 -26.47
N CYS C 277 -49.06 15.15 -26.42
CA CYS C 277 -49.28 13.91 -25.72
C CYS C 277 -49.68 14.16 -24.30
N ALA C 278 -50.74 13.50 -23.87
CA ALA C 278 -51.12 13.47 -22.48
C ALA C 278 -50.03 12.68 -21.71
N ALA C 279 -49.93 12.85 -20.40
CA ALA C 279 -49.19 11.95 -19.53
C ALA C 279 -49.36 10.47 -19.88
N GLY C 280 -48.24 9.77 -20.13
CA GLY C 280 -48.24 8.32 -20.39
C GLY C 280 -48.80 7.83 -21.71
N VAL C 281 -49.02 8.76 -22.64
CA VAL C 281 -49.50 8.44 -24.01
C VAL C 281 -48.37 8.75 -24.96
N MET C 282 -48.15 7.93 -25.97
CA MET C 282 -47.27 8.31 -27.06
C MET C 282 -47.93 8.05 -28.43
N HIS C 283 -47.44 8.77 -29.45
CA HIS C 283 -47.81 8.50 -30.85
C HIS C 283 -47.14 7.26 -31.52
N LEU C 284 -47.94 6.43 -32.19
CA LEU C 284 -47.42 5.39 -33.08
C LEU C 284 -47.90 5.74 -34.51
N PHE C 285 -46.97 5.93 -35.45
CA PHE C 285 -47.32 6.00 -36.86
C PHE C 285 -46.73 4.79 -37.53
N TYR C 286 -47.35 4.31 -38.60
CA TYR C 286 -46.64 3.40 -39.47
C TYR C 286 -47.10 3.58 -40.89
N VAL C 287 -46.23 3.27 -41.85
CA VAL C 287 -46.62 3.36 -43.24
C VAL C 287 -46.56 1.93 -43.82
N ARG C 288 -47.71 1.42 -44.24
CA ARG C 288 -47.79 0.05 -44.80
C ARG C 288 -47.01 0.01 -46.12
N ALA C 289 -46.35 -1.13 -46.40
CA ALA C 289 -45.71 -1.34 -47.71
C ALA C 289 -46.75 -1.14 -48.80
N GLY C 290 -46.41 -0.38 -49.84
CA GLY C 290 -47.40 -0.17 -50.85
C GLY C 290 -47.46 1.22 -51.36
N VAL C 291 -47.26 2.20 -50.48
CA VAL C 291 -47.29 3.62 -50.91
C VAL C 291 -46.36 3.90 -52.07
N SER C 292 -46.78 4.82 -52.92
CA SER C 292 -45.96 5.28 -54.02
C SER C 292 -44.87 6.22 -53.44
N ARG C 293 -43.83 6.49 -54.25
CA ARG C 293 -42.76 7.37 -53.87
C ARG C 293 -43.35 8.75 -53.87
N ALA C 294 -44.18 9.04 -54.85
CA ALA C 294 -44.76 10.38 -54.94
C ALA C 294 -45.61 10.75 -53.70
N MET C 295 -46.30 9.78 -53.13
CA MET C 295 -47.13 10.05 -51.99
C MET C 295 -46.25 10.26 -50.75
N LEU C 296 -45.37 9.31 -50.45
CA LEU C 296 -44.43 9.44 -49.33
C LEU C 296 -43.78 10.83 -49.29
N LEU C 297 -43.43 11.33 -50.48
CA LEU C 297 -42.82 12.63 -50.64
C LEU C 297 -43.77 13.73 -50.26
N ARG C 298 -44.99 13.63 -50.77
CA ARG C 298 -46.00 14.68 -50.52
C ARG C 298 -46.19 14.82 -49.03
N LEU C 299 -46.25 13.66 -48.36
CA LEU C 299 -46.39 13.53 -46.89
C LEU C 299 -45.23 14.17 -46.13
N PHE C 300 -43.99 13.87 -46.61
CA PHE C 300 -42.77 14.38 -46.03
C PHE C 300 -42.79 15.89 -46.10
N LEU C 301 -43.03 16.45 -47.28
CA LEU C 301 -43.15 17.90 -47.41
C LEU C 301 -44.29 18.51 -46.60
N ALA C 302 -45.42 17.80 -46.54
CA ALA C 302 -46.61 18.38 -45.93
C ALA C 302 -46.32 18.48 -44.47
N MET C 303 -45.50 17.55 -44.00
CA MET C 303 -45.11 17.43 -42.59
C MET C 303 -44.46 18.70 -42.03
N GLU C 304 -44.00 19.61 -42.90
CA GLU C 304 -43.40 20.85 -42.42
C GLU C 304 -44.40 21.76 -41.75
N LYS C 305 -45.57 21.92 -42.37
CA LYS C 305 -46.62 22.76 -41.82
C LYS C 305 -47.63 21.94 -41.01
N GLY C 306 -47.27 20.68 -40.76
CA GLY C 306 -48.11 19.73 -40.08
C GLY C 306 -49.43 19.41 -40.75
N ARG C 307 -49.44 19.34 -42.09
CA ARG C 307 -50.66 19.09 -42.87
C ARG C 307 -50.67 17.71 -43.50
N HIS C 308 -49.78 16.82 -43.09
CA HIS C 308 -49.70 15.50 -43.77
C HIS C 308 -50.88 14.54 -43.42
N MET C 309 -51.54 14.84 -42.31
CA MET C 309 -52.69 14.06 -41.83
C MET C 309 -53.93 14.32 -42.72
N GLU C 310 -54.07 15.55 -43.20
CA GLU C 310 -55.10 15.87 -44.16
C GLU C 310 -55.12 15.05 -45.48
N TYR C 311 -54.06 14.34 -45.87
CA TYR C 311 -54.15 13.49 -47.07
C TYR C 311 -54.92 12.20 -46.82
N GLU C 312 -55.61 11.69 -47.83
CA GLU C 312 -56.19 10.38 -47.67
C GLU C 312 -55.07 9.37 -47.97
N CYS C 313 -54.41 8.86 -46.96
CA CYS C 313 -53.38 7.92 -47.28
C CYS C 313 -53.63 6.64 -46.53
N PRO C 314 -54.25 5.69 -47.22
CA PRO C 314 -54.53 4.35 -46.71
C PRO C 314 -53.29 3.73 -46.06
N TYR C 315 -52.10 4.02 -46.59
CA TYR C 315 -50.91 3.37 -46.04
C TYR C 315 -50.42 3.98 -44.72
N LEU C 316 -50.78 5.25 -44.46
CA LEU C 316 -50.41 5.98 -43.22
C LEU C 316 -51.45 5.84 -42.13
N VAL C 317 -51.08 5.07 -41.11
CA VAL C 317 -51.94 4.77 -39.96
C VAL C 317 -51.36 5.41 -38.72
N TYR C 318 -52.26 6.01 -37.93
CA TYR C 318 -51.87 6.72 -36.71
C TYR C 318 -52.69 6.23 -35.52
N VAL C 319 -52.03 5.80 -34.44
CA VAL C 319 -52.71 5.42 -33.20
C VAL C 319 -52.01 5.86 -31.89
N PRO C 320 -52.74 6.55 -30.96
CA PRO C 320 -52.16 6.87 -29.65
C PRO C 320 -52.04 5.61 -28.83
N VAL C 321 -50.87 5.34 -28.22
CA VAL C 321 -50.57 4.05 -27.56
C VAL C 321 -49.89 4.18 -26.17
N VAL C 322 -49.93 3.11 -25.37
CA VAL C 322 -49.14 3.14 -24.19
C VAL C 322 -48.00 2.12 -24.31
N ALA C 323 -48.08 1.21 -25.27
CA ALA C 323 -47.08 0.15 -25.36
C ALA C 323 -47.05 -0.38 -26.79
N PHE C 324 -45.93 -0.96 -27.22
CA PHE C 324 -45.87 -1.58 -28.58
C PHE C 324 -44.80 -2.70 -28.57
N ARG C 325 -44.81 -3.53 -29.60
CA ARG C 325 -43.80 -4.57 -29.76
C ARG C 325 -43.54 -4.59 -31.26
N LEU C 326 -42.26 -4.51 -31.62
CA LEU C 326 -41.89 -4.51 -33.03
C LEU C 326 -40.77 -5.54 -33.23
N GLU C 327 -41.03 -6.52 -34.10
CA GLU C 327 -40.03 -7.57 -34.33
C GLU C 327 -39.78 -7.75 -35.81
N PRO C 328 -38.62 -7.27 -36.27
CA PRO C 328 -38.33 -7.34 -37.69
C PRO C 328 -38.12 -8.78 -38.12
N LYS C 329 -38.71 -9.14 -39.25
CA LYS C 329 -38.56 -10.48 -39.85
C LYS C 329 -37.18 -10.61 -40.50
N ASP C 330 -36.78 -11.85 -40.75
CA ASP C 330 -35.44 -12.15 -41.30
C ASP C 330 -34.32 -11.51 -40.43
N GLY C 331 -33.60 -10.52 -40.96
CA GLY C 331 -32.41 -10.00 -40.30
C GLY C 331 -32.70 -9.46 -38.92
N LYS C 332 -31.67 -8.91 -38.28
CA LYS C 332 -31.84 -7.92 -37.24
C LYS C 332 -32.32 -6.67 -37.98
N GLY C 333 -32.96 -5.76 -37.24
CA GLY C 333 -33.33 -4.48 -37.79
C GLY C 333 -32.43 -3.40 -37.25
N VAL C 334 -32.16 -2.42 -38.11
CA VAL C 334 -31.68 -1.10 -37.75
C VAL C 334 -32.79 -0.21 -37.09
N PHE C 335 -32.61 0.13 -35.81
CA PHE C 335 -33.47 1.09 -35.12
C PHE C 335 -32.75 2.44 -34.97
N ALA C 336 -33.53 3.52 -34.91
CA ALA C 336 -33.04 4.79 -34.40
C ALA C 336 -33.76 5.13 -33.06
N VAL C 337 -33.00 5.24 -31.96
CA VAL C 337 -33.56 5.58 -30.69
C VAL C 337 -33.06 6.95 -30.33
N ASP C 338 -33.98 7.91 -30.34
CA ASP C 338 -33.69 9.32 -30.23
C ASP C 338 -32.63 9.82 -31.23
N GLY C 339 -32.74 9.38 -32.49
CA GLY C 339 -31.69 9.53 -33.48
C GLY C 339 -30.43 8.64 -33.39
N GLU C 340 -30.22 7.90 -32.29
CA GLU C 340 -29.02 7.11 -32.10
C GLU C 340 -29.24 5.74 -32.68
N LEU C 341 -28.23 5.18 -33.39
CA LEU C 341 -28.40 3.86 -33.98
C LEU C 341 -28.46 2.75 -32.96
N MET C 342 -29.33 1.77 -33.21
CA MET C 342 -29.42 0.59 -32.38
C MET C 342 -29.73 -0.61 -33.26
N VAL C 343 -29.16 -1.77 -32.96
CA VAL C 343 -29.47 -2.88 -33.84
C VAL C 343 -30.07 -3.96 -33.00
N SER C 344 -31.23 -4.46 -33.43
CA SER C 344 -31.84 -5.61 -32.71
C SER C 344 -32.87 -6.42 -33.47
N GLU C 345 -32.99 -7.65 -33.01
CA GLU C 345 -33.98 -8.62 -33.53
C GLU C 345 -35.40 -8.15 -33.19
N ALA C 346 -35.61 -7.77 -31.93
CA ALA C 346 -36.92 -7.52 -31.40
C ALA C 346 -36.90 -6.44 -30.29
N VAL C 347 -37.85 -5.50 -30.34
CA VAL C 347 -38.02 -4.40 -29.36
C VAL C 347 -39.49 -4.22 -28.92
N GLN C 348 -39.68 -3.94 -27.65
CA GLN C 348 -40.99 -3.53 -27.19
C GLN C 348 -40.84 -2.36 -26.24
N GLY C 349 -41.87 -1.52 -26.12
CA GLY C 349 -41.75 -0.38 -25.26
C GLY C 349 -43.00 0.01 -24.48
N GLN C 350 -42.79 0.64 -23.33
CA GLN C 350 -43.89 1.22 -22.57
C GLN C 350 -43.59 2.67 -22.17
N VAL C 351 -44.56 3.55 -22.42
CA VAL C 351 -44.45 4.93 -21.99
C VAL C 351 -44.71 5.07 -20.52
N HIS C 352 -43.90 5.83 -19.82
CA HIS C 352 -44.22 6.17 -18.45
C HIS C 352 -44.60 7.64 -18.33
N PRO C 353 -45.67 7.91 -17.59
CA PRO C 353 -46.22 9.23 -17.51
C PRO C 353 -45.36 10.18 -16.64
N ASN C 354 -45.18 11.42 -17.12
CA ASN C 354 -44.66 12.51 -16.28
C ASN C 354 -43.57 12.06 -15.34
N TYR C 355 -42.56 11.45 -15.95
CA TYR C 355 -41.47 10.78 -15.30
C TYR C 355 -40.24 11.67 -15.00
N PHE C 356 -40.03 12.78 -15.69
CA PHE C 356 -38.87 13.61 -15.37
C PHE C 356 -39.20 15.02 -15.75
N TRP C 357 -38.42 15.98 -15.27
CA TRP C 357 -38.61 17.41 -15.51
C TRP C 357 -37.72 17.96 -16.63
N MET C 358 -38.32 18.80 -17.50
CA MET C 358 -37.63 19.56 -18.50
C MET C 358 -37.99 21.02 -18.41
N VAL C 359 -37.06 21.90 -18.76
CA VAL C 359 -37.41 23.27 -18.82
C VAL C 359 -38.33 23.48 -20.00
N SER C 360 -39.43 24.20 -19.77
CA SER C 360 -40.35 24.55 -20.85
C SER C 360 -41.31 25.63 -20.44
N GLY C 361 -42.07 26.20 -21.40
CA GLY C 361 -43.04 27.29 -21.07
C GLY C 361 -44.47 26.95 -21.46
N MET D 3 26.19 25.19 -13.57
CA MET D 3 25.75 26.54 -13.08
C MET D 3 25.96 26.76 -11.55
N GLY D 4 26.33 27.99 -11.18
CA GLY D 4 26.81 28.27 -9.84
C GLY D 4 25.79 28.91 -8.93
N SER D 5 25.89 28.64 -7.64
CA SER D 5 24.92 29.15 -6.66
C SER D 5 25.56 30.10 -5.64
N GLY D 6 26.82 30.50 -5.86
CA GLY D 6 27.53 31.45 -5.00
C GLY D 6 28.89 31.75 -5.61
N VAL D 7 29.56 32.75 -5.08
CA VAL D 7 30.95 33.06 -5.46
C VAL D 7 31.81 33.32 -4.26
N LEU D 8 33.09 32.99 -4.38
CA LEU D 8 34.07 33.57 -3.46
C LEU D 8 34.26 35.04 -3.83
N PRO D 9 34.53 35.90 -2.83
CA PRO D 9 34.97 37.25 -3.14
C PRO D 9 36.23 37.30 -4.00
N ARG D 10 36.43 38.40 -4.70
CA ARG D 10 37.70 38.70 -5.41
C ARG D 10 38.23 40.09 -4.91
N PRO D 11 39.51 40.16 -4.44
CA PRO D 11 40.36 39.03 -4.07
C PRO D 11 39.80 38.29 -2.86
N CYS D 12 40.37 37.13 -2.55
CA CYS D 12 40.02 36.43 -1.30
C CYS D 12 41.23 35.77 -0.63
N ARG D 13 41.06 35.33 0.61
CA ARG D 13 42.10 34.53 1.23
C ARG D 13 41.64 33.14 1.59
N VAL D 14 42.57 32.21 1.38
CA VAL D 14 42.31 30.81 1.44
C VAL D 14 43.33 30.07 2.35
N LEU D 15 42.84 29.24 3.26
CA LEU D 15 43.70 28.32 3.96
C LEU D 15 43.90 27.04 3.13
N VAL D 16 45.14 26.63 2.88
CA VAL D 16 45.43 25.40 2.16
C VAL D 16 45.95 24.27 3.08
N LEU D 17 45.18 23.21 3.25
CA LEU D 17 45.63 22.06 4.07
C LEU D 17 46.18 21.04 3.12
N LEU D 18 47.46 20.74 3.24
CA LEU D 18 48.15 19.93 2.31
C LEU D 18 48.76 18.74 3.00
N ASN D 19 48.60 17.58 2.37
CA ASN D 19 49.28 16.40 2.86
C ASN D 19 50.50 16.13 2.01
N PRO D 20 51.70 16.49 2.55
CA PRO D 20 53.01 16.32 1.91
C PRO D 20 53.34 14.89 1.45
N ARG D 21 52.85 13.87 2.18
CA ARG D 21 52.99 12.47 1.72
C ARG D 21 51.78 12.14 0.85
N GLY D 22 51.86 12.62 -0.40
CA GLY D 22 50.70 12.72 -1.28
C GLY D 22 51.10 13.32 -2.61
N GLY D 23 50.43 12.89 -3.70
CA GLY D 23 50.98 12.98 -5.09
C GLY D 23 52.22 12.10 -5.00
N LYS D 24 51.97 10.88 -4.53
CA LYS D 24 52.78 10.27 -3.47
C LYS D 24 54.15 10.85 -3.25
N GLY D 25 54.20 11.68 -2.20
CA GLY D 25 55.41 12.28 -1.72
C GLY D 25 55.59 13.71 -2.21
N LYS D 26 54.83 14.13 -3.20
CA LYS D 26 55.17 15.44 -3.72
C LYS D 26 54.01 16.42 -3.99
N ALA D 27 52.99 16.36 -3.15
CA ALA D 27 51.91 17.35 -3.13
C ALA D 27 52.44 18.78 -3.11
N LEU D 28 53.36 19.05 -2.17
CA LEU D 28 54.02 20.34 -2.05
C LEU D 28 54.66 20.88 -3.35
N GLN D 29 55.50 20.09 -3.98
CA GLN D 29 56.08 20.48 -5.28
C GLN D 29 54.98 20.67 -6.37
N LEU D 30 53.92 19.90 -6.28
CA LEU D 30 52.80 20.09 -7.23
C LEU D 30 52.09 21.39 -6.92
N PHE D 31 51.89 21.63 -5.63
CA PHE D 31 51.28 22.88 -5.27
C PHE D 31 52.11 24.01 -5.88
N ARG D 32 53.41 23.98 -5.58
CA ARG D 32 54.37 25.01 -6.04
C ARG D 32 54.38 25.20 -7.60
N SER D 33 54.46 24.10 -8.36
CA SER D 33 54.48 24.18 -9.83
C SER D 33 53.11 24.43 -10.47
N HIS D 34 52.05 23.78 -9.97
CA HIS D 34 50.79 23.77 -10.69
C HIS D 34 49.69 24.64 -10.16
N VAL D 35 49.80 25.04 -8.90
CA VAL D 35 48.67 25.69 -8.25
C VAL D 35 49.00 27.12 -7.90
N GLN D 36 50.19 27.32 -7.33
CA GLN D 36 50.54 28.67 -6.87
C GLN D 36 50.52 29.71 -7.95
N PRO D 37 51.09 29.43 -9.12
CA PRO D 37 51.13 30.54 -10.07
C PRO D 37 49.73 30.92 -10.52
N LEU D 38 48.83 29.94 -10.65
CA LEU D 38 47.42 30.23 -10.97
C LEU D 38 46.71 31.06 -9.88
N LEU D 39 46.95 30.73 -8.62
CA LEU D 39 46.42 31.50 -7.53
C LEU D 39 46.86 32.95 -7.61
N ALA D 40 48.16 33.16 -7.88
CA ALA D 40 48.72 34.52 -7.90
C ALA D 40 47.96 35.34 -8.95
N GLU D 41 47.82 34.83 -10.16
CA GLU D 41 47.08 35.59 -11.16
C GLU D 41 45.58 35.82 -10.79
N ALA D 42 44.94 34.86 -10.12
CA ALA D 42 43.54 35.01 -9.64
C ALA D 42 43.39 35.86 -8.39
N GLU D 43 44.53 36.38 -7.87
CA GLU D 43 44.51 37.26 -6.70
C GLU D 43 43.83 36.52 -5.56
N ILE D 44 44.16 35.24 -5.46
CA ILE D 44 43.80 34.41 -4.33
C ILE D 44 45.04 34.34 -3.42
N SER D 45 44.98 34.97 -2.24
CA SER D 45 45.99 34.75 -1.21
C SER D 45 45.82 33.41 -0.55
N PHE D 46 46.91 32.81 -0.12
CA PHE D 46 46.82 31.57 0.59
C PHE D 46 47.82 31.46 1.75
N THR D 47 47.49 30.62 2.73
CA THR D 47 48.48 30.11 3.60
C THR D 47 48.47 28.56 3.60
N LEU D 48 49.64 27.93 3.44
CA LEU D 48 49.78 26.49 3.50
C LEU D 48 50.00 25.95 4.91
N MET D 49 49.19 24.98 5.30
CA MET D 49 49.31 24.32 6.58
C MET D 49 49.60 22.90 6.18
N LEU D 50 50.57 22.21 6.79
CA LEU D 50 50.90 20.82 6.41
C LEU D 50 50.31 19.86 7.39
N THR D 51 49.64 18.80 6.93
CA THR D 51 49.00 17.81 7.85
C THR D 51 49.87 16.59 8.18
N GLU D 52 49.75 15.55 7.32
CA GLU D 52 50.43 14.23 7.49
C GLU D 52 49.68 13.24 8.44
N ARG D 53 49.77 13.52 9.77
CA ARG D 53 49.25 12.64 10.83
C ARG D 53 47.72 12.57 10.88
N ARG D 54 47.22 11.48 11.44
CA ARG D 54 45.81 11.15 11.36
C ARG D 54 45.00 12.11 12.25
N ASN D 55 43.87 12.61 11.72
CA ASN D 55 42.95 13.47 12.50
C ASN D 55 43.50 14.85 12.79
N HIS D 56 44.71 15.11 12.29
CA HIS D 56 45.35 16.36 12.47
C HIS D 56 44.54 17.48 11.81
N ALA D 57 44.27 17.28 10.53
CA ALA D 57 43.45 18.20 9.74
C ALA D 57 42.06 18.39 10.34
N ARG D 58 41.48 17.30 10.79
CA ARG D 58 40.23 17.31 11.52
C ARG D 58 40.30 18.22 12.78
N GLU D 59 41.32 18.02 13.63
CA GLU D 59 41.48 18.81 14.85
C GLU D 59 41.71 20.28 14.57
N LEU D 60 42.48 20.58 13.52
CA LEU D 60 42.72 21.95 13.10
C LEU D 60 41.44 22.71 12.69
N VAL D 61 40.68 22.10 11.78
CA VAL D 61 39.41 22.64 11.27
C VAL D 61 38.41 22.78 12.44
N ARG D 62 38.48 21.88 13.42
CA ARG D 62 37.62 21.96 14.61
C ARG D 62 37.83 23.21 15.48
N SER D 63 39.09 23.72 15.50
CA SER D 63 39.50 24.85 16.38
C SER D 63 39.78 26.09 15.54
N GLU D 64 39.76 25.95 14.23
CA GLU D 64 40.04 27.09 13.42
C GLU D 64 39.04 28.22 13.67
N GLU D 65 39.58 29.44 13.62
CA GLU D 65 38.79 30.67 13.53
C GLU D 65 38.45 30.86 12.04
N LEU D 66 37.24 30.46 11.65
CA LEU D 66 36.89 30.30 10.24
C LEU D 66 36.69 31.59 9.51
N GLY D 67 36.30 32.61 10.29
CA GLY D 67 36.19 33.99 9.81
C GLY D 67 37.39 34.58 9.10
N ARG D 68 38.62 34.10 9.34
CA ARG D 68 39.79 34.67 8.61
C ARG D 68 39.86 34.18 7.16
N TRP D 69 39.15 33.12 6.83
CA TRP D 69 39.32 32.54 5.49
C TRP D 69 38.05 32.66 4.65
N ASP D 70 38.19 32.88 3.37
CA ASP D 70 37.01 32.81 2.52
C ASP D 70 36.70 31.36 2.12
N ALA D 71 37.70 30.47 2.16
CA ALA D 71 37.53 29.03 1.81
C ALA D 71 38.64 28.17 2.37
N LEU D 72 38.39 26.87 2.45
CA LEU D 72 39.41 25.93 2.86
C LEU D 72 39.71 25.08 1.68
N VAL D 73 40.96 25.08 1.23
CA VAL D 73 41.35 24.20 0.17
C VAL D 73 42.19 23.03 0.68
N VAL D 74 41.73 21.85 0.31
CA VAL D 74 42.20 20.64 0.86
C VAL D 74 42.89 19.95 -0.31
N MET D 75 44.21 19.79 -0.20
CA MET D 75 45.00 19.25 -1.27
C MET D 75 45.55 17.91 -0.84
N SER D 76 44.93 16.87 -1.35
CA SER D 76 45.24 15.55 -0.95
C SER D 76 44.19 14.66 -1.56
N GLY D 77 43.83 13.59 -0.86
CA GLY D 77 42.77 12.72 -1.34
C GLY D 77 41.37 13.01 -0.83
N ASP D 78 40.48 12.07 -1.13
CA ASP D 78 39.14 12.09 -0.57
C ASP D 78 39.21 12.00 0.92
N GLY D 79 40.14 11.20 1.47
CA GLY D 79 40.42 11.04 2.89
C GLY D 79 40.50 12.40 3.60
N LEU D 80 41.30 13.31 3.06
CA LEU D 80 41.44 14.59 3.74
C LEU D 80 40.15 15.42 3.69
N MET D 81 39.43 15.39 2.60
CA MET D 81 38.13 16.06 2.64
C MET D 81 37.15 15.49 3.69
N HIS D 82 37.11 14.19 3.82
CA HIS D 82 36.41 13.51 4.85
C HIS D 82 36.75 14.02 6.30
N GLU D 83 38.05 14.08 6.64
CA GLU D 83 38.47 14.63 7.95
C GLU D 83 38.02 16.08 8.20
N VAL D 84 38.19 16.93 7.21
CA VAL D 84 37.82 18.35 7.32
C VAL D 84 36.31 18.50 7.54
N VAL D 85 35.50 17.92 6.67
CA VAL D 85 34.06 17.96 6.87
C VAL D 85 33.62 17.41 8.20
N ASN D 86 34.13 16.25 8.60
CA ASN D 86 33.84 15.76 9.95
C ASN D 86 34.32 16.67 11.08
N GLY D 87 35.42 17.42 10.85
CA GLY D 87 35.91 18.35 11.83
C GLY D 87 34.99 19.54 11.95
N LEU D 88 34.50 20.05 10.80
CA LEU D 88 33.56 21.16 10.88
C LEU D 88 32.27 20.69 11.59
N MET D 89 31.80 19.48 11.30
CA MET D 89 30.52 19.00 11.85
C MET D 89 30.62 18.79 13.35
N GLU D 90 31.82 18.46 13.85
CA GLU D 90 32.00 18.15 15.28
C GLU D 90 31.98 19.39 16.17
N ARG D 91 32.00 20.58 15.58
CA ARG D 91 32.04 21.82 16.33
C ARG D 91 30.67 22.23 16.92
N PRO D 92 30.70 22.87 18.11
CA PRO D 92 29.50 23.42 18.74
C PRO D 92 28.75 24.31 17.76
N ASP D 93 29.44 25.18 17.02
CA ASP D 93 28.85 25.98 15.95
C ASP D 93 28.81 25.32 14.53
N TRP D 94 28.65 24.01 14.49
CA TRP D 94 28.59 23.29 13.22
C TRP D 94 27.61 23.88 12.23
N GLU D 95 26.44 24.32 12.69
CA GLU D 95 25.47 24.85 11.68
C GLU D 95 26.06 25.98 10.84
N THR D 96 26.87 26.86 11.43
CA THR D 96 27.50 27.94 10.64
C THR D 96 28.87 27.46 10.06
N ALA D 97 29.56 26.61 10.79
CA ALA D 97 30.88 26.14 10.32
C ALA D 97 30.82 25.30 9.00
N ILE D 98 29.83 24.42 8.88
CA ILE D 98 29.63 23.67 7.64
C ILE D 98 29.35 24.56 6.40
N GLN D 99 29.10 25.84 6.61
CA GLN D 99 28.88 26.70 5.45
C GLN D 99 30.14 27.36 4.92
N LYS D 100 31.30 27.13 5.58
CA LYS D 100 32.53 27.60 4.99
C LYS D 100 32.86 26.89 3.61
N PRO D 101 32.98 27.66 2.53
CA PRO D 101 33.27 26.95 1.25
C PRO D 101 34.55 26.11 1.22
N LEU D 102 34.49 24.97 0.57
CA LEU D 102 35.55 24.02 0.63
C LEU D 102 35.93 23.74 -0.81
N CYS D 103 37.13 23.20 -0.99
CA CYS D 103 37.66 23.07 -2.30
C CYS D 103 38.57 21.88 -2.29
N SER D 104 38.48 21.11 -3.35
CA SER D 104 39.25 19.88 -3.42
C SER D 104 40.24 19.95 -4.59
N LEU D 105 41.52 19.84 -4.26
CA LEU D 105 42.63 19.86 -5.20
C LEU D 105 43.31 18.49 -5.08
N PRO D 106 43.24 17.66 -6.14
CA PRO D 106 43.67 16.26 -6.06
C PRO D 106 45.20 16.07 -6.01
N ALA D 107 45.68 15.44 -4.96
CA ALA D 107 47.06 15.03 -4.88
C ALA D 107 47.04 13.55 -4.54
N GLY D 108 46.38 13.20 -3.44
CA GLY D 108 46.32 11.82 -2.98
C GLY D 108 45.98 10.70 -3.95
N SER D 109 45.61 9.58 -3.35
CA SER D 109 45.49 8.37 -4.15
C SER D 109 44.15 8.32 -4.87
N GLY D 110 43.07 8.54 -4.11
CA GLY D 110 41.70 8.51 -4.61
C GLY D 110 41.19 9.94 -4.60
N ASN D 111 40.79 10.40 -5.80
CA ASN D 111 40.39 11.77 -6.02
C ASN D 111 39.02 11.76 -6.73
N ALA D 112 38.11 10.91 -6.25
CA ALA D 112 36.75 10.80 -6.79
C ALA D 112 36.00 12.06 -6.60
N LEU D 113 36.18 12.72 -5.47
CA LEU D 113 35.51 13.98 -5.33
C LEU D 113 35.98 14.95 -6.44
N ALA D 114 37.30 15.18 -6.56
CA ALA D 114 37.82 16.15 -7.55
C ALA D 114 37.34 15.73 -8.95
N ALA D 115 37.39 14.42 -9.20
CA ALA D 115 37.02 13.84 -10.53
C ALA D 115 35.57 14.17 -10.83
N SER D 116 34.68 14.03 -9.84
CA SER D 116 33.26 14.35 -10.05
C SER D 116 33.06 15.79 -10.43
N LEU D 117 33.76 16.68 -9.74
CA LEU D 117 33.57 18.11 -9.92
C LEU D 117 34.12 18.62 -11.25
N ASN D 118 35.21 17.99 -11.68
CA ASN D 118 35.76 18.21 -12.97
C ASN D 118 34.77 17.76 -14.07
N HIS D 119 34.18 16.58 -13.89
CA HIS D 119 33.01 16.11 -14.67
C HIS D 119 31.82 17.09 -14.67
N TYR D 120 31.34 17.49 -13.51
CA TYR D 120 30.24 18.48 -13.51
C TYR D 120 30.54 19.73 -14.31
N ALA D 121 31.81 20.15 -14.36
CA ALA D 121 32.19 21.41 -14.95
C ALA D 121 32.22 21.34 -16.48
N GLY D 122 32.16 20.12 -17.02
CA GLY D 122 32.13 19.91 -18.46
C GLY D 122 33.48 19.47 -18.99
N TYR D 123 34.43 19.09 -18.12
CA TYR D 123 35.78 18.74 -18.56
C TYR D 123 35.87 17.29 -18.95
N GLU D 124 36.89 17.01 -19.74
CA GLU D 124 37.23 15.64 -20.10
C GLU D 124 37.54 14.85 -18.86
N GLN D 125 37.54 13.54 -18.97
CA GLN D 125 37.95 12.75 -17.85
C GLN D 125 39.47 12.69 -17.66
N VAL D 126 40.06 13.73 -17.06
CA VAL D 126 41.50 13.77 -16.90
C VAL D 126 41.96 13.36 -15.50
N THR D 127 43.27 13.15 -15.40
CA THR D 127 43.90 12.42 -14.33
C THR D 127 45.20 13.17 -13.95
N ASN D 128 45.75 12.89 -12.78
CA ASN D 128 47.03 13.51 -12.33
C ASN D 128 47.05 15.02 -12.39
N GLU D 129 47.98 15.56 -13.15
CA GLU D 129 48.22 17.00 -13.12
C GLU D 129 47.30 17.81 -14.01
N ASP D 130 46.75 17.17 -15.04
CA ASP D 130 45.66 17.74 -15.85
C ASP D 130 44.44 17.94 -14.97
N LEU D 131 44.15 16.95 -14.13
CA LEU D 131 43.04 17.05 -13.17
C LEU D 131 43.34 18.14 -12.12
N LEU D 132 44.56 18.15 -11.56
CA LEU D 132 44.94 19.19 -10.64
C LEU D 132 44.78 20.60 -11.24
N THR D 133 45.18 20.74 -12.50
CA THR D 133 45.08 22.05 -13.16
C THR D 133 43.63 22.47 -13.37
N ASN D 134 42.81 21.54 -13.83
CA ASN D 134 41.33 21.78 -13.92
C ASN D 134 40.66 22.21 -12.60
N CYS D 135 40.92 21.50 -11.51
CA CYS D 135 40.33 21.83 -10.21
C CYS D 135 40.82 23.16 -9.68
N THR D 136 42.07 23.51 -9.99
CA THR D 136 42.64 24.84 -9.63
C THR D 136 41.98 25.93 -10.45
N LEU D 137 41.74 25.62 -11.73
CA LEU D 137 41.03 26.60 -12.62
C LEU D 137 39.66 26.91 -12.07
N LEU D 138 39.01 25.89 -11.50
CA LEU D 138 37.68 26.04 -10.87
C LEU D 138 37.80 26.93 -9.66
N LEU D 139 38.83 26.66 -8.86
CA LEU D 139 39.10 27.51 -7.72
C LEU D 139 39.32 28.94 -8.22
N CYS D 140 40.03 29.11 -9.33
CA CYS D 140 40.26 30.48 -9.82
C CYS D 140 38.99 31.17 -10.32
N ARG D 141 38.00 30.39 -10.76
CA ARG D 141 36.79 31.02 -11.25
C ARG D 141 35.84 31.32 -10.11
N ARG D 142 36.08 30.66 -8.98
CA ARG D 142 35.44 31.07 -7.70
C ARG D 142 33.99 30.66 -7.48
N LEU D 143 33.35 30.00 -8.44
CA LEU D 143 31.94 29.55 -8.30
C LEU D 143 31.76 28.42 -7.28
N LEU D 144 30.67 28.51 -6.52
CA LEU D 144 30.29 27.61 -5.46
C LEU D 144 28.96 26.93 -5.82
N SER D 145 28.84 25.62 -5.50
CA SER D 145 27.57 24.85 -5.47
C SER D 145 27.39 24.10 -4.12
N PRO D 146 26.15 23.95 -3.63
CA PRO D 146 25.93 23.16 -2.38
C PRO D 146 26.04 21.67 -2.71
N MET D 147 26.40 20.80 -1.75
CA MET D 147 26.53 19.36 -2.01
C MET D 147 25.81 18.63 -0.89
N ASN D 148 25.39 17.40 -1.18
CA ASN D 148 24.76 16.56 -0.18
C ASN D 148 25.80 15.97 0.78
N LEU D 149 25.35 15.61 1.99
CA LEU D 149 26.21 15.00 2.97
C LEU D 149 25.50 13.77 3.51
N LEU D 150 26.21 12.66 3.58
CA LEU D 150 25.65 11.43 4.23
C LEU D 150 25.95 11.34 5.71
N SER D 151 24.90 11.20 6.51
CA SER D 151 25.08 11.01 7.95
C SER D 151 25.12 9.54 8.25
N LEU D 152 26.16 9.06 8.92
CA LEU D 152 26.28 7.63 9.19
C LEU D 152 26.27 7.27 10.67
N HIS D 153 25.75 6.08 10.99
CA HIS D 153 25.69 5.54 12.35
C HIS D 153 26.12 4.10 12.26
N THR D 154 26.99 3.72 13.19
CA THR D 154 27.45 2.36 13.29
C THR D 154 26.82 1.63 14.47
N ALA D 155 26.91 0.30 14.39
CA ALA D 155 26.50 -0.57 15.52
C ALA D 155 27.14 -0.14 16.83
N SER D 156 28.34 0.44 16.80
CA SER D 156 28.93 0.80 18.10
C SER D 156 28.46 2.15 18.65
N GLY D 157 27.55 2.82 17.93
CA GLY D 157 27.08 4.15 18.33
C GLY D 157 27.91 5.33 17.81
N LEU D 158 28.88 5.09 16.94
CA LEU D 158 29.57 6.21 16.32
C LEU D 158 28.61 6.87 15.30
N ARG D 159 28.70 8.19 15.19
CA ARG D 159 27.99 8.93 14.18
C ARG D 159 29.06 9.60 13.36
N LEU D 160 29.01 9.54 12.04
CA LEU D 160 30.08 10.18 11.25
C LEU D 160 29.53 10.64 9.90
N PHE D 161 30.25 11.53 9.20
CA PHE D 161 29.76 12.04 7.92
C PHE D 161 30.63 11.60 6.80
N SER D 162 30.03 11.56 5.63
CA SER D 162 30.62 11.03 4.43
C SER D 162 30.23 12.02 3.31
N VAL D 163 31.23 12.44 2.56
CA VAL D 163 31.02 13.39 1.50
C VAL D 163 30.94 12.70 0.14
N LEU D 164 31.30 11.42 0.09
CA LEU D 164 31.46 10.75 -1.20
C LEU D 164 30.78 9.34 -1.24
N SER D 165 31.17 8.47 -0.32
CA SER D 165 30.86 7.07 -0.47
C SER D 165 30.98 6.17 0.78
N LEU D 166 30.11 5.17 0.82
CA LEU D 166 30.21 4.09 1.80
C LEU D 166 30.20 2.86 0.94
N ALA D 167 31.26 2.09 1.07
CA ALA D 167 31.37 0.84 0.33
C ALA D 167 31.57 -0.34 1.23
N TRP D 168 31.02 -1.47 0.79
CA TRP D 168 31.19 -2.74 1.52
C TRP D 168 31.35 -3.86 0.52
N GLY D 169 32.10 -4.88 0.90
CA GLY D 169 32.28 -6.00 0.00
C GLY D 169 33.51 -5.78 -0.86
N PHE D 170 33.41 -6.17 -2.12
CA PHE D 170 34.59 -6.22 -2.99
C PHE D 170 35.37 -4.88 -3.03
N ILE D 171 34.63 -3.80 -3.30
CA ILE D 171 35.20 -2.43 -3.31
C ILE D 171 35.93 -2.11 -2.05
N ALA D 172 35.32 -2.42 -0.91
CA ALA D 172 35.96 -2.13 0.36
C ALA D 172 37.21 -2.97 0.61
N ASP D 173 37.22 -4.19 0.10
CA ASP D 173 38.40 -5.04 0.34
C ASP D 173 39.58 -4.55 -0.51
N VAL D 174 39.29 -4.35 -1.80
CA VAL D 174 40.22 -3.89 -2.80
C VAL D 174 40.82 -2.58 -2.40
N ASP D 175 40.04 -1.73 -1.72
CA ASP D 175 40.58 -0.47 -1.22
C ASP D 175 41.59 -0.72 -0.15
N LEU D 176 41.21 -1.51 0.85
CA LEU D 176 42.05 -1.75 2.01
C LEU D 176 43.31 -2.47 1.60
N GLU D 177 43.17 -3.61 0.90
CA GLU D 177 44.30 -4.31 0.25
C GLU D 177 45.25 -3.31 -0.42
N SER D 178 44.79 -2.85 -1.58
CA SER D 178 45.48 -1.91 -2.45
C SER D 178 46.36 -0.82 -1.87
N GLU D 179 46.27 -0.55 -0.58
CA GLU D 179 47.12 0.53 -0.11
C GLU D 179 48.63 0.28 -0.25
N LYS D 180 49.02 -0.97 -0.43
CA LYS D 180 50.41 -1.27 -0.67
C LYS D 180 50.87 -0.72 -2.03
N TYR D 181 50.10 -1.03 -3.08
CA TYR D 181 50.45 -0.60 -4.42
C TYR D 181 50.15 0.87 -4.64
N ARG D 182 50.02 1.64 -3.56
CA ARG D 182 49.62 3.04 -3.67
C ARG D 182 50.56 3.89 -4.56
N ARG D 183 51.86 3.63 -4.46
CA ARG D 183 52.85 4.26 -5.33
C ARG D 183 52.44 4.25 -6.82
N LEU D 184 51.93 3.10 -7.29
CA LEU D 184 51.43 2.96 -8.66
C LEU D 184 50.30 3.96 -8.99
N GLY D 185 49.99 4.88 -8.06
CA GLY D 185 49.01 5.98 -8.28
C GLY D 185 47.60 5.42 -8.39
N GLU D 186 46.74 6.05 -9.20
CA GLU D 186 45.37 5.51 -9.36
C GLU D 186 45.24 4.07 -9.97
N MET D 187 46.23 3.57 -10.71
CA MET D 187 46.13 2.20 -11.26
C MET D 187 46.13 1.15 -10.15
N ARG D 188 46.45 1.54 -8.93
CA ARG D 188 46.38 0.63 -7.79
C ARG D 188 45.02 -0.11 -7.62
N PHE D 189 43.92 0.52 -8.05
CA PHE D 189 42.58 -0.05 -7.95
C PHE D 189 42.32 -0.99 -9.09
N THR D 190 42.85 -0.71 -10.27
CA THR D 190 42.72 -1.67 -11.37
C THR D 190 43.47 -2.98 -11.04
N LEU D 191 44.62 -2.84 -10.38
CA LEU D 191 45.39 -3.99 -9.96
C LEU D 191 44.59 -4.88 -8.96
N GLY D 192 44.34 -4.32 -7.75
CA GLY D 192 43.41 -4.89 -6.77
C GLY D 192 42.14 -5.50 -7.37
N THR D 193 41.44 -4.73 -8.18
CA THR D 193 40.26 -5.30 -8.80
C THR D 193 40.52 -6.55 -9.69
N PHE D 194 41.61 -6.53 -10.46
CA PHE D 194 41.99 -7.66 -11.32
C PHE D 194 42.30 -8.90 -10.49
N LEU D 195 43.11 -8.71 -9.44
CA LEU D 195 43.61 -9.85 -8.69
C LEU D 195 42.52 -10.44 -7.76
N ARG D 196 41.67 -9.58 -7.23
CA ARG D 196 40.55 -10.01 -6.38
C ARG D 196 39.38 -10.59 -7.16
N LEU D 197 39.24 -10.16 -8.40
CA LEU D 197 38.24 -10.68 -9.30
C LEU D 197 38.56 -12.15 -9.63
N ALA D 198 39.82 -12.55 -9.42
CA ALA D 198 40.19 -13.95 -9.58
C ALA D 198 40.11 -14.64 -8.24
N ALA D 199 40.44 -13.94 -7.15
CA ALA D 199 40.24 -14.47 -5.78
C ALA D 199 38.88 -14.01 -5.16
N LEU D 200 37.82 -14.05 -5.99
CA LEU D 200 36.47 -13.57 -5.63
C LEU D 200 36.10 -14.15 -4.29
N ARG D 201 35.58 -13.32 -3.38
CA ARG D 201 34.87 -13.87 -2.24
C ARG D 201 33.58 -13.12 -2.11
N THR D 202 32.55 -13.73 -1.55
CA THR D 202 31.28 -13.02 -1.40
C THR D 202 31.01 -12.67 0.03
N TYR D 203 29.98 -11.85 0.22
CA TYR D 203 29.71 -11.29 1.54
C TYR D 203 28.21 -11.46 1.86
N ARG D 204 27.96 -12.04 3.03
CA ARG D 204 26.59 -12.24 3.50
C ARG D 204 26.16 -11.04 4.37
N GLY D 205 24.95 -10.54 4.12
CA GLY D 205 24.35 -9.52 4.97
C GLY D 205 22.98 -9.05 4.53
N ARG D 206 22.34 -8.17 5.34
CA ARG D 206 21.01 -7.58 4.96
C ARG D 206 21.08 -6.09 4.59
N LEU D 207 20.51 -5.72 3.46
CA LEU D 207 20.42 -4.36 2.98
C LEU D 207 18.96 -3.94 2.90
N ALA D 208 18.66 -2.78 3.46
CA ALA D 208 17.38 -2.15 3.25
C ALA D 208 17.63 -0.71 2.86
N TYR D 209 16.63 -0.05 2.28
CA TYR D 209 16.78 1.35 1.91
C TYR D 209 15.45 2.05 1.73
N LEU D 210 15.49 3.37 1.80
CA LEU D 210 14.36 4.19 1.46
C LEU D 210 14.56 4.88 0.10
N PRO D 211 13.91 4.38 -0.96
CA PRO D 211 13.94 5.09 -2.26
C PRO D 211 13.25 6.43 -2.20
N VAL D 212 13.72 7.32 -3.05
CA VAL D 212 13.21 8.67 -3.14
C VAL D 212 11.68 8.76 -3.24
N GLY D 213 11.12 7.92 -4.08
CA GLY D 213 9.71 8.02 -4.45
C GLY D 213 8.79 7.66 -3.31
N ARG D 214 9.35 6.97 -2.31
CA ARG D 214 8.60 6.35 -1.21
C ARG D 214 8.70 7.16 0.07
N VAL D 215 9.25 8.37 0.01
CA VAL D 215 9.24 9.23 1.19
C VAL D 215 7.94 10.08 1.25
N GLY D 216 7.19 9.92 2.34
CA GLY D 216 5.93 10.66 2.55
C GLY D 216 6.18 11.94 3.30
N SER D 217 5.24 12.33 4.15
CA SER D 217 5.19 13.64 4.86
C SER D 217 5.60 13.62 6.34
N GLN D 228 24.21 15.88 19.48
CA GLN D 228 25.00 16.81 18.65
C GLN D 228 24.37 16.98 17.23
N GLY D 229 24.95 17.76 16.30
CA GLY D 229 24.55 17.76 14.84
C GLY D 229 23.09 17.63 14.42
N PRO D 230 22.78 17.45 13.09
CA PRO D 230 21.41 17.31 12.55
C PRO D 230 20.70 16.04 12.98
N VAL D 231 19.37 15.99 12.92
CA VAL D 231 18.74 14.72 13.28
C VAL D 231 18.43 13.98 12.00
N ASP D 232 18.58 12.67 12.02
CA ASP D 232 18.35 11.89 10.85
C ASP D 232 16.91 11.35 11.01
N ALA D 233 15.91 12.18 10.74
CA ALA D 233 14.48 11.75 10.94
C ALA D 233 14.00 10.46 10.21
N HIS D 234 14.65 10.08 9.10
CA HIS D 234 14.29 8.84 8.39
C HIS D 234 14.78 7.57 9.07
N LEU D 235 15.67 7.69 10.05
CA LEU D 235 16.32 6.49 10.65
C LEU D 235 15.75 6.06 11.97
N VAL D 236 15.68 4.75 12.18
CA VAL D 236 15.30 4.24 13.49
C VAL D 236 16.46 3.44 14.07
N PRO D 237 16.55 3.39 15.40
CA PRO D 237 17.61 2.63 16.06
C PRO D 237 17.90 1.25 15.41
N LEU D 238 19.18 0.95 15.31
CA LEU D 238 19.67 -0.29 14.67
C LEU D 238 19.14 -1.60 15.25
N GLU D 239 18.67 -1.59 16.48
CA GLU D 239 18.07 -2.82 17.02
C GLU D 239 16.57 -2.95 16.68
N GLU D 240 16.02 -1.98 15.97
CA GLU D 240 14.61 -1.99 15.55
C GLU D 240 14.59 -2.45 14.10
N PRO D 241 13.49 -3.08 13.66
CA PRO D 241 13.45 -3.33 12.22
C PRO D 241 13.31 -1.99 11.50
N VAL D 242 13.63 -1.94 10.22
CA VAL D 242 13.40 -0.72 9.46
C VAL D 242 11.88 -0.41 9.34
N PRO D 243 11.52 0.86 9.06
CA PRO D 243 10.13 1.13 8.77
C PRO D 243 9.59 0.37 7.56
N SER D 244 8.32 0.02 7.67
CA SER D 244 7.65 -0.83 6.66
C SER D 244 7.60 -0.19 5.26
N HIS D 245 7.67 1.14 5.16
CA HIS D 245 7.70 1.73 3.83
C HIS D 245 9.08 1.64 3.09
N TRP D 246 10.08 1.02 3.73
CA TRP D 246 11.40 0.81 3.08
C TRP D 246 11.40 -0.47 2.25
N THR D 247 12.38 -0.65 1.36
CA THR D 247 12.53 -1.89 0.62
C THR D 247 13.53 -2.72 1.37
N VAL D 248 13.18 -3.95 1.68
CA VAL D 248 14.14 -4.86 2.27
C VAL D 248 14.56 -5.87 1.20
N VAL D 249 15.82 -5.78 0.78
CA VAL D 249 16.38 -6.60 -0.29
C VAL D 249 16.33 -8.11 0.06
N PRO D 250 15.71 -8.93 -0.80
CA PRO D 250 15.56 -10.37 -0.55
C PRO D 250 16.93 -11.11 -0.43
N ASP D 251 17.77 -10.91 -1.44
CA ASP D 251 19.11 -11.53 -1.56
C ASP D 251 19.96 -11.16 -0.34
N GLU D 252 20.65 -12.13 0.25
CA GLU D 252 21.54 -11.89 1.39
C GLU D 252 23.03 -12.29 1.17
N ASP D 253 23.35 -12.41 -0.11
CA ASP D 253 24.65 -12.78 -0.64
C ASP D 253 25.11 -11.68 -1.59
N PHE D 254 26.26 -11.10 -1.31
CA PHE D 254 26.68 -9.90 -2.06
C PHE D 254 28.12 -9.96 -2.62
N VAL D 255 28.31 -9.36 -3.78
CA VAL D 255 29.71 -9.01 -4.12
C VAL D 255 30.07 -7.57 -3.60
N LEU D 256 29.22 -6.60 -3.92
CA LEU D 256 29.36 -5.29 -3.24
C LEU D 256 28.10 -4.49 -2.96
N VAL D 257 28.20 -3.69 -1.89
CA VAL D 257 27.26 -2.58 -1.67
C VAL D 257 27.96 -1.20 -1.76
N LEU D 258 27.41 -0.32 -2.61
CA LEU D 258 27.93 1.02 -2.70
C LEU D 258 26.85 2.12 -2.61
N ALA D 259 26.95 2.93 -1.56
CA ALA D 259 26.27 4.24 -1.47
C ALA D 259 27.25 5.25 -2.02
N LEU D 260 26.81 6.01 -3.01
CA LEU D 260 27.66 7.01 -3.64
C LEU D 260 26.90 8.32 -3.87
N LEU D 261 27.47 9.45 -3.42
CA LEU D 261 26.82 10.75 -3.63
C LEU D 261 27.18 11.45 -4.92
N HIS D 262 28.15 10.92 -5.68
CA HIS D 262 28.65 11.67 -6.80
C HIS D 262 28.71 10.87 -8.03
N SER D 263 29.11 11.49 -9.12
CA SER D 263 29.25 10.77 -10.41
C SER D 263 30.43 9.78 -10.42
N HIS D 264 31.49 10.10 -9.70
CA HIS D 264 32.71 9.32 -9.86
C HIS D 264 33.19 8.61 -8.61
N LEU D 265 33.69 7.40 -8.83
CA LEU D 265 34.28 6.58 -7.80
C LEU D 265 35.78 6.65 -7.84
N GLY D 266 36.35 7.30 -8.86
CA GLY D 266 37.78 7.49 -8.99
C GLY D 266 37.97 8.35 -10.21
N SER D 267 39.17 8.92 -10.36
CA SER D 267 39.43 9.77 -11.54
C SER D 267 39.12 9.06 -12.87
N GLU D 268 39.11 7.73 -12.88
CA GLU D 268 38.70 7.00 -14.09
C GLU D 268 37.57 5.97 -13.91
N MET D 269 36.67 6.29 -12.97
CA MET D 269 35.53 5.44 -12.65
C MET D 269 34.22 6.27 -12.63
N PHE D 270 33.62 6.38 -13.83
CA PHE D 270 32.40 7.06 -14.06
C PHE D 270 31.31 6.05 -13.64
N ALA D 271 31.10 5.96 -12.34
CA ALA D 271 30.28 4.89 -11.80
C ALA D 271 28.84 5.27 -11.96
N ALA D 272 28.54 6.56 -11.93
CA ALA D 272 27.15 6.94 -11.96
C ALA D 272 26.82 7.85 -13.10
N PRO D 273 26.69 7.26 -14.32
CA PRO D 273 26.45 8.09 -15.48
C PRO D 273 25.00 8.54 -15.64
N MET D 274 24.05 7.98 -14.92
CA MET D 274 22.71 8.61 -14.94
C MET D 274 22.99 10.05 -14.49
N GLY D 275 22.03 10.94 -14.37
CA GLY D 275 22.50 12.35 -14.05
C GLY D 275 23.09 12.64 -12.65
N ARG D 276 23.52 13.88 -12.44
CA ARG D 276 23.87 14.39 -11.13
C ARG D 276 22.74 14.27 -10.08
N CYS D 277 23.08 13.87 -8.86
CA CYS D 277 22.07 13.68 -7.80
C CYS D 277 21.34 14.94 -7.43
N ALA D 278 20.02 14.85 -7.27
CA ALA D 278 19.25 15.95 -6.71
C ALA D 278 19.56 16.11 -5.23
N ALA D 279 19.08 17.22 -4.71
CA ALA D 279 19.31 17.63 -3.36
C ALA D 279 18.65 16.62 -2.43
N GLY D 280 19.43 16.00 -1.55
CA GLY D 280 18.88 15.05 -0.56
C GLY D 280 18.84 13.63 -1.12
N VAL D 281 19.46 13.44 -2.27
CA VAL D 281 19.48 12.15 -2.92
C VAL D 281 20.89 11.61 -3.15
N MET D 282 21.05 10.29 -3.01
CA MET D 282 22.27 9.62 -3.45
C MET D 282 22.02 8.32 -4.23
N HIS D 283 23.08 7.78 -4.82
CA HIS D 283 23.02 6.57 -5.63
C HIS D 283 23.33 5.39 -4.78
N LEU D 284 22.53 4.33 -4.94
CA LEU D 284 22.81 3.04 -4.29
C LEU D 284 22.95 1.93 -5.32
N PHE D 285 23.99 1.13 -5.13
CA PHE D 285 24.34 0.12 -6.08
C PHE D 285 24.64 -1.03 -5.16
N TYR D 286 24.18 -2.23 -5.59
CA TYR D 286 24.68 -3.46 -5.00
C TYR D 286 24.82 -4.54 -6.09
N VAL D 287 25.74 -5.45 -5.82
CA VAL D 287 25.94 -6.58 -6.72
C VAL D 287 25.74 -7.91 -5.96
N ARG D 288 24.61 -8.52 -6.25
CA ARG D 288 24.16 -9.79 -5.63
C ARG D 288 25.01 -11.01 -6.08
N ALA D 289 25.24 -11.96 -5.15
CA ALA D 289 26.12 -13.13 -5.38
C ALA D 289 25.78 -13.96 -6.61
N GLY D 290 26.82 -14.57 -7.17
CA GLY D 290 26.69 -15.46 -8.32
C GLY D 290 26.89 -14.81 -9.68
N VAL D 291 27.48 -13.61 -9.73
CA VAL D 291 27.83 -13.04 -11.03
C VAL D 291 29.05 -13.76 -11.51
N SER D 292 29.16 -13.88 -12.83
CA SER D 292 30.38 -14.41 -13.45
C SER D 292 31.47 -13.33 -13.46
N ARG D 293 32.65 -13.73 -12.97
CA ARG D 293 33.88 -12.94 -13.13
C ARG D 293 33.91 -12.11 -14.42
N ALA D 294 33.77 -12.76 -15.56
CA ALA D 294 33.88 -12.01 -16.81
C ALA D 294 32.83 -10.89 -16.97
N MET D 295 31.63 -11.11 -16.45
CA MET D 295 30.61 -10.06 -16.47
C MET D 295 31.00 -8.94 -15.48
N LEU D 296 31.60 -9.33 -14.35
CA LEU D 296 32.05 -8.38 -13.33
C LEU D 296 33.24 -7.52 -13.81
N LEU D 297 34.08 -8.10 -14.67
CA LEU D 297 35.22 -7.44 -15.27
C LEU D 297 34.77 -6.52 -16.37
N ARG D 298 33.85 -7.00 -17.20
CA ARG D 298 33.26 -6.13 -18.24
C ARG D 298 32.56 -4.94 -17.62
N LEU D 299 31.94 -5.14 -16.45
CA LEU D 299 31.32 -4.03 -15.70
C LEU D 299 32.40 -3.02 -15.28
N PHE D 300 33.41 -3.48 -14.55
CA PHE D 300 34.56 -2.64 -14.22
C PHE D 300 35.04 -1.76 -15.39
N LEU D 301 35.41 -2.42 -16.51
CA LEU D 301 36.12 -1.77 -17.60
C LEU D 301 35.24 -0.79 -18.32
N ALA D 302 33.98 -1.21 -18.48
CA ALA D 302 32.95 -0.34 -19.05
C ALA D 302 32.70 0.84 -18.11
N MET D 303 33.07 0.70 -16.84
CA MET D 303 32.87 1.79 -15.85
C MET D 303 33.73 3.00 -16.16
N GLU D 304 34.89 2.77 -16.76
CA GLU D 304 35.73 3.86 -17.12
C GLU D 304 35.02 4.90 -18.02
N LYS D 305 34.22 4.43 -18.97
CA LYS D 305 33.54 5.38 -19.87
C LYS D 305 32.07 5.57 -19.48
N GLY D 306 31.67 4.99 -18.34
CA GLY D 306 30.32 5.09 -17.82
C GLY D 306 29.31 4.37 -18.69
N ARG D 307 29.70 3.24 -19.23
CA ARG D 307 28.87 2.42 -20.11
C ARG D 307 28.44 1.09 -19.45
N HIS D 308 28.80 0.88 -18.19
CA HIS D 308 28.44 -0.34 -17.50
C HIS D 308 26.91 -0.55 -17.39
N MET D 309 26.15 0.53 -17.29
CA MET D 309 24.69 0.40 -17.15
C MET D 309 24.05 -0.16 -18.42
N GLU D 310 24.58 0.28 -19.57
CA GLU D 310 24.11 -0.10 -20.89
C GLU D 310 24.04 -1.63 -21.08
N TYR D 311 24.57 -2.40 -20.12
CA TYR D 311 24.68 -3.86 -20.26
C TYR D 311 23.54 -4.63 -19.68
N GLU D 312 22.54 -3.96 -19.13
CA GLU D 312 21.66 -4.62 -18.14
C GLU D 312 22.18 -6.02 -17.76
N CYS D 313 23.00 -6.03 -16.73
CA CYS D 313 23.22 -7.18 -15.93
C CYS D 313 22.04 -7.09 -14.97
N PRO D 314 21.16 -8.12 -14.98
CA PRO D 314 20.17 -8.05 -13.91
C PRO D 314 20.75 -8.62 -12.59
N TYR D 315 22.06 -8.77 -12.54
CA TYR D 315 22.75 -8.98 -11.25
C TYR D 315 23.16 -7.64 -10.57
N LEU D 316 23.22 -6.58 -11.37
CA LEU D 316 23.62 -5.31 -10.86
C LEU D 316 22.36 -4.49 -10.68
N VAL D 317 22.16 -4.00 -9.44
CA VAL D 317 20.99 -3.14 -9.12
C VAL D 317 21.40 -1.71 -8.68
N TYR D 318 20.74 -0.73 -9.29
CA TYR D 318 20.85 0.67 -8.96
C TYR D 318 19.49 1.28 -8.56
N VAL D 319 19.50 2.14 -7.51
CA VAL D 319 18.32 2.80 -6.98
C VAL D 319 18.75 4.11 -6.29
N PRO D 320 18.11 5.23 -6.67
CA PRO D 320 18.23 6.55 -5.97
C PRO D 320 17.60 6.49 -4.58
N VAL D 321 18.40 6.73 -3.52
CA VAL D 321 17.88 6.53 -2.15
C VAL D 321 18.06 7.77 -1.31
N VAL D 322 17.31 7.84 -0.19
CA VAL D 322 17.52 8.90 0.77
C VAL D 322 18.11 8.34 2.07
N ALA D 323 18.00 7.04 2.28
CA ALA D 323 18.63 6.37 3.43
C ALA D 323 18.78 4.89 3.17
N PHE D 324 19.59 4.21 3.99
CA PHE D 324 19.89 2.78 3.81
C PHE D 324 20.30 2.21 5.17
N ARG D 325 20.30 0.89 5.31
CA ARG D 325 20.82 0.17 6.47
C ARG D 325 21.52 -1.07 5.93
N LEU D 326 22.67 -1.40 6.46
CA LEU D 326 23.35 -2.55 5.93
C LEU D 326 23.98 -3.33 7.05
N GLU D 327 23.57 -4.59 7.16
CA GLU D 327 24.07 -5.46 8.24
C GLU D 327 24.73 -6.66 7.66
N PRO D 328 26.05 -6.69 7.69
CA PRO D 328 26.72 -8.01 7.59
C PRO D 328 26.65 -8.53 9.04
N LYS D 329 25.84 -9.53 9.41
CA LYS D 329 25.70 -10.92 8.87
C LYS D 329 27.03 -11.62 8.82
N ASP D 330 27.40 -12.18 9.97
CA ASP D 330 28.67 -12.83 10.17
C ASP D 330 29.75 -11.81 10.61
N GLY D 331 29.58 -11.29 11.82
CA GLY D 331 30.61 -10.44 12.46
C GLY D 331 30.85 -9.09 11.80
N LYS D 332 31.65 -8.27 12.50
CA LYS D 332 32.10 -6.93 12.07
C LYS D 332 32.66 -6.83 10.63
N GLY D 333 31.76 -6.72 9.64
CA GLY D 333 32.11 -6.37 8.25
C GLY D 333 33.06 -5.18 8.09
N VAL D 334 33.71 -5.17 6.92
CA VAL D 334 34.76 -4.20 6.55
C VAL D 334 34.21 -3.27 5.48
N PHE D 335 34.18 -1.98 5.85
CA PHE D 335 33.63 -0.90 5.01
C PHE D 335 34.73 0.10 4.64
N ALA D 336 34.59 0.78 3.50
CA ALA D 336 35.40 1.96 3.26
C ALA D 336 34.48 3.17 3.26
N VAL D 337 34.87 4.19 4.04
CA VAL D 337 34.08 5.42 4.13
C VAL D 337 34.88 6.55 3.51
N ASP D 338 34.44 7.01 2.34
CA ASP D 338 35.19 8.01 1.54
C ASP D 338 36.63 7.56 1.34
N GLY D 339 36.87 6.25 1.28
CA GLY D 339 38.18 5.65 1.04
C GLY D 339 38.80 5.09 2.32
N GLU D 340 38.41 5.59 3.50
CA GLU D 340 39.01 5.20 4.74
C GLU D 340 38.33 3.95 5.28
N LEU D 341 39.14 2.95 5.63
CA LEU D 341 38.69 1.79 6.39
C LEU D 341 37.97 2.12 7.70
N MET D 342 36.91 1.34 7.91
CA MET D 342 36.13 1.37 9.12
C MET D 342 35.53 -0.04 9.23
N VAL D 343 35.56 -0.60 10.45
CA VAL D 343 34.90 -1.87 10.70
C VAL D 343 33.71 -1.68 11.67
N SER D 344 32.59 -2.32 11.36
CA SER D 344 31.50 -2.46 12.33
C SER D 344 30.46 -3.46 11.88
N GLU D 345 29.53 -3.70 12.77
CA GLU D 345 28.52 -4.77 12.68
C GLU D 345 27.41 -4.38 11.73
N ALA D 346 27.10 -3.08 11.75
CA ALA D 346 25.95 -2.58 11.04
C ALA D 346 26.08 -1.09 10.91
N VAL D 347 25.57 -0.57 9.81
CA VAL D 347 25.74 0.83 9.50
C VAL D 347 24.41 1.23 8.88
N GLN D 348 23.97 2.44 9.14
CA GLN D 348 22.89 3.01 8.39
C GLN D 348 23.10 4.53 8.21
N GLY D 349 22.47 5.11 7.20
CA GLY D 349 22.72 6.50 6.87
C GLY D 349 21.57 7.15 6.15
N GLN D 350 21.51 8.46 6.26
CA GLN D 350 20.55 9.28 5.64
C GLN D 350 21.32 10.44 5.00
N VAL D 351 20.88 10.87 3.82
CA VAL D 351 21.46 11.98 3.11
C VAL D 351 20.87 13.30 3.63
N HIS D 352 21.67 14.34 3.80
CA HIS D 352 21.12 15.67 4.12
C HIS D 352 21.35 16.56 2.93
N PRO D 353 20.35 17.34 2.51
CA PRO D 353 20.46 18.04 1.23
C PRO D 353 21.35 19.25 1.26
N ASN D 354 22.25 19.40 0.27
CA ASN D 354 22.96 20.67 0.07
C ASN D 354 23.52 21.19 1.41
N TYR D 355 24.26 20.37 2.13
CA TYR D 355 24.64 20.77 3.48
C TYR D 355 25.91 21.64 3.53
N PHE D 356 26.78 21.52 2.53
CA PHE D 356 28.03 22.33 2.53
C PHE D 356 28.29 22.74 1.10
N TRP D 357 29.19 23.70 0.93
CA TRP D 357 29.44 24.35 -0.33
C TRP D 357 30.81 24.04 -0.85
N MET D 358 30.90 23.79 -2.15
CA MET D 358 32.17 23.52 -2.74
C MET D 358 32.46 24.47 -3.90
N VAL D 359 33.74 24.74 -4.11
CA VAL D 359 34.09 25.29 -5.40
C VAL D 359 33.86 24.25 -6.47
N SER D 360 33.24 24.71 -7.56
CA SER D 360 32.97 23.90 -8.76
C SER D 360 32.63 24.89 -9.86
N GLY D 361 32.34 24.46 -11.08
CA GLY D 361 31.89 25.45 -12.08
C GLY D 361 31.08 24.83 -13.21
N GLY E 6 3.37 -8.91 3.06
CA GLY E 6 3.53 -10.43 3.01
C GLY E 6 4.59 -11.06 3.92
N VAL E 7 5.36 -10.22 4.64
CA VAL E 7 6.43 -10.71 5.53
C VAL E 7 6.61 -9.89 6.82
N LEU E 8 6.70 -10.55 7.98
CA LEU E 8 6.98 -9.85 9.24
C LEU E 8 8.34 -9.17 9.20
N PRO E 9 8.50 -8.07 9.99
CA PRO E 9 9.80 -7.40 10.10
C PRO E 9 10.83 -8.32 10.73
N ARG E 10 12.12 -8.14 10.43
CA ARG E 10 13.18 -8.76 11.25
C ARG E 10 14.13 -7.64 11.80
N PRO E 11 14.38 -7.57 13.14
CA PRO E 11 13.80 -8.30 14.27
C PRO E 11 12.33 -7.95 14.41
N CYS E 12 11.61 -8.70 15.24
CA CYS E 12 10.21 -8.38 15.50
C CYS E 12 9.81 -8.79 16.89
N ARG E 13 8.64 -8.31 17.28
CA ARG E 13 8.14 -8.68 18.61
C ARG E 13 6.72 -9.08 18.59
N VAL E 14 6.45 -10.11 19.36
CA VAL E 14 5.27 -10.88 19.20
C VAL E 14 4.69 -11.11 20.59
N LEU E 15 3.37 -11.04 20.69
CA LEU E 15 2.70 -11.44 21.87
C LEU E 15 2.33 -12.93 21.78
N VAL E 16 2.81 -13.76 22.71
CA VAL E 16 2.32 -15.13 22.83
C VAL E 16 1.24 -15.29 23.89
N LEU E 17 -0.01 -15.50 23.47
CA LEU E 17 -1.07 -15.92 24.34
C LEU E 17 -1.06 -17.42 24.41
N LEU E 18 -0.69 -17.93 25.59
CA LEU E 18 -0.47 -19.32 25.85
C LEU E 18 -1.46 -19.81 26.92
N ASN E 19 -2.22 -20.84 26.64
CA ASN E 19 -3.03 -21.44 27.64
C ASN E 19 -2.30 -22.60 28.32
N PRO E 20 -1.91 -22.42 29.60
CA PRO E 20 -0.79 -23.17 30.24
C PRO E 20 -1.13 -24.60 30.63
N ARG E 21 -2.45 -24.87 30.61
CA ARG E 21 -3.04 -26.13 30.96
C ARG E 21 -4.12 -26.74 30.04
N GLY E 22 -4.55 -26.07 28.95
CA GLY E 22 -5.28 -26.78 27.84
C GLY E 22 -4.53 -28.04 27.31
N GLY E 23 -5.25 -28.93 26.62
CA GLY E 23 -4.70 -30.22 26.13
C GLY E 23 -4.22 -31.09 27.29
N LYS E 24 -3.02 -31.64 27.15
CA LYS E 24 -2.34 -32.32 28.28
C LYS E 24 -1.77 -31.37 29.35
N GLY E 25 -1.91 -30.06 29.16
CA GLY E 25 -1.45 -29.12 30.19
C GLY E 25 0.05 -28.98 30.23
N LYS E 26 0.68 -28.92 29.07
CA LYS E 26 2.15 -28.83 29.00
C LYS E 26 2.65 -27.67 28.17
N ALA E 27 1.69 -26.92 27.63
CA ALA E 27 1.98 -25.83 26.74
C ALA E 27 3.22 -25.03 27.17
N LEU E 28 3.31 -24.65 28.43
CA LEU E 28 4.39 -23.76 28.80
C LEU E 28 5.76 -24.42 28.72
N GLN E 29 5.88 -25.65 29.18
CA GLN E 29 7.20 -26.31 29.05
C GLN E 29 7.59 -26.59 27.58
N LEU E 30 6.59 -27.00 26.80
CA LEU E 30 6.78 -27.11 25.34
C LEU E 30 7.28 -25.81 24.75
N PHE E 31 6.67 -24.68 25.16
CA PHE E 31 7.12 -23.42 24.62
C PHE E 31 8.57 -23.23 24.96
N ARG E 32 8.87 -23.44 26.22
CA ARG E 32 10.25 -23.37 26.73
C ARG E 32 11.17 -24.36 25.95
N SER E 33 10.77 -25.63 25.80
CA SER E 33 11.67 -26.58 25.10
C SER E 33 11.81 -26.46 23.57
N HIS E 34 10.70 -26.17 22.88
CA HIS E 34 10.62 -26.41 21.45
C HIS E 34 10.46 -25.14 20.66
N VAL E 35 10.01 -24.08 21.35
CA VAL E 35 9.65 -22.88 20.60
C VAL E 35 10.71 -21.80 20.80
N GLN E 36 10.99 -21.51 22.07
CA GLN E 36 11.85 -20.41 22.50
C GLN E 36 13.22 -20.47 21.84
N PRO E 37 13.94 -21.63 21.89
CA PRO E 37 15.24 -21.69 21.19
C PRO E 37 15.15 -21.25 19.73
N LEU E 38 14.08 -21.65 19.04
CA LEU E 38 13.99 -21.23 17.64
C LEU E 38 13.77 -19.70 17.47
N LEU E 39 12.90 -19.10 18.29
CA LEU E 39 12.64 -17.63 18.27
C LEU E 39 13.90 -16.80 18.57
N ALA E 40 14.69 -17.24 19.53
CA ALA E 40 15.97 -16.60 19.84
C ALA E 40 16.83 -16.62 18.58
N GLU E 41 16.97 -17.77 17.91
CA GLU E 41 17.79 -17.75 16.67
C GLU E 41 17.24 -16.87 15.56
N ALA E 42 15.92 -16.73 15.47
CA ALA E 42 15.29 -15.96 14.43
C ALA E 42 15.14 -14.46 14.79
N GLU E 43 15.57 -14.09 16.01
CA GLU E 43 15.47 -12.68 16.44
C GLU E 43 14.00 -12.21 16.61
N ILE E 44 13.18 -13.08 17.20
CA ILE E 44 11.82 -12.76 17.52
C ILE E 44 11.70 -12.65 19.03
N SER E 45 11.59 -11.42 19.56
CA SER E 45 11.24 -11.29 21.01
C SER E 45 9.79 -11.59 21.14
N PHE E 46 9.46 -12.12 22.30
CA PHE E 46 8.09 -12.52 22.61
C PHE E 46 7.78 -11.99 24.05
N THR E 47 6.50 -11.72 24.33
CA THR E 47 6.10 -11.78 25.69
C THR E 47 5.00 -12.82 25.86
N LEU E 48 5.18 -13.70 26.83
CA LEU E 48 4.10 -14.59 27.20
C LEU E 48 3.00 -14.01 28.12
N MET E 49 1.75 -14.08 27.69
CA MET E 49 0.63 -13.87 28.56
C MET E 49 -0.10 -15.20 28.67
N LEU E 50 -0.33 -15.63 29.92
CA LEU E 50 -1.05 -16.86 30.24
C LEU E 50 -2.53 -16.58 30.37
N THR E 51 -3.36 -17.47 29.81
CA THR E 51 -4.80 -17.32 29.93
C THR E 51 -5.33 -18.09 31.12
N GLU E 52 -6.36 -17.54 31.77
CA GLU E 52 -6.90 -18.10 33.00
C GLU E 52 -8.26 -18.84 32.87
N ARG E 53 -9.01 -18.60 31.78
CA ARG E 53 -10.38 -19.12 31.63
C ARG E 53 -10.89 -18.69 30.33
N ARG E 54 -12.02 -19.28 29.96
CA ARG E 54 -12.68 -18.96 28.71
C ARG E 54 -13.00 -17.45 28.69
N ASN E 55 -12.85 -16.85 27.51
CA ASN E 55 -13.09 -15.42 27.29
C ASN E 55 -11.99 -14.52 27.81
N HIS E 56 -11.00 -15.08 28.50
CA HIS E 56 -9.91 -14.28 29.02
C HIS E 56 -9.12 -13.70 27.84
N ALA E 57 -8.63 -14.62 26.99
CA ALA E 57 -7.93 -14.30 25.75
C ALA E 57 -8.66 -13.24 24.92
N ARG E 58 -9.93 -13.49 24.71
CA ARG E 58 -10.80 -12.56 23.98
C ARG E 58 -10.82 -11.15 24.57
N GLU E 59 -10.86 -11.06 25.91
CA GLU E 59 -10.92 -9.77 26.51
C GLU E 59 -9.62 -9.05 26.44
N LEU E 60 -8.53 -9.80 26.60
CA LEU E 60 -7.20 -9.19 26.51
C LEU E 60 -7.01 -8.61 25.15
N VAL E 61 -7.45 -9.34 24.12
CA VAL E 61 -7.23 -8.88 22.75
C VAL E 61 -8.15 -7.73 22.39
N ARG E 62 -9.37 -7.77 22.89
CA ARG E 62 -10.30 -6.67 22.68
C ARG E 62 -9.70 -5.34 23.17
N SER E 63 -8.93 -5.36 24.25
CA SER E 63 -8.50 -4.07 24.83
C SER E 63 -7.05 -3.83 24.62
N GLU E 64 -6.40 -4.67 23.84
CA GLU E 64 -4.97 -4.64 23.76
C GLU E 64 -4.51 -3.49 22.88
N GLU E 65 -3.39 -2.86 23.27
CA GLU E 65 -2.71 -1.91 22.43
C GLU E 65 -1.99 -2.68 21.27
N LEU E 66 -2.60 -2.77 20.09
CA LEU E 66 -1.99 -3.61 19.02
C LEU E 66 -0.76 -3.10 18.36
N GLY E 67 -0.45 -1.81 18.48
CA GLY E 67 0.73 -1.20 17.84
C GLY E 67 2.09 -1.57 18.41
N ARG E 68 2.11 -2.12 19.62
CA ARG E 68 3.36 -2.64 20.22
C ARG E 68 3.75 -4.01 19.66
N TRP E 69 2.90 -4.68 18.86
CA TRP E 69 3.15 -6.09 18.46
C TRP E 69 3.21 -6.29 16.93
N ASP E 70 4.17 -7.04 16.44
CA ASP E 70 4.18 -7.40 14.99
C ASP E 70 3.24 -8.58 14.57
N ALA E 71 2.87 -9.39 15.55
CA ALA E 71 1.97 -10.50 15.35
C ALA E 71 1.48 -10.90 16.71
N LEU E 72 0.40 -11.69 16.71
CA LEU E 72 -0.07 -12.41 17.89
C LEU E 72 0.09 -13.91 17.68
N VAL E 73 0.88 -14.55 18.54
CA VAL E 73 0.94 -15.98 18.54
C VAL E 73 0.07 -16.60 19.65
N VAL E 74 -0.74 -17.53 19.20
CA VAL E 74 -1.69 -18.27 20.00
C VAL E 74 -1.16 -19.69 20.13
N MET E 75 -0.77 -20.08 21.33
CA MET E 75 -0.25 -21.39 21.59
C MET E 75 -1.22 -22.18 22.45
N SER E 76 -2.13 -22.91 21.80
CA SER E 76 -3.15 -23.67 22.46
C SER E 76 -3.79 -24.57 21.45
N GLY E 77 -5.10 -24.77 21.52
CA GLY E 77 -5.87 -25.39 20.46
C GLY E 77 -6.53 -24.33 19.56
N ASP E 78 -7.46 -24.83 18.74
CA ASP E 78 -8.20 -23.99 17.83
C ASP E 78 -9.13 -23.01 18.55
N GLY E 79 -9.59 -23.41 19.74
CA GLY E 79 -10.45 -22.57 20.55
C GLY E 79 -9.80 -21.25 20.95
N LEU E 80 -8.54 -21.27 21.40
CA LEU E 80 -7.91 -19.99 21.71
C LEU E 80 -7.85 -19.05 20.48
N MET E 81 -7.57 -19.60 19.30
CA MET E 81 -7.54 -18.77 18.07
C MET E 81 -8.96 -18.28 17.78
N HIS E 82 -9.96 -19.14 18.02
CA HIS E 82 -11.31 -18.68 17.90
C HIS E 82 -11.54 -17.43 18.77
N GLU E 83 -11.02 -17.43 20.00
CA GLU E 83 -11.27 -16.35 20.93
C GLU E 83 -10.52 -15.13 20.53
N VAL E 84 -9.28 -15.29 20.08
CA VAL E 84 -8.47 -14.16 19.71
C VAL E 84 -9.11 -13.42 18.52
N VAL E 85 -9.52 -14.17 17.51
CA VAL E 85 -10.06 -13.53 16.34
C VAL E 85 -11.39 -12.84 16.64
N ASN E 86 -12.25 -13.46 17.43
CA ASN E 86 -13.51 -12.78 17.77
C ASN E 86 -13.25 -11.51 18.62
N GLY E 87 -12.25 -11.57 19.51
CA GLY E 87 -11.72 -10.44 20.25
C GLY E 87 -11.34 -9.23 19.41
N LEU E 88 -10.67 -9.51 18.30
CA LEU E 88 -10.32 -8.45 17.37
C LEU E 88 -11.59 -7.99 16.64
N MET E 89 -12.51 -8.88 16.30
CA MET E 89 -13.70 -8.45 15.54
C MET E 89 -14.69 -7.68 16.41
N GLU E 90 -14.55 -7.79 17.72
CA GLU E 90 -15.48 -7.11 18.62
C GLU E 90 -15.01 -5.70 18.92
N ARG E 91 -13.85 -5.29 18.40
CA ARG E 91 -13.29 -4.00 18.71
C ARG E 91 -13.85 -2.94 17.79
N PRO E 92 -13.87 -1.66 18.24
CA PRO E 92 -14.34 -0.60 17.33
C PRO E 92 -13.41 -0.41 16.14
N ASP E 93 -12.13 -0.57 16.34
CA ASP E 93 -11.19 -0.48 15.23
C ASP E 93 -11.04 -1.87 14.52
N TRP E 94 -12.06 -2.74 14.58
CA TRP E 94 -12.01 -4.09 13.98
C TRP E 94 -11.40 -4.15 12.55
N GLU E 95 -11.71 -3.16 11.72
CA GLU E 95 -11.16 -3.16 10.38
C GLU E 95 -9.66 -3.10 10.26
N THR E 96 -8.98 -2.38 11.14
CA THR E 96 -7.53 -2.49 11.10
C THR E 96 -7.03 -3.59 12.06
N ALA E 97 -7.79 -3.86 13.10
CA ALA E 97 -7.32 -4.75 14.12
C ALA E 97 -7.11 -6.13 13.54
N ILE E 98 -7.96 -6.52 12.59
CA ILE E 98 -8.05 -7.92 12.17
C ILE E 98 -6.98 -8.21 11.13
N GLN E 99 -6.30 -7.14 10.75
CA GLN E 99 -5.11 -7.15 9.92
C GLN E 99 -3.82 -7.34 10.71
N LYS E 100 -3.92 -7.50 12.03
CA LYS E 100 -2.71 -7.83 12.76
C LYS E 100 -2.32 -9.32 12.41
N PRO E 101 -1.06 -9.58 12.03
CA PRO E 101 -0.82 -11.03 11.76
C PRO E 101 -0.91 -11.95 12.99
N LEU E 102 -1.45 -13.13 12.74
CA LEU E 102 -1.64 -14.20 13.67
C LEU E 102 -0.82 -15.46 13.29
N CYS E 103 -0.63 -16.32 14.28
CA CYS E 103 0.15 -17.46 14.14
C CYS E 103 -0.44 -18.40 15.19
N SER E 104 -0.53 -19.64 14.79
CA SER E 104 -1.07 -20.67 15.63
C SER E 104 0.03 -21.72 15.94
N LEU E 105 0.43 -21.86 17.19
CA LEU E 105 1.34 -22.93 17.62
C LEU E 105 0.57 -24.02 18.35
N PRO E 106 0.64 -25.28 17.86
CA PRO E 106 -0.24 -26.33 18.42
C PRO E 106 0.10 -26.82 19.83
N ALA E 107 -0.82 -26.68 20.77
CA ALA E 107 -0.58 -27.21 22.11
C ALA E 107 -1.85 -27.45 22.87
N GLY E 108 -2.97 -27.72 22.20
CA GLY E 108 -4.24 -28.18 22.79
C GLY E 108 -4.48 -29.61 22.33
N SER E 109 -5.72 -30.11 22.44
CA SER E 109 -6.06 -31.46 21.93
C SER E 109 -6.55 -31.44 20.45
N GLY E 110 -7.11 -30.29 20.03
CA GLY E 110 -7.59 -30.12 18.66
C GLY E 110 -6.75 -29.04 18.01
N ASN E 111 -5.99 -29.44 17.00
CA ASN E 111 -5.04 -28.54 16.36
C ASN E 111 -5.21 -28.54 14.84
N ALA E 112 -6.47 -28.48 14.41
CA ALA E 112 -6.82 -28.53 12.99
C ALA E 112 -6.14 -27.39 12.21
N LEU E 113 -6.03 -26.22 12.82
CA LEU E 113 -5.60 -25.08 12.02
C LEU E 113 -4.09 -25.17 11.79
N ALA E 114 -3.36 -25.49 12.85
CA ALA E 114 -1.95 -25.69 12.76
C ALA E 114 -1.68 -26.94 11.88
N ALA E 115 -2.51 -27.97 11.94
CA ALA E 115 -2.30 -29.10 10.98
C ALA E 115 -2.55 -28.70 9.51
N SER E 116 -3.62 -27.95 9.24
CA SER E 116 -3.82 -27.42 7.90
C SER E 116 -2.62 -26.58 7.42
N LEU E 117 -2.18 -25.63 8.22
CA LEU E 117 -1.05 -24.81 7.80
C LEU E 117 0.24 -25.60 7.53
N ASN E 118 0.52 -26.58 8.40
CA ASN E 118 1.61 -27.50 8.24
C ASN E 118 1.45 -28.27 6.90
N HIS E 119 0.25 -28.69 6.58
CA HIS E 119 -0.02 -29.30 5.30
C HIS E 119 0.25 -28.35 4.14
N TYR E 120 -0.32 -27.15 4.14
CA TYR E 120 -0.06 -26.20 3.07
C TYR E 120 1.44 -25.93 2.87
N ALA E 121 2.26 -26.05 3.93
CA ALA E 121 3.68 -25.66 3.88
C ALA E 121 4.47 -26.80 3.27
N GLY E 122 3.83 -27.94 3.05
CA GLY E 122 4.50 -29.03 2.34
C GLY E 122 4.90 -30.21 3.19
N TYR E 123 4.83 -30.09 4.52
CA TYR E 123 5.27 -31.17 5.41
C TYR E 123 4.31 -32.33 5.47
N GLU E 124 4.76 -33.38 6.12
CA GLU E 124 3.99 -34.56 6.33
C GLU E 124 2.99 -34.31 7.46
N GLN E 125 2.07 -35.24 7.62
CA GLN E 125 1.01 -35.13 8.56
C GLN E 125 1.52 -35.49 9.95
N VAL E 126 2.27 -34.57 10.52
CA VAL E 126 2.89 -34.86 11.80
C VAL E 126 1.98 -34.44 12.96
N THR E 127 2.33 -34.95 14.13
CA THR E 127 1.55 -34.71 15.31
C THR E 127 2.45 -34.17 16.42
N ASN E 128 1.84 -33.70 17.49
CA ASN E 128 2.54 -33.32 18.72
C ASN E 128 3.77 -32.42 18.55
N GLU E 129 4.91 -32.81 19.09
CA GLU E 129 6.03 -31.89 19.07
C GLU E 129 6.61 -31.65 17.73
N ASP E 130 6.49 -32.66 16.84
CA ASP E 130 6.87 -32.50 15.42
C ASP E 130 6.06 -31.43 14.77
N LEU E 131 4.75 -31.44 15.03
CA LEU E 131 3.84 -30.39 14.52
C LEU E 131 4.23 -29.03 15.10
N LEU E 132 4.50 -29.04 16.39
CA LEU E 132 4.82 -27.80 17.08
C LEU E 132 6.10 -27.23 16.45
N THR E 133 7.09 -28.10 16.23
CA THR E 133 8.35 -27.64 15.64
C THR E 133 8.15 -27.02 14.25
N ASN E 134 7.37 -27.70 13.44
CA ASN E 134 7.13 -27.21 12.08
C ASN E 134 6.43 -25.86 12.05
N CYS E 135 5.35 -25.73 12.83
CA CYS E 135 4.62 -24.45 12.94
C CYS E 135 5.53 -23.37 13.48
N THR E 136 6.47 -23.72 14.35
CA THR E 136 7.45 -22.71 14.83
C THR E 136 8.42 -22.30 13.67
N LEU E 137 8.96 -23.31 12.95
CA LEU E 137 9.80 -23.06 11.75
C LEU E 137 9.04 -22.14 10.79
N LEU E 138 7.74 -22.32 10.64
CA LEU E 138 6.95 -21.37 9.83
C LEU E 138 6.95 -19.95 10.39
N LEU E 139 6.86 -19.79 11.71
CA LEU E 139 6.85 -18.40 12.25
C LEU E 139 8.22 -17.76 12.04
N CYS E 140 9.28 -18.50 12.37
CA CYS E 140 10.64 -18.07 12.18
C CYS E 140 11.03 -17.65 10.77
N ARG E 141 10.32 -18.15 9.78
CA ARG E 141 10.57 -17.76 8.43
C ARG E 141 9.74 -16.53 7.99
N ARG E 142 8.68 -16.20 8.75
CA ARG E 142 8.02 -14.85 8.78
C ARG E 142 7.12 -14.56 7.65
N LEU E 143 6.89 -15.56 6.82
CA LEU E 143 6.02 -15.39 5.69
C LEU E 143 4.54 -15.42 6.06
N LEU E 144 3.74 -14.60 5.41
CA LEU E 144 2.35 -14.39 5.76
C LEU E 144 1.45 -14.69 4.56
N SER E 145 0.26 -15.27 4.75
CA SER E 145 -0.71 -15.29 3.66
C SER E 145 -2.14 -15.18 4.22
N PRO E 146 -3.09 -14.67 3.41
CA PRO E 146 -4.43 -14.41 3.91
C PRO E 146 -5.27 -15.67 4.05
N MET E 147 -6.17 -15.65 5.01
CA MET E 147 -7.05 -16.74 5.30
C MET E 147 -8.50 -16.27 5.15
N ASN E 148 -9.38 -17.20 4.89
CA ASN E 148 -10.77 -16.83 4.84
C ASN E 148 -11.32 -16.74 6.23
N LEU E 149 -12.45 -16.06 6.36
CA LEU E 149 -13.14 -15.95 7.65
C LEU E 149 -14.63 -16.23 7.50
N LEU E 150 -15.21 -17.01 8.41
CA LEU E 150 -16.64 -17.29 8.35
C LEU E 150 -17.38 -16.35 9.32
N SER E 151 -18.36 -15.65 8.79
CA SER E 151 -19.19 -14.73 9.53
C SER E 151 -20.50 -15.46 9.85
N LEU E 152 -20.85 -15.55 11.13
CA LEU E 152 -22.06 -16.25 11.50
C LEU E 152 -23.10 -15.33 12.15
N HIS E 153 -24.38 -15.70 12.02
CA HIS E 153 -25.53 -15.03 12.66
C HIS E 153 -26.41 -16.10 13.35
N THR E 154 -26.78 -15.88 14.60
CA THR E 154 -27.62 -16.87 15.27
C THR E 154 -29.06 -16.38 15.36
N ALA E 155 -29.95 -17.32 15.70
CA ALA E 155 -31.38 -17.04 15.87
C ALA E 155 -31.56 -15.93 16.91
N SER E 156 -30.93 -16.09 18.07
CA SER E 156 -30.90 -15.01 19.03
C SER E 156 -30.25 -13.69 18.54
N GLY E 157 -29.74 -13.62 17.31
CA GLY E 157 -29.12 -12.36 16.82
C GLY E 157 -27.69 -12.11 17.33
N LEU E 158 -27.02 -13.16 17.77
CA LEU E 158 -25.57 -13.11 18.00
C LEU E 158 -24.77 -13.06 16.67
N ARG E 159 -23.72 -12.27 16.63
CA ARG E 159 -22.86 -12.28 15.48
C ARG E 159 -21.48 -12.83 15.90
N LEU E 160 -21.08 -14.00 15.36
CA LEU E 160 -19.73 -14.51 15.66
C LEU E 160 -18.92 -15.03 14.46
N PHE E 161 -17.60 -15.17 14.64
CA PHE E 161 -16.71 -15.52 13.53
C PHE E 161 -16.03 -16.83 13.70
N SER E 162 -15.85 -17.54 12.60
CA SER E 162 -15.21 -18.82 12.64
C SER E 162 -13.99 -18.77 11.72
N VAL E 163 -12.87 -19.32 12.19
CA VAL E 163 -11.64 -19.37 11.39
C VAL E 163 -11.46 -20.78 10.82
N LEU E 164 -12.18 -21.75 11.37
CA LEU E 164 -11.99 -23.12 11.01
C LEU E 164 -13.22 -23.91 10.62
N SER E 165 -14.22 -23.98 11.49
CA SER E 165 -15.36 -24.89 11.24
C SER E 165 -16.62 -24.59 11.99
N LEU E 166 -17.73 -25.03 11.42
CA LEU E 166 -19.00 -25.00 12.11
C LEU E 166 -19.56 -26.40 11.94
N ALA E 167 -19.84 -27.04 13.06
CA ALA E 167 -20.32 -28.40 12.95
C ALA E 167 -21.59 -28.66 13.80
N TRP E 168 -22.43 -29.56 13.29
CA TRP E 168 -23.71 -29.93 13.92
C TRP E 168 -23.91 -31.42 13.74
N GLY E 169 -24.64 -32.05 14.65
CA GLY E 169 -24.82 -33.50 14.58
C GLY E 169 -23.72 -34.28 15.26
N PHE E 170 -23.31 -35.37 14.62
CA PHE E 170 -22.31 -36.28 15.18
C PHE E 170 -21.08 -35.56 15.75
N ILE E 171 -20.54 -34.65 14.94
CA ILE E 171 -19.26 -34.00 15.26
C ILE E 171 -19.39 -33.11 16.45
N ALA E 172 -20.37 -32.19 16.40
CA ALA E 172 -20.69 -31.32 17.56
C ALA E 172 -20.92 -32.10 18.88
N ASP E 173 -21.69 -33.20 18.81
CA ASP E 173 -21.91 -34.07 19.94
C ASP E 173 -20.63 -34.72 20.43
N VAL E 174 -19.79 -35.25 19.56
CA VAL E 174 -18.52 -35.81 20.01
C VAL E 174 -17.64 -34.72 20.70
N ASP E 175 -17.59 -33.53 20.12
CA ASP E 175 -16.77 -32.46 20.69
C ASP E 175 -17.13 -32.16 22.14
N LEU E 176 -18.44 -32.12 22.39
CA LEU E 176 -18.97 -31.79 23.73
C LEU E 176 -18.75 -32.96 24.69
N GLU E 177 -19.21 -34.14 24.31
CA GLU E 177 -19.05 -35.35 25.11
C GLU E 177 -17.56 -35.62 25.36
N SER E 178 -16.74 -35.54 24.33
CA SER E 178 -15.24 -35.63 24.36
C SER E 178 -14.48 -34.88 25.42
N GLU E 179 -15.06 -33.76 25.85
CA GLU E 179 -14.30 -32.79 26.62
C GLU E 179 -13.51 -33.35 27.82
N LYS E 180 -14.12 -34.32 28.50
CA LYS E 180 -13.49 -35.11 29.56
C LYS E 180 -12.24 -35.98 29.16
N TYR E 181 -12.01 -36.18 27.87
CA TYR E 181 -10.81 -36.88 27.41
C TYR E 181 -9.82 -35.89 26.79
N ARG E 182 -9.90 -34.61 27.20
CA ARG E 182 -8.99 -33.55 26.74
C ARG E 182 -7.47 -33.99 26.85
N ARG E 183 -7.17 -34.80 27.87
CA ARG E 183 -5.81 -35.25 28.17
C ARG E 183 -5.20 -36.24 27.18
N LEU E 184 -6.01 -36.74 26.24
CA LEU E 184 -5.60 -37.87 25.43
C LEU E 184 -5.15 -37.35 24.06
N GLY E 185 -4.99 -36.03 24.00
CA GLY E 185 -4.78 -35.31 22.75
C GLY E 185 -5.79 -35.67 21.66
N GLU E 186 -5.24 -36.08 20.54
CA GLU E 186 -5.97 -36.36 19.34
C GLU E 186 -6.92 -37.55 19.52
N MET E 187 -6.57 -38.45 20.45
CA MET E 187 -7.33 -39.68 20.70
C MET E 187 -8.70 -39.34 21.33
N ARG E 188 -8.82 -38.11 21.82
CA ARG E 188 -10.08 -37.63 22.35
C ARG E 188 -11.21 -37.81 21.33
N PHE E 189 -10.92 -37.46 20.08
CA PHE E 189 -11.93 -37.46 19.02
C PHE E 189 -12.18 -38.86 18.52
N THR E 190 -11.16 -39.70 18.59
CA THR E 190 -11.26 -41.10 18.23
C THR E 190 -12.16 -41.91 19.19
N LEU E 191 -11.81 -41.91 20.48
CA LEU E 191 -12.64 -42.53 21.50
C LEU E 191 -14.06 -41.95 21.46
N GLY E 192 -14.11 -40.61 21.43
CA GLY E 192 -15.34 -39.88 21.35
C GLY E 192 -16.19 -40.33 20.18
N THR E 193 -15.53 -40.62 19.05
CA THR E 193 -16.23 -41.09 17.86
C THR E 193 -16.71 -42.53 18.00
N PHE E 194 -15.88 -43.44 18.48
CA PHE E 194 -16.35 -44.80 18.67
C PHE E 194 -17.59 -44.87 19.60
N LEU E 195 -17.53 -44.24 20.77
CA LEU E 195 -18.66 -44.11 21.68
C LEU E 195 -19.95 -43.65 21.02
N ARG E 196 -19.92 -42.54 20.29
CA ARG E 196 -21.12 -42.02 19.61
C ARG E 196 -21.66 -42.90 18.51
N LEU E 197 -20.76 -43.63 17.88
CA LEU E 197 -21.10 -44.58 16.85
C LEU E 197 -21.99 -45.69 17.41
N ALA E 198 -21.65 -46.15 18.62
CA ALA E 198 -22.39 -47.19 19.32
C ALA E 198 -23.81 -46.76 19.72
N ALA E 199 -24.01 -45.46 19.95
CA ALA E 199 -25.36 -44.92 20.08
C ALA E 199 -25.70 -43.95 18.94
N LEU E 200 -25.48 -44.39 17.71
CA LEU E 200 -25.61 -43.51 16.54
C LEU E 200 -26.99 -42.87 16.44
N ARG E 201 -27.05 -41.57 16.63
CA ARG E 201 -28.33 -40.90 16.38
C ARG E 201 -28.31 -40.06 15.12
N THR E 202 -29.49 -39.72 14.64
CA THR E 202 -29.61 -38.77 13.56
C THR E 202 -30.28 -37.52 14.18
N TYR E 203 -30.34 -36.42 13.43
CA TYR E 203 -30.79 -35.14 13.97
C TYR E 203 -31.60 -34.49 12.90
N ARG E 204 -32.73 -33.89 13.30
CA ARG E 204 -33.61 -33.22 12.34
C ARG E 204 -33.35 -31.74 12.17
N GLY E 205 -33.28 -31.34 10.91
CA GLY E 205 -33.03 -29.94 10.56
C GLY E 205 -33.09 -29.67 9.08
N ARG E 206 -33.02 -28.39 8.73
CA ARG E 206 -33.10 -27.99 7.34
C ARG E 206 -31.81 -27.26 6.96
N LEU E 207 -31.26 -27.57 5.79
CA LEU E 207 -29.99 -27.03 5.33
C LEU E 207 -30.17 -26.44 3.96
N ALA E 208 -29.68 -25.23 3.80
CA ALA E 208 -29.66 -24.53 2.55
C ALA E 208 -28.24 -24.03 2.37
N TYR E 209 -27.81 -23.82 1.12
CA TYR E 209 -26.49 -23.23 0.87
C TYR E 209 -26.43 -22.51 -0.45
N LEU E 210 -25.38 -21.73 -0.61
CA LEU E 210 -25.15 -21.06 -1.84
C LEU E 210 -23.82 -21.52 -2.49
N PRO E 211 -23.94 -22.30 -3.57
CA PRO E 211 -22.75 -22.90 -4.14
C PRO E 211 -21.93 -21.85 -4.84
N VAL E 212 -20.67 -22.17 -5.08
CA VAL E 212 -19.74 -21.26 -5.76
C VAL E 212 -20.25 -20.74 -7.14
N GLY E 213 -20.92 -21.61 -7.88
CA GLY E 213 -21.36 -21.24 -9.24
C GLY E 213 -22.43 -20.15 -9.34
N ARG E 214 -23.41 -20.27 -8.45
CA ARG E 214 -24.59 -19.45 -8.46
C ARG E 214 -24.37 -18.04 -7.91
N VAL E 215 -23.12 -17.64 -7.70
CA VAL E 215 -22.76 -16.34 -7.07
C VAL E 215 -22.66 -15.15 -8.08
N GLN E 228 -19.97 -3.44 14.17
CA GLN E 228 -20.73 -3.28 12.92
C GLN E 228 -20.28 -4.29 11.85
N GLY E 229 -18.99 -4.66 11.87
CA GLY E 229 -18.44 -5.72 10.98
C GLY E 229 -18.62 -5.59 9.47
N PRO E 230 -18.18 -6.61 8.72
CA PRO E 230 -18.39 -6.54 7.26
C PRO E 230 -19.85 -6.86 6.95
N VAL E 231 -20.30 -6.41 5.78
CA VAL E 231 -21.66 -6.78 5.39
C VAL E 231 -21.72 -8.23 4.78
N ASP E 232 -22.63 -9.04 5.31
CA ASP E 232 -22.92 -10.33 4.71
C ASP E 232 -23.95 -10.21 3.56
N ALA E 233 -23.53 -9.69 2.38
CA ALA E 233 -24.43 -9.43 1.23
C ALA E 233 -25.20 -10.64 0.68
N HIS E 234 -24.67 -11.85 0.89
CA HIS E 234 -25.34 -13.06 0.45
C HIS E 234 -26.45 -13.45 1.42
N LEU E 235 -26.46 -12.88 2.62
CA LEU E 235 -27.43 -13.33 3.65
C LEU E 235 -28.68 -12.43 3.78
N VAL E 236 -29.82 -13.05 4.13
CA VAL E 236 -31.08 -12.35 4.44
C VAL E 236 -31.50 -12.83 5.82
N PRO E 237 -32.21 -11.98 6.60
CA PRO E 237 -32.70 -12.31 7.94
C PRO E 237 -33.14 -13.74 8.09
N LEU E 238 -32.90 -14.30 9.25
CA LEU E 238 -33.24 -15.70 9.46
C LEU E 238 -34.73 -15.92 9.37
N GLU E 239 -35.48 -14.99 9.95
CA GLU E 239 -36.94 -14.98 9.88
C GLU E 239 -37.54 -15.07 8.45
N GLU E 240 -36.86 -14.52 7.42
CA GLU E 240 -37.28 -14.68 6.00
C GLU E 240 -36.76 -15.99 5.42
N PRO E 241 -37.48 -16.59 4.43
CA PRO E 241 -37.02 -17.81 3.71
C PRO E 241 -35.76 -17.54 2.90
N VAL E 242 -35.04 -18.59 2.49
CA VAL E 242 -33.77 -18.37 1.76
C VAL E 242 -33.99 -17.94 0.31
N PRO E 243 -33.11 -17.06 -0.22
CA PRO E 243 -33.17 -16.67 -1.61
C PRO E 243 -33.50 -17.83 -2.55
N SER E 244 -34.38 -17.57 -3.51
CA SER E 244 -34.79 -18.57 -4.49
C SER E 244 -33.58 -19.25 -5.17
N HIS E 245 -32.49 -18.53 -5.37
CA HIS E 245 -31.32 -19.14 -6.03
C HIS E 245 -30.47 -20.08 -5.16
N TRP E 246 -30.80 -20.16 -3.86
CA TRP E 246 -30.08 -21.08 -2.95
C TRP E 246 -30.51 -22.53 -3.18
N THR E 247 -29.68 -23.48 -2.75
CA THR E 247 -30.06 -24.89 -2.77
C THR E 247 -30.63 -25.24 -1.39
N VAL E 248 -31.82 -25.86 -1.38
CA VAL E 248 -32.43 -26.32 -0.13
C VAL E 248 -32.38 -27.82 -0.21
N VAL E 249 -31.60 -28.47 0.67
CA VAL E 249 -31.36 -29.91 0.57
C VAL E 249 -32.70 -30.58 0.93
N PRO E 250 -33.13 -31.57 0.11
CA PRO E 250 -34.46 -32.20 0.31
C PRO E 250 -34.51 -32.96 1.63
N ASP E 251 -33.45 -33.74 1.86
CA ASP E 251 -33.20 -34.51 3.08
C ASP E 251 -33.38 -33.67 4.34
N GLU E 252 -33.87 -34.27 5.41
CA GLU E 252 -34.09 -33.43 6.59
C GLU E 252 -33.78 -34.11 7.89
N ASP E 253 -33.29 -35.33 7.78
CA ASP E 253 -32.64 -36.00 8.88
C ASP E 253 -31.14 -36.12 8.51
N PHE E 254 -30.24 -35.74 9.43
CA PHE E 254 -28.81 -35.88 9.18
C PHE E 254 -28.01 -36.67 10.25
N VAL E 255 -26.91 -37.29 9.84
CA VAL E 255 -25.91 -37.62 10.86
C VAL E 255 -24.98 -36.48 11.24
N LEU E 256 -24.51 -35.69 10.27
CA LEU E 256 -23.62 -34.54 10.57
C LEU E 256 -23.70 -33.46 9.46
N VAL E 257 -23.49 -32.20 9.84
CA VAL E 257 -23.23 -31.13 8.88
C VAL E 257 -21.94 -30.44 9.31
N LEU E 258 -21.08 -30.15 8.33
CA LEU E 258 -19.75 -29.66 8.62
C LEU E 258 -19.35 -28.62 7.58
N ALA E 259 -19.27 -27.36 8.00
CA ALA E 259 -18.63 -26.33 7.20
C ALA E 259 -17.17 -26.22 7.63
N LEU E 260 -16.27 -26.20 6.67
CA LEU E 260 -14.85 -26.36 7.02
C LEU E 260 -14.04 -25.41 6.14
N LEU E 261 -13.23 -24.55 6.75
CA LEU E 261 -12.53 -23.56 5.99
C LEU E 261 -11.13 -24.04 5.58
N HIS E 262 -10.70 -25.22 6.04
CA HIS E 262 -9.31 -25.64 5.81
C HIS E 262 -9.24 -27.09 5.44
N SER E 263 -8.05 -27.69 5.40
CA SER E 263 -7.94 -29.01 4.82
C SER E 263 -8.12 -30.09 5.92
N HIS E 264 -7.82 -29.69 7.15
CA HIS E 264 -7.84 -30.60 8.28
C HIS E 264 -8.85 -30.29 9.34
N LEU E 265 -9.41 -31.36 9.87
CA LEU E 265 -10.47 -31.30 10.88
C LEU E 265 -9.84 -31.49 12.25
N GLY E 266 -8.64 -32.03 12.24
CA GLY E 266 -7.77 -32.15 13.38
C GLY E 266 -6.44 -32.66 12.83
N SER E 267 -5.41 -32.79 13.65
CA SER E 267 -4.07 -33.06 13.14
C SER E 267 -3.93 -34.42 12.47
N GLU E 268 -4.91 -35.29 12.67
CA GLU E 268 -5.00 -36.55 11.98
C GLU E 268 -6.30 -36.80 11.27
N MET E 269 -6.97 -35.74 10.83
CA MET E 269 -8.22 -35.88 10.08
C MET E 269 -8.14 -34.98 8.90
N PHE E 270 -7.72 -35.56 7.79
CA PHE E 270 -7.46 -34.86 6.57
C PHE E 270 -8.82 -34.87 5.89
N ALA E 271 -9.71 -34.01 6.36
CA ALA E 271 -11.11 -34.08 6.04
C ALA E 271 -11.40 -33.55 4.64
N ALA E 272 -10.54 -32.65 4.14
CA ALA E 272 -10.77 -32.02 2.86
C ALA E 272 -9.62 -32.26 1.89
N PRO E 273 -9.59 -33.50 1.33
CA PRO E 273 -8.41 -33.91 0.56
C PRO E 273 -8.27 -33.04 -0.71
N MET E 274 -9.25 -32.24 -1.09
CA MET E 274 -9.09 -31.29 -2.21
C MET E 274 -8.16 -30.12 -1.80
N GLY E 275 -7.89 -30.02 -0.51
CA GLY E 275 -6.85 -29.14 0.00
C GLY E 275 -7.36 -27.75 0.40
N ARG E 276 -6.45 -26.80 0.29
CA ARG E 276 -6.68 -25.42 0.77
C ARG E 276 -7.84 -24.77 -0.01
N CYS E 277 -8.85 -24.24 0.64
CA CYS E 277 -9.90 -23.54 -0.09
C CYS E 277 -9.35 -22.36 -0.89
N ALA E 278 -9.99 -22.11 -2.00
CA ALA E 278 -9.86 -20.84 -2.69
C ALA E 278 -10.29 -19.67 -1.79
N ALA E 279 -9.98 -18.45 -2.23
CA ALA E 279 -10.45 -17.27 -1.54
C ALA E 279 -11.97 -17.23 -1.51
N GLY E 280 -12.54 -16.93 -0.37
CA GLY E 280 -14.00 -16.74 -0.34
C GLY E 280 -14.81 -18.03 -0.47
N VAL E 281 -14.17 -19.17 -0.27
CA VAL E 281 -14.90 -20.43 -0.43
C VAL E 281 -14.70 -21.30 0.80
N MET E 282 -15.72 -22.07 1.21
CA MET E 282 -15.50 -23.09 2.23
C MET E 282 -16.04 -24.44 1.81
N HIS E 283 -15.56 -25.48 2.47
CA HIS E 283 -16.02 -26.85 2.23
C HIS E 283 -17.26 -27.03 3.08
N LEU E 284 -18.32 -27.54 2.47
CA LEU E 284 -19.48 -27.96 3.20
C LEU E 284 -19.62 -29.46 2.99
N PHE E 285 -19.66 -30.22 4.08
CA PHE E 285 -19.96 -31.65 4.02
C PHE E 285 -21.23 -31.95 4.77
N TYR E 286 -21.94 -33.00 4.36
CA TYR E 286 -22.96 -33.58 5.22
C TYR E 286 -23.14 -35.04 5.01
N VAL E 287 -23.51 -35.70 6.08
CA VAL E 287 -23.85 -37.11 6.00
C VAL E 287 -25.34 -37.16 6.23
N ARG E 288 -26.00 -37.82 5.27
CA ARG E 288 -27.44 -38.03 5.34
C ARG E 288 -27.80 -39.19 6.25
N ALA E 289 -29.01 -39.17 6.81
CA ALA E 289 -29.52 -40.31 7.59
C ALA E 289 -29.58 -41.54 6.71
N GLY E 290 -29.23 -42.69 7.25
CA GLY E 290 -29.40 -43.95 6.56
C GLY E 290 -28.09 -44.69 6.45
N VAL E 291 -26.98 -44.04 6.80
CA VAL E 291 -25.68 -44.71 6.67
C VAL E 291 -25.67 -45.68 7.82
N SER E 292 -24.99 -46.80 7.60
CA SER E 292 -24.77 -47.77 8.65
C SER E 292 -23.63 -47.31 9.53
N ARG E 293 -23.60 -47.88 10.72
CA ARG E 293 -22.51 -47.71 11.63
C ARG E 293 -21.19 -48.12 11.01
N ALA E 294 -21.13 -49.26 10.33
CA ALA E 294 -19.86 -49.75 9.80
C ALA E 294 -19.28 -48.83 8.72
N MET E 295 -20.13 -48.28 7.85
CA MET E 295 -19.68 -47.37 6.78
C MET E 295 -19.19 -46.03 7.36
N LEU E 296 -19.94 -45.47 8.33
CA LEU E 296 -19.54 -44.23 8.97
C LEU E 296 -18.18 -44.41 9.62
N LEU E 297 -17.97 -45.57 10.26
CA LEU E 297 -16.67 -45.94 10.83
C LEU E 297 -15.53 -46.08 9.81
N ARG E 298 -15.77 -46.77 8.68
CA ARG E 298 -14.90 -46.70 7.46
C ARG E 298 -14.54 -45.29 7.03
N LEU E 299 -15.52 -44.46 6.74
CA LEU E 299 -15.26 -43.06 6.38
C LEU E 299 -14.31 -42.42 7.39
N PHE E 300 -14.64 -42.58 8.68
CA PHE E 300 -13.91 -41.94 9.73
C PHE E 300 -12.42 -42.36 9.79
N LEU E 301 -12.14 -43.65 9.70
CA LEU E 301 -10.79 -44.14 9.73
C LEU E 301 -10.06 -43.78 8.43
N ALA E 302 -10.73 -43.87 7.28
CA ALA E 302 -10.17 -43.46 5.98
C ALA E 302 -9.76 -41.99 6.01
N MET E 303 -10.44 -41.20 6.85
CA MET E 303 -10.21 -39.78 6.88
C MET E 303 -8.82 -39.44 7.42
N GLU E 304 -8.16 -40.38 8.07
CA GLU E 304 -6.84 -40.07 8.57
C GLU E 304 -5.93 -39.74 7.41
N LYS E 305 -5.99 -40.57 6.38
CA LYS E 305 -5.17 -40.36 5.19
C LYS E 305 -5.82 -39.59 4.03
N GLY E 306 -7.01 -39.03 4.24
CA GLY E 306 -7.67 -38.23 3.24
C GLY E 306 -8.33 -39.14 2.23
N ARG E 307 -8.55 -40.40 2.62
CA ARG E 307 -9.15 -41.37 1.66
C ARG E 307 -10.67 -41.56 1.71
N HIS E 308 -11.38 -40.83 2.55
CA HIS E 308 -12.77 -41.14 2.83
C HIS E 308 -13.65 -40.77 1.64
N MET E 309 -13.13 -39.98 0.72
CA MET E 309 -13.98 -39.67 -0.47
C MET E 309 -13.74 -40.63 -1.60
N GLU E 310 -12.83 -41.55 -1.40
CA GLU E 310 -12.60 -42.54 -2.43
C GLU E 310 -13.58 -43.71 -2.38
N TYR E 311 -14.43 -43.75 -1.32
CA TYR E 311 -15.49 -44.76 -1.11
C TYR E 311 -16.76 -44.30 -1.75
N GLU E 312 -17.48 -45.23 -2.36
CA GLU E 312 -18.81 -44.98 -2.90
C GLU E 312 -19.70 -44.91 -1.69
N CYS E 313 -20.14 -43.73 -1.30
CA CYS E 313 -21.06 -43.57 -0.20
C CYS E 313 -22.08 -42.50 -0.54
N PRO E 314 -23.32 -42.89 -0.89
CA PRO E 314 -24.36 -41.92 -1.28
C PRO E 314 -24.82 -41.02 -0.10
N TYR E 315 -24.48 -41.40 1.12
CA TYR E 315 -24.81 -40.58 2.28
C TYR E 315 -23.87 -39.36 2.56
N LEU E 316 -22.65 -39.42 2.05
CA LEU E 316 -21.63 -38.37 2.19
C LEU E 316 -21.69 -37.44 0.99
N VAL E 317 -22.03 -36.19 1.23
CA VAL E 317 -22.13 -35.22 0.17
C VAL E 317 -21.15 -34.05 0.38
N TYR E 318 -20.48 -33.63 -0.70
CA TYR E 318 -19.52 -32.55 -0.64
C TYR E 318 -19.88 -31.50 -1.61
N VAL E 319 -19.91 -30.24 -1.16
CA VAL E 319 -20.12 -29.07 -2.04
C VAL E 319 -19.26 -27.94 -1.51
N PRO E 320 -18.59 -27.21 -2.41
CA PRO E 320 -17.96 -25.98 -1.98
C PRO E 320 -18.99 -24.84 -1.97
N VAL E 321 -18.97 -23.98 -0.97
CA VAL E 321 -20.01 -22.94 -0.88
C VAL E 321 -19.46 -21.60 -0.39
N VAL E 322 -20.24 -20.53 -0.61
CA VAL E 322 -19.87 -19.25 -0.02
C VAL E 322 -20.79 -18.87 1.12
N ALA E 323 -21.89 -19.60 1.26
CA ALA E 323 -22.91 -19.31 2.29
C ALA E 323 -23.74 -20.54 2.58
N PHE E 324 -24.34 -20.58 3.76
CA PHE E 324 -25.22 -21.68 4.16
C PHE E 324 -26.19 -21.21 5.29
N ARG E 325 -27.28 -21.94 5.48
CA ARG E 325 -28.17 -21.69 6.59
C ARG E 325 -28.53 -23.04 7.10
N LEU E 326 -28.61 -23.14 8.41
CA LEU E 326 -28.94 -24.41 9.04
C LEU E 326 -29.87 -24.28 10.25
N GLU E 327 -31.04 -24.92 10.16
CA GLU E 327 -32.05 -24.86 11.23
C GLU E 327 -32.35 -26.24 11.70
N PRO E 328 -31.99 -26.52 12.96
CA PRO E 328 -32.38 -27.72 13.71
C PRO E 328 -33.87 -27.69 14.12
N LYS E 329 -34.71 -28.40 13.38
CA LYS E 329 -36.13 -28.50 13.72
C LYS E 329 -36.28 -29.59 14.76
N ASP E 330 -36.20 -29.21 16.03
CA ASP E 330 -36.83 -29.97 17.15
C ASP E 330 -36.66 -29.11 18.40
N GLY E 331 -35.80 -28.11 18.28
CA GLY E 331 -35.71 -27.02 19.26
C GLY E 331 -34.39 -26.26 19.14
N LYS E 332 -33.58 -26.40 20.18
CA LYS E 332 -32.22 -25.91 20.15
C LYS E 332 -31.24 -27.05 19.73
N GLY E 333 -30.50 -26.80 18.64
CA GLY E 333 -29.41 -27.68 18.23
C GLY E 333 -28.11 -27.26 18.90
N VAL E 334 -27.31 -28.25 19.28
CA VAL E 334 -25.91 -28.06 19.78
C VAL E 334 -24.89 -27.99 18.62
N PHE E 335 -24.16 -26.89 18.52
CA PHE E 335 -23.09 -26.72 17.52
C PHE E 335 -21.69 -26.67 18.17
N ALA E 336 -20.67 -26.98 17.36
CA ALA E 336 -19.30 -26.67 17.73
C ALA E 336 -18.78 -25.67 16.70
N VAL E 337 -18.34 -24.50 17.15
CA VAL E 337 -17.73 -23.50 16.30
C VAL E 337 -16.22 -23.45 16.58
N ASP E 338 -15.43 -23.93 15.61
CA ASP E 338 -13.96 -24.10 15.81
C ASP E 338 -13.75 -24.92 17.07
N GLY E 339 -14.66 -25.85 17.33
CA GLY E 339 -14.56 -26.73 18.48
C GLY E 339 -15.21 -26.16 19.75
N GLU E 340 -15.57 -24.87 19.82
CA GLU E 340 -16.24 -24.34 21.00
C GLU E 340 -17.74 -24.65 20.93
N LEU E 341 -18.30 -25.24 22.00
CA LEU E 341 -19.76 -25.50 22.08
C LEU E 341 -20.64 -24.23 21.92
N MET E 342 -21.66 -24.32 21.12
CA MET E 342 -22.63 -23.27 21.05
C MET E 342 -23.98 -23.90 20.82
N VAL E 343 -24.98 -23.43 21.55
CA VAL E 343 -26.36 -23.94 21.43
C VAL E 343 -27.18 -22.95 20.61
N SER E 344 -28.04 -23.41 19.70
CA SER E 344 -28.89 -22.47 18.89
C SER E 344 -29.95 -23.07 17.99
N GLU E 345 -30.94 -22.22 17.69
CA GLU E 345 -32.20 -22.63 17.04
C GLU E 345 -32.04 -22.61 15.52
N ALA E 346 -31.01 -21.89 15.08
CA ALA E 346 -30.68 -21.67 13.67
C ALA E 346 -29.40 -20.88 13.61
N VAL E 347 -28.62 -21.16 12.58
CA VAL E 347 -27.38 -20.42 12.26
C VAL E 347 -27.34 -20.22 10.76
N GLN E 348 -26.82 -19.08 10.31
CA GLN E 348 -26.38 -18.94 8.93
C GLN E 348 -25.06 -18.23 8.88
N GLY E 349 -24.36 -18.34 7.74
CA GLY E 349 -23.07 -17.67 7.59
C GLY E 349 -22.57 -17.47 6.19
N GLN E 350 -21.64 -16.55 6.05
CA GLN E 350 -21.03 -16.26 4.77
C GLN E 350 -19.52 -16.21 4.97
N VAL E 351 -18.77 -16.76 4.04
CA VAL E 351 -17.34 -16.72 4.17
C VAL E 351 -16.83 -15.47 3.42
N HIS E 352 -15.89 -14.76 4.02
CA HIS E 352 -15.31 -13.57 3.39
C HIS E 352 -13.94 -13.97 2.96
N PRO E 353 -13.50 -13.58 1.73
CA PRO E 353 -12.13 -13.89 1.26
C PRO E 353 -11.03 -13.18 2.02
N ASN E 354 -9.90 -13.87 2.21
CA ASN E 354 -8.62 -13.24 2.53
C ASN E 354 -8.78 -12.11 3.55
N TYR E 355 -9.35 -12.47 4.69
CA TYR E 355 -9.78 -11.49 5.63
C TYR E 355 -8.75 -11.18 6.72
N PHE E 356 -7.79 -12.09 6.90
CA PHE E 356 -6.73 -11.88 7.87
C PHE E 356 -5.47 -12.64 7.45
N TRP E 357 -4.34 -12.22 8.05
CA TRP E 357 -3.02 -12.78 7.84
C TRP E 357 -2.62 -13.85 8.87
N MET E 358 -2.12 -14.96 8.37
CA MET E 358 -1.58 -15.97 9.24
C MET E 358 -0.13 -16.15 8.85
N VAL E 359 0.72 -16.54 9.78
CA VAL E 359 1.97 -17.09 9.33
C VAL E 359 1.77 -18.48 8.68
N SER E 360 2.27 -18.62 7.44
CA SER E 360 2.31 -19.93 6.78
C SER E 360 3.49 -20.10 5.82
N GLY E 361 3.40 -21.12 4.98
CA GLY E 361 4.31 -21.31 3.80
C GLY E 361 3.58 -22.03 2.66
N MET F 3 -2.17 11.75 43.97
CA MET F 3 -3.59 12.29 44.09
C MET F 3 -4.64 11.15 44.21
N GLY F 4 -5.79 11.47 44.87
CA GLY F 4 -6.94 10.51 45.07
C GLY F 4 -6.89 9.74 46.39
N SER F 5 -7.73 8.72 46.54
CA SER F 5 -7.84 7.93 47.77
C SER F 5 -7.00 6.64 47.76
N GLY F 6 -6.61 6.14 48.94
CA GLY F 6 -5.70 5.02 49.08
C GLY F 6 -6.29 3.63 49.11
N VAL F 7 -7.24 3.35 48.21
CA VAL F 7 -7.87 2.05 48.12
C VAL F 7 -8.03 1.57 46.64
N LEU F 8 -8.03 0.25 46.45
CA LEU F 8 -8.44 -0.39 45.22
C LEU F 8 -9.97 -0.63 45.14
N PRO F 9 -10.54 -0.60 43.92
CA PRO F 9 -11.92 -1.08 43.75
C PRO F 9 -12.08 -2.58 44.11
N ARG F 10 -13.29 -2.97 44.54
CA ARG F 10 -13.68 -4.38 44.68
C ARG F 10 -14.98 -4.52 43.91
N PRO F 11 -15.04 -5.46 42.95
CA PRO F 11 -13.88 -6.28 42.59
C PRO F 11 -12.87 -5.45 41.81
N CYS F 12 -11.67 -5.99 41.62
CA CYS F 12 -10.76 -5.33 40.67
C CYS F 12 -9.99 -6.31 39.75
N ARG F 13 -9.35 -5.75 38.73
CA ARG F 13 -8.46 -6.55 37.92
C ARG F 13 -7.04 -5.96 37.86
N VAL F 14 -6.07 -6.85 37.85
CA VAL F 14 -4.69 -6.49 38.12
C VAL F 14 -3.75 -7.14 37.09
N LEU F 15 -2.72 -6.43 36.64
CA LEU F 15 -1.76 -7.03 35.75
C LEU F 15 -0.68 -7.52 36.63
N VAL F 16 -0.33 -8.78 36.48
CA VAL F 16 0.85 -9.35 37.21
C VAL F 16 2.06 -9.60 36.30
N LEU F 17 3.13 -8.84 36.51
CA LEU F 17 4.43 -9.05 35.89
C LEU F 17 5.26 -9.95 36.75
N LEU F 18 5.50 -11.16 36.23
CA LEU F 18 6.15 -12.19 37.02
C LEU F 18 7.47 -12.54 36.32
N ASN F 19 8.60 -12.54 37.03
CA ASN F 19 9.82 -13.05 36.46
C ASN F 19 9.88 -14.55 36.77
N PRO F 20 9.84 -15.39 35.72
CA PRO F 20 9.72 -16.84 36.00
C PRO F 20 11.01 -17.44 36.61
N ARG F 21 12.16 -16.87 36.19
CA ARG F 21 13.52 -17.23 36.63
C ARG F 21 13.84 -16.77 38.08
N GLY F 22 12.83 -16.83 38.97
CA GLY F 22 12.89 -16.23 40.31
C GLY F 22 12.36 -17.20 41.36
N GLY F 23 12.80 -16.97 42.61
CA GLY F 23 12.57 -17.91 43.74
C GLY F 23 13.19 -19.24 43.38
N LYS F 24 14.47 -19.20 42.98
CA LYS F 24 15.08 -20.10 41.96
C LYS F 24 14.17 -20.92 41.01
N GLY F 25 13.52 -20.24 40.05
CA GLY F 25 12.70 -20.88 39.00
C GLY F 25 11.34 -21.33 39.49
N LYS F 26 10.92 -20.76 40.62
CA LYS F 26 9.71 -21.17 41.31
C LYS F 26 8.60 -20.09 41.35
N ALA F 27 8.94 -18.88 40.91
CA ALA F 27 8.04 -17.73 41.00
C ALA F 27 6.64 -18.06 40.59
N LEU F 28 6.49 -18.77 39.46
CA LEU F 28 5.19 -19.03 38.91
C LEU F 28 4.42 -20.05 39.73
N GLN F 29 5.13 -21.02 40.28
CA GLN F 29 4.53 -22.07 41.13
C GLN F 29 4.13 -21.44 42.49
N LEU F 30 5.03 -20.64 43.05
CA LEU F 30 4.72 -19.77 44.24
C LEU F 30 3.42 -19.03 44.03
N PHE F 31 3.26 -18.41 42.85
CA PHE F 31 2.11 -17.63 42.54
C PHE F 31 0.87 -18.46 42.57
N ARG F 32 1.02 -19.63 41.94
CA ARG F 32 -0.07 -20.60 41.76
C ARG F 32 -0.57 -21.18 43.11
N SER F 33 0.38 -21.49 44.00
CA SER F 33 0.05 -22.08 45.32
C SER F 33 -0.13 -21.03 46.39
N HIS F 34 0.55 -19.88 46.27
CA HIS F 34 0.49 -18.89 47.36
C HIS F 34 -0.33 -17.62 47.13
N VAL F 35 -0.37 -17.09 45.90
CA VAL F 35 -1.11 -15.88 45.61
C VAL F 35 -2.51 -16.13 45.03
N GLN F 36 -2.59 -16.99 44.02
CA GLN F 36 -3.85 -17.13 43.28
C GLN F 36 -5.10 -17.43 44.15
N PRO F 37 -5.03 -18.42 45.07
CA PRO F 37 -6.25 -18.67 45.91
C PRO F 37 -6.64 -17.46 46.80
N LEU F 38 -5.66 -16.70 47.28
CA LEU F 38 -5.97 -15.44 47.99
C LEU F 38 -6.69 -14.45 47.07
N LEU F 39 -6.20 -14.27 45.84
CA LEU F 39 -6.83 -13.31 44.94
C LEU F 39 -8.23 -13.74 44.69
N ALA F 40 -8.44 -15.04 44.46
CA ALA F 40 -9.77 -15.50 43.98
C ALA F 40 -10.80 -15.22 45.06
N GLU F 41 -10.42 -15.40 46.32
CA GLU F 41 -11.34 -15.12 47.45
C GLU F 41 -11.67 -13.60 47.61
N ALA F 42 -10.70 -12.73 47.36
CA ALA F 42 -10.86 -11.28 47.35
C ALA F 42 -11.49 -10.74 46.08
N GLU F 43 -11.80 -11.62 45.12
CA GLU F 43 -12.34 -11.17 43.83
C GLU F 43 -11.34 -10.22 43.14
N ILE F 44 -10.08 -10.62 43.17
CA ILE F 44 -9.14 -9.95 42.39
C ILE F 44 -8.85 -10.81 41.14
N SER F 45 -9.37 -10.33 40.02
CA SER F 45 -9.00 -10.84 38.72
C SER F 45 -7.58 -10.43 38.37
N PHE F 46 -6.87 -11.31 37.67
CA PHE F 46 -5.52 -11.01 37.23
C PHE F 46 -5.17 -11.57 35.86
N THR F 47 -4.19 -10.90 35.22
CA THR F 47 -3.53 -11.59 34.11
C THR F 47 -2.05 -11.59 34.21
N LEU F 48 -1.48 -12.73 33.93
CA LEU F 48 -0.06 -12.91 34.12
C LEU F 48 0.70 -12.71 32.82
N MET F 49 1.84 -12.07 32.93
CA MET F 49 2.63 -11.74 31.82
C MET F 49 4.01 -11.98 32.34
N LEU F 50 4.80 -12.71 31.57
CA LEU F 50 6.10 -13.12 32.06
C LEU F 50 7.16 -12.28 31.44
N THR F 51 8.23 -12.12 32.19
CA THR F 51 9.20 -11.15 31.82
C THR F 51 10.62 -11.72 31.66
N GLU F 52 11.02 -12.00 30.41
CA GLU F 52 12.39 -12.51 30.15
C GLU F 52 13.49 -11.47 30.42
N ARG F 53 13.96 -10.85 29.33
CA ARG F 53 15.17 -10.04 29.32
C ARG F 53 15.11 -8.83 30.28
N ARG F 54 16.30 -8.27 30.50
CA ARG F 54 16.47 -6.93 31.06
C ARG F 54 15.65 -5.92 30.24
N ASN F 55 14.94 -5.01 30.96
CA ASN F 55 14.19 -3.89 30.37
C ASN F 55 12.86 -4.27 29.77
N HIS F 56 12.57 -5.56 29.76
CA HIS F 56 11.41 -6.04 29.09
C HIS F 56 10.18 -5.47 29.82
N ALA F 57 10.22 -5.51 31.15
CA ALA F 57 9.08 -4.99 31.90
C ALA F 57 8.86 -3.50 31.63
N ARG F 58 9.96 -2.82 31.45
CA ARG F 58 9.92 -1.39 31.27
C ARG F 58 9.25 -0.99 29.95
N GLU F 59 9.68 -1.63 28.84
CA GLU F 59 9.06 -1.41 27.54
C GLU F 59 7.60 -1.78 27.60
N LEU F 60 7.29 -2.89 28.27
CA LEU F 60 5.91 -3.32 28.41
C LEU F 60 5.08 -2.24 29.12
N VAL F 61 5.56 -1.75 30.26
CA VAL F 61 4.80 -0.74 31.01
C VAL F 61 4.68 0.61 30.23
N ARG F 62 5.76 1.00 29.57
CA ARG F 62 5.74 2.19 28.69
C ARG F 62 4.70 2.11 27.57
N SER F 63 4.46 0.91 27.00
CA SER F 63 3.48 0.81 25.88
C SER F 63 2.09 0.38 26.26
N GLU F 64 1.92 0.07 27.54
CA GLU F 64 0.70 -0.52 28.05
C GLU F 64 -0.48 0.45 28.09
N GLU F 65 -1.64 -0.09 27.80
CA GLU F 65 -2.90 0.61 27.92
C GLU F 65 -3.26 0.51 29.40
N LEU F 66 -2.96 1.54 30.18
CA LEU F 66 -3.17 1.46 31.64
C LEU F 66 -4.64 1.36 32.10
N GLY F 67 -5.56 1.97 31.35
CA GLY F 67 -6.99 1.81 31.56
C GLY F 67 -7.57 0.43 31.86
N ARG F 68 -6.95 -0.66 31.36
CA ARG F 68 -7.45 -2.06 31.63
C ARG F 68 -7.22 -2.52 33.08
N TRP F 69 -6.31 -1.87 33.78
CA TRP F 69 -5.82 -2.43 35.06
C TRP F 69 -6.16 -1.49 36.26
N ASP F 70 -6.54 -2.06 37.39
CA ASP F 70 -6.68 -1.24 38.61
C ASP F 70 -5.35 -1.13 39.35
N ALA F 71 -4.42 -2.05 39.10
CA ALA F 71 -3.10 -1.93 39.69
C ALA F 71 -2.13 -2.81 38.89
N LEU F 72 -0.84 -2.54 38.99
CA LEU F 72 0.16 -3.37 38.41
C LEU F 72 0.90 -4.07 39.55
N VAL F 73 0.84 -5.41 39.54
CA VAL F 73 1.63 -6.15 40.49
C VAL F 73 2.89 -6.73 39.88
N VAL F 74 3.95 -6.62 40.62
CA VAL F 74 5.24 -7.03 40.19
C VAL F 74 5.61 -8.19 41.11
N MET F 75 5.83 -9.37 40.54
CA MET F 75 6.21 -10.51 41.34
C MET F 75 7.60 -10.91 40.92
N SER F 76 8.56 -10.26 41.53
CA SER F 76 9.95 -10.50 41.26
C SER F 76 10.82 -10.02 42.42
N GLY F 77 11.76 -9.13 42.09
CA GLY F 77 12.59 -8.44 43.07
C GLY F 77 12.36 -6.93 42.93
N ASP F 78 13.20 -6.16 43.63
CA ASP F 78 13.19 -4.71 43.58
C ASP F 78 13.49 -4.17 42.20
N GLY F 79 14.36 -4.88 41.45
CA GLY F 79 14.75 -4.48 40.09
C GLY F 79 13.65 -4.44 39.05
N LEU F 80 12.66 -5.33 39.19
CA LEU F 80 11.49 -5.25 38.32
C LEU F 80 10.62 -4.02 38.65
N MET F 81 10.43 -3.74 39.95
CA MET F 81 9.67 -2.52 40.35
C MET F 81 10.36 -1.31 39.74
N HIS F 82 11.70 -1.30 39.88
CA HIS F 82 12.52 -0.28 39.26
C HIS F 82 12.19 -0.11 37.76
N GLU F 83 11.91 -1.21 37.07
CA GLU F 83 11.79 -1.09 35.61
C GLU F 83 10.40 -0.50 35.38
N VAL F 84 9.44 -1.00 36.18
CA VAL F 84 8.08 -0.57 36.04
C VAL F 84 7.93 0.95 36.22
N VAL F 85 8.47 1.49 37.31
CA VAL F 85 8.40 2.92 37.56
C VAL F 85 9.07 3.76 36.48
N ASN F 86 10.28 3.38 36.10
CA ASN F 86 10.98 4.08 35.03
C ASN F 86 10.23 4.01 33.73
N GLY F 87 9.55 2.88 33.49
CA GLY F 87 8.69 2.77 32.33
C GLY F 87 7.55 3.76 32.39
N LEU F 88 6.87 3.85 33.53
CA LEU F 88 5.76 4.82 33.67
C LEU F 88 6.24 6.25 33.49
N MET F 89 7.41 6.54 34.06
CA MET F 89 7.98 7.89 34.01
C MET F 89 8.55 8.28 32.64
N GLU F 90 8.69 7.30 31.75
CA GLU F 90 9.14 7.60 30.36
C GLU F 90 8.01 7.82 29.38
N ARG F 91 6.77 7.69 29.80
CA ARG F 91 5.68 7.85 28.88
C ARG F 91 5.42 9.35 28.63
N PRO F 92 4.86 9.69 27.44
CA PRO F 92 4.47 11.09 27.31
C PRO F 92 3.54 11.48 28.46
N ASP F 93 2.61 10.57 28.82
CA ASP F 93 1.57 10.84 29.85
C ASP F 93 2.03 10.45 31.25
N TRP F 94 3.30 10.64 31.50
CA TRP F 94 3.91 10.25 32.75
C TRP F 94 3.21 10.74 34.03
N GLU F 95 2.46 11.85 33.91
CA GLU F 95 1.84 12.49 35.05
C GLU F 95 0.66 11.74 35.56
N THR F 96 -0.14 11.21 34.66
CA THR F 96 -1.22 10.35 35.07
C THR F 96 -0.74 8.89 35.27
N ALA F 97 0.16 8.43 34.41
CA ALA F 97 0.68 7.02 34.43
C ALA F 97 1.32 6.67 35.80
N ILE F 98 2.18 7.55 36.30
CA ILE F 98 2.80 7.38 37.63
C ILE F 98 1.81 7.25 38.78
N GLN F 99 0.54 7.58 38.58
CA GLN F 99 -0.49 7.42 39.60
C GLN F 99 -1.20 6.06 39.62
N LYS F 100 -0.88 5.18 38.68
CA LYS F 100 -1.46 3.83 38.68
C LYS F 100 -0.90 3.02 39.88
N PRO F 101 -1.75 2.44 40.71
CA PRO F 101 -1.16 1.85 41.89
C PRO F 101 -0.32 0.65 41.53
N LEU F 102 0.76 0.49 42.28
CA LEU F 102 1.69 -0.57 42.18
C LEU F 102 1.65 -1.43 43.43
N CYS F 103 2.22 -2.62 43.32
CA CYS F 103 2.19 -3.62 44.39
C CYS F 103 3.36 -4.51 44.14
N SER F 104 3.94 -4.97 45.24
CA SER F 104 5.20 -5.66 45.18
C SER F 104 5.11 -7.01 45.89
N LEU F 105 5.13 -8.09 45.10
CA LEU F 105 5.08 -9.45 45.63
C LEU F 105 6.47 -10.02 45.51
N PRO F 106 7.04 -10.51 46.65
CA PRO F 106 8.40 -11.01 46.63
C PRO F 106 8.53 -12.41 46.01
N ALA F 107 9.53 -12.59 45.18
CA ALA F 107 9.82 -13.91 44.66
C ALA F 107 11.34 -14.01 44.65
N GLY F 108 11.87 -15.00 45.39
CA GLY F 108 13.34 -15.12 45.55
C GLY F 108 14.00 -13.89 46.20
N SER F 109 15.25 -13.58 45.79
CA SER F 109 16.12 -12.60 46.49
C SER F 109 15.80 -11.16 46.13
N GLY F 110 16.30 -10.23 46.95
CA GLY F 110 16.25 -8.79 46.61
C GLY F 110 14.81 -8.30 46.67
N ASN F 111 14.22 -8.39 47.85
CA ASN F 111 12.92 -7.84 48.08
C ASN F 111 12.91 -6.90 49.28
N ALA F 112 13.78 -5.89 49.23
CA ALA F 112 13.84 -4.84 50.22
C ALA F 112 12.47 -4.14 50.35
N LEU F 113 11.89 -3.85 49.20
CA LEU F 113 10.70 -3.05 49.11
C LEU F 113 9.54 -3.77 49.74
N ALA F 114 9.42 -5.04 49.35
CA ALA F 114 8.41 -5.93 49.91
C ALA F 114 8.59 -6.04 51.41
N ALA F 115 9.84 -6.08 51.84
CA ALA F 115 10.18 -6.35 53.23
C ALA F 115 9.84 -5.12 54.09
N SER F 116 10.06 -3.94 53.52
CA SER F 116 9.73 -2.69 54.10
C SER F 116 8.22 -2.61 54.34
N LEU F 117 7.44 -3.00 53.33
CA LEU F 117 6.00 -2.88 53.36
C LEU F 117 5.41 -3.81 54.39
N ASN F 118 6.08 -4.92 54.56
CA ASN F 118 5.58 -5.91 55.49
C ASN F 118 5.88 -5.39 56.91
N HIS F 119 7.06 -4.78 57.09
CA HIS F 119 7.36 -4.12 58.33
C HIS F 119 6.37 -2.98 58.67
N TYR F 120 6.15 -2.04 57.74
CA TYR F 120 5.29 -0.88 57.99
C TYR F 120 3.91 -1.39 58.38
N ALA F 121 3.56 -2.57 57.85
CA ALA F 121 2.24 -3.16 58.06
C ALA F 121 2.10 -3.65 59.49
N GLY F 122 3.21 -3.85 60.20
CA GLY F 122 3.17 -4.31 61.57
C GLY F 122 3.56 -5.79 61.66
N TYR F 123 3.90 -6.43 60.55
CA TYR F 123 4.22 -7.84 60.64
C TYR F 123 5.64 -7.99 61.11
N GLU F 124 5.89 -9.17 61.66
CA GLU F 124 7.16 -9.71 61.96
C GLU F 124 8.01 -9.80 60.71
N GLN F 125 9.33 -9.79 60.92
CA GLN F 125 10.30 -9.86 59.84
C GLN F 125 10.42 -11.28 59.26
N VAL F 126 9.55 -11.65 58.35
CA VAL F 126 9.54 -13.00 57.83
C VAL F 126 10.12 -13.02 56.43
N THR F 127 10.13 -14.20 55.85
CA THR F 127 10.94 -14.47 54.69
C THR F 127 10.23 -15.45 53.79
N ASN F 128 10.67 -15.55 52.53
CA ASN F 128 10.16 -16.57 51.60
C ASN F 128 8.65 -16.60 51.54
N GLU F 129 8.09 -17.79 51.75
CA GLU F 129 6.66 -17.94 51.52
C GLU F 129 5.75 -17.16 52.53
N ASP F 130 6.18 -17.13 53.80
CA ASP F 130 5.54 -16.29 54.85
C ASP F 130 5.48 -14.83 54.43
N LEU F 131 6.63 -14.33 53.95
CA LEU F 131 6.69 -13.01 53.37
C LEU F 131 5.76 -12.83 52.15
N LEU F 132 5.76 -13.80 51.23
CA LEU F 132 4.91 -13.70 50.03
C LEU F 132 3.44 -13.66 50.42
N THR F 133 3.10 -14.43 51.44
CA THR F 133 1.71 -14.49 51.90
C THR F 133 1.30 -13.17 52.52
N ASN F 134 2.22 -12.51 53.23
CA ASN F 134 1.82 -11.29 53.91
C ASN F 134 1.49 -10.18 52.89
N CYS F 135 2.39 -10.02 51.92
CA CYS F 135 2.20 -8.98 50.89
C CYS F 135 0.96 -9.25 50.04
N THR F 136 0.57 -10.51 49.98
CA THR F 136 -0.57 -10.89 49.19
C THR F 136 -1.80 -10.52 49.97
N LEU F 137 -1.73 -10.69 51.29
CA LEU F 137 -2.84 -10.27 52.18
C LEU F 137 -3.00 -8.74 52.05
N LEU F 138 -1.85 -8.06 52.00
CA LEU F 138 -1.85 -6.63 51.75
C LEU F 138 -2.68 -6.34 50.51
N LEU F 139 -2.34 -7.01 49.40
CA LEU F 139 -3.05 -6.71 48.14
C LEU F 139 -4.52 -7.08 48.33
N CYS F 140 -4.83 -8.17 49.03
CA CYS F 140 -6.25 -8.51 49.19
C CYS F 140 -7.04 -7.47 50.02
N ARG F 141 -6.35 -6.86 50.98
CA ARG F 141 -6.91 -5.78 51.76
C ARG F 141 -7.08 -4.53 50.96
N ARG F 142 -6.35 -4.37 49.87
CA ARG F 142 -6.65 -3.27 48.94
C ARG F 142 -6.37 -1.85 49.43
N LEU F 143 -5.58 -1.70 50.49
CA LEU F 143 -5.20 -0.37 50.95
C LEU F 143 -3.87 0.03 50.35
N LEU F 144 -3.74 1.31 50.05
CA LEU F 144 -2.58 1.93 49.38
C LEU F 144 -1.91 3.02 50.24
N SER F 145 -0.59 3.23 50.16
CA SER F 145 0.05 4.46 50.65
C SER F 145 0.87 5.15 49.57
N PRO F 146 0.99 6.49 49.68
CA PRO F 146 1.93 7.21 48.84
C PRO F 146 3.34 6.88 49.23
N MET F 147 4.22 6.90 48.23
CA MET F 147 5.62 6.63 48.51
C MET F 147 6.52 7.64 47.90
N ASN F 148 7.70 7.80 48.49
CA ASN F 148 8.67 8.68 47.92
C ASN F 148 9.34 8.12 46.66
N LEU F 149 9.78 9.02 45.79
CA LEU F 149 10.47 8.64 44.58
C LEU F 149 11.72 9.49 44.48
N LEU F 150 12.83 8.87 44.13
CA LEU F 150 14.09 9.59 44.05
C LEU F 150 14.37 9.90 42.60
N SER F 151 14.66 11.18 42.31
CA SER F 151 14.98 11.63 40.96
C SER F 151 16.47 11.78 40.83
N LEU F 152 17.07 10.98 39.93
CA LEU F 152 18.49 10.92 39.71
C LEU F 152 18.92 11.48 38.36
N HIS F 153 20.03 12.22 38.35
CA HIS F 153 20.61 12.79 37.13
C HIS F 153 22.07 12.39 37.09
N THR F 154 22.56 12.03 35.90
CA THR F 154 23.97 11.67 35.76
C THR F 154 24.68 12.63 34.83
N ALA F 155 25.97 12.85 35.14
CA ALA F 155 26.92 13.60 34.29
C ALA F 155 26.66 13.43 32.79
N SER F 156 26.54 12.18 32.31
CA SER F 156 26.11 11.97 30.91
C SER F 156 24.71 12.48 30.47
N GLY F 157 23.97 13.15 31.36
CA GLY F 157 22.64 13.70 30.99
C GLY F 157 21.55 12.65 31.11
N LEU F 158 21.84 11.61 31.87
CA LEU F 158 20.85 10.55 32.05
C LEU F 158 19.92 10.87 33.24
N ARG F 159 18.62 10.68 33.03
CA ARG F 159 17.64 11.05 34.01
C ARG F 159 16.86 9.80 34.35
N LEU F 160 17.07 9.27 35.53
CA LEU F 160 16.32 8.06 35.88
C LEU F 160 15.73 8.20 37.29
N PHE F 161 14.97 7.18 37.74
CA PHE F 161 14.28 7.20 39.01
C PHE F 161 14.57 5.96 39.85
N SER F 162 14.64 6.11 41.17
CA SER F 162 14.89 5.03 42.12
C SER F 162 13.75 4.96 43.10
N VAL F 163 13.33 3.74 43.44
CA VAL F 163 12.26 3.54 44.43
C VAL F 163 12.77 3.11 45.79
N LEU F 164 14.05 2.79 45.86
CA LEU F 164 14.52 2.19 47.05
C LEU F 164 15.87 2.70 47.51
N SER F 165 16.85 2.76 46.62
CA SER F 165 18.24 3.00 47.04
C SER F 165 19.16 3.29 45.88
N LEU F 166 20.21 4.07 46.22
CA LEU F 166 21.37 4.26 45.38
C LEU F 166 22.49 3.90 46.30
N ALA F 167 23.26 2.92 45.86
CA ALA F 167 24.34 2.42 46.66
C ALA F 167 25.66 2.56 45.86
N TRP F 168 26.77 2.65 46.59
CA TRP F 168 28.14 2.93 46.04
C TRP F 168 29.22 2.42 47.00
N GLY F 169 30.35 1.98 46.46
CA GLY F 169 31.36 1.40 47.31
C GLY F 169 31.05 -0.05 47.68
N PHE F 170 31.33 -0.39 48.92
CA PHE F 170 31.21 -1.74 49.38
C PHE F 170 29.87 -2.42 48.99
N ILE F 171 28.72 -1.71 49.11
CA ILE F 171 27.42 -2.32 48.81
C ILE F 171 27.28 -2.67 47.32
N ALA F 172 27.63 -1.71 46.47
CA ALA F 172 27.57 -1.88 45.02
C ALA F 172 28.48 -3.02 44.51
N ASP F 173 29.67 -3.14 45.07
CA ASP F 173 30.57 -4.18 44.62
C ASP F 173 30.03 -5.52 45.00
N VAL F 174 29.52 -5.66 46.21
CA VAL F 174 28.94 -6.92 46.61
C VAL F 174 27.73 -7.26 45.75
N ASP F 175 26.89 -6.29 45.39
CA ASP F 175 25.79 -6.52 44.42
C ASP F 175 26.29 -6.99 43.05
N LEU F 176 27.40 -6.42 42.57
CA LEU F 176 27.95 -6.80 41.30
C LEU F 176 28.58 -8.21 41.38
N GLU F 177 29.68 -8.30 42.11
CA GLU F 177 30.38 -9.55 42.36
C GLU F 177 29.40 -10.66 42.81
N SER F 178 28.25 -10.29 43.38
CA SER F 178 27.26 -11.27 43.83
C SER F 178 26.60 -12.08 42.73
N GLU F 179 26.44 -11.49 41.54
CA GLU F 179 25.72 -12.16 40.46
C GLU F 179 26.34 -13.50 40.08
N LYS F 180 27.67 -13.58 40.08
CA LYS F 180 28.39 -14.82 39.76
C LYS F 180 28.09 -16.03 40.67
N TYR F 181 27.07 -15.87 41.53
CA TYR F 181 26.42 -16.96 42.24
C TYR F 181 25.08 -16.52 42.75
N ARG F 182 24.29 -15.83 41.92
CA ARG F 182 22.96 -15.42 42.36
C ARG F 182 22.17 -16.63 42.77
N ARG F 183 22.40 -17.72 42.04
CA ARG F 183 21.75 -19.01 42.30
C ARG F 183 21.63 -19.41 43.81
N LEU F 184 22.31 -18.65 44.71
CA LEU F 184 22.28 -18.88 46.16
C LEU F 184 21.20 -18.12 46.96
N GLY F 185 20.57 -17.13 46.34
CA GLY F 185 19.52 -16.30 47.00
C GLY F 185 20.05 -15.17 47.87
N GLU F 186 19.20 -14.66 48.78
CA GLU F 186 19.56 -13.55 49.72
C GLU F 186 20.90 -13.77 50.46
N MET F 187 21.09 -15.01 50.93
CA MET F 187 22.35 -15.51 51.45
C MET F 187 23.59 -15.03 50.68
N ARG F 188 23.49 -14.88 49.36
CA ARG F 188 24.68 -14.53 48.60
C ARG F 188 25.27 -13.15 48.98
N PHE F 189 24.40 -12.28 49.53
CA PHE F 189 24.84 -10.95 49.97
C PHE F 189 25.80 -11.06 51.15
N THR F 190 25.50 -12.04 52.00
CA THR F 190 26.30 -12.42 53.14
C THR F 190 27.68 -12.98 52.73
N LEU F 191 27.69 -13.83 51.69
CA LEU F 191 28.96 -14.38 51.18
C LEU F 191 29.81 -13.34 50.43
N GLY F 192 29.17 -12.51 49.61
CA GLY F 192 29.86 -11.38 48.97
C GLY F 192 30.47 -10.47 50.02
N THR F 193 29.69 -10.18 51.05
CA THR F 193 30.11 -9.36 52.15
C THR F 193 31.33 -9.99 52.81
N PHE F 194 31.28 -11.29 53.07
CA PHE F 194 32.39 -11.90 53.77
C PHE F 194 33.70 -11.78 52.96
N LEU F 195 33.60 -11.87 51.62
CA LEU F 195 34.79 -11.86 50.73
C LEU F 195 35.38 -10.47 50.56
N ARG F 196 34.51 -9.49 50.34
CA ARG F 196 34.90 -8.11 50.15
C ARG F 196 35.56 -7.61 51.41
N LEU F 197 35.15 -8.20 52.52
CA LEU F 197 35.58 -7.78 53.82
C LEU F 197 37.06 -8.11 54.05
N ALA F 198 37.46 -9.36 53.76
CA ALA F 198 38.86 -9.77 53.77
C ALA F 198 39.63 -8.90 52.75
N ALA F 199 38.94 -8.43 51.73
CA ALA F 199 39.57 -7.55 50.75
C ALA F 199 39.22 -6.07 51.01
N LEU F 200 38.96 -5.69 52.27
CA LEU F 200 38.26 -4.42 52.54
C LEU F 200 39.01 -3.30 51.87
N ARG F 201 38.34 -2.57 51.00
CA ARG F 201 38.95 -1.41 50.38
C ARG F 201 38.07 -0.16 50.47
N THR F 202 38.67 1.00 50.20
CA THR F 202 37.92 2.22 50.13
C THR F 202 37.91 2.73 48.72
N TYR F 203 37.01 3.68 48.48
CA TYR F 203 36.75 4.24 47.17
C TYR F 203 36.86 5.75 47.29
N ARG F 204 37.32 6.38 46.22
CA ARG F 204 37.55 7.82 46.27
C ARG F 204 36.38 8.55 45.70
N GLY F 205 35.98 9.57 46.44
CA GLY F 205 34.74 10.24 46.11
C GLY F 205 34.54 11.52 46.87
N ARG F 206 33.69 12.35 46.28
CA ARG F 206 33.24 13.53 46.96
C ARG F 206 31.72 13.47 47.16
N LEU F 207 31.32 13.58 48.43
CA LEU F 207 29.90 13.49 48.83
C LEU F 207 29.31 14.81 49.40
N ALA F 208 28.19 15.24 48.82
CA ALA F 208 27.46 16.43 49.31
C ALA F 208 25.93 16.18 49.45
N TYR F 209 25.30 16.74 50.48
CA TYR F 209 23.85 16.59 50.61
C TYR F 209 23.14 17.84 51.17
N LEU F 210 21.82 17.89 51.03
CA LEU F 210 20.99 18.88 51.65
C LEU F 210 20.19 18.21 52.76
N PRO F 211 20.53 18.49 54.04
CA PRO F 211 19.83 17.76 55.06
C PRO F 211 18.42 18.34 55.30
N VAL F 212 17.57 17.51 55.89
CA VAL F 212 16.19 17.82 56.21
C VAL F 212 15.99 19.16 56.96
N GLY F 213 16.82 19.47 57.94
CA GLY F 213 16.71 20.78 58.63
C GLY F 213 16.62 22.08 57.79
N ARG F 214 17.31 22.10 56.64
CA ARG F 214 17.49 23.32 55.86
C ARG F 214 16.68 23.21 54.60
N GLN F 228 7.31 17.05 30.62
CA GLN F 228 8.78 16.88 30.52
C GLN F 228 9.27 15.75 31.46
N GLY F 229 8.94 15.90 32.76
CA GLY F 229 9.44 15.14 33.93
C GLY F 229 9.28 16.09 35.12
N PRO F 230 9.44 15.61 36.35
CA PRO F 230 9.21 16.50 37.49
C PRO F 230 10.40 17.43 37.75
N VAL F 231 10.14 18.62 38.33
CA VAL F 231 11.23 19.60 38.55
C VAL F 231 11.96 19.36 39.85
N ASP F 232 13.28 19.24 39.76
CA ASP F 232 14.11 19.01 40.91
C ASP F 232 14.72 20.37 41.32
N ALA F 233 13.94 21.22 42.02
CA ALA F 233 14.42 22.59 42.29
C ALA F 233 15.51 22.72 43.38
N HIS F 234 15.82 21.65 44.10
CA HIS F 234 16.98 21.71 45.01
C HIS F 234 18.27 21.45 44.26
N LEU F 235 18.17 21.02 43.02
CA LEU F 235 19.41 20.58 42.34
C LEU F 235 19.93 21.68 41.44
N VAL F 236 21.25 21.86 41.46
CA VAL F 236 21.86 22.77 40.48
C VAL F 236 22.62 21.91 39.51
N PRO F 237 22.79 22.36 38.26
CA PRO F 237 23.54 21.60 37.26
C PRO F 237 24.85 21.03 37.81
N LEU F 238 25.24 19.86 37.28
CA LEU F 238 26.33 19.11 37.84
C LEU F 238 27.69 19.80 37.67
N GLU F 239 27.72 20.83 36.79
CA GLU F 239 28.93 21.66 36.62
C GLU F 239 29.05 22.80 37.60
N GLU F 240 27.95 23.41 38.03
CA GLU F 240 28.03 24.41 39.14
C GLU F 240 28.42 23.69 40.41
N PRO F 241 29.08 24.40 41.35
CA PRO F 241 29.27 23.84 42.70
C PRO F 241 27.94 23.72 43.43
N VAL F 242 27.89 22.90 44.48
CA VAL F 242 26.60 22.72 45.18
C VAL F 242 26.20 24.05 45.83
N PRO F 243 24.88 24.34 45.91
CA PRO F 243 24.51 25.57 46.62
C PRO F 243 25.09 25.64 48.05
N SER F 244 25.28 26.87 48.49
CA SER F 244 26.10 27.17 49.63
C SER F 244 25.57 26.60 50.95
N HIS F 245 24.23 26.47 51.10
CA HIS F 245 23.63 25.82 52.29
C HIS F 245 23.79 24.26 52.44
N TRP F 246 24.15 23.55 51.37
CA TRP F 246 24.38 22.10 51.47
C TRP F 246 25.58 21.76 52.36
N THR F 247 25.59 20.55 52.89
CA THR F 247 26.72 20.05 53.65
C THR F 247 27.63 19.27 52.70
N VAL F 248 28.87 19.72 52.61
CA VAL F 248 29.87 19.09 51.77
C VAL F 248 30.70 18.22 52.73
N VAL F 249 30.70 16.90 52.57
CA VAL F 249 31.37 16.03 53.54
C VAL F 249 32.88 16.11 53.29
N PRO F 250 33.67 16.33 54.35
CA PRO F 250 35.17 16.53 54.24
C PRO F 250 35.94 15.30 53.72
N ASP F 251 35.63 14.13 54.28
CA ASP F 251 36.09 12.81 53.79
C ASP F 251 36.14 12.76 52.28
N GLU F 252 37.20 12.16 51.75
CA GLU F 252 37.29 11.94 50.32
C GLU F 252 37.61 10.48 50.02
N ASP F 253 37.38 9.65 51.05
CA ASP F 253 37.57 8.18 51.03
C ASP F 253 36.47 7.45 51.83
N PHE F 254 35.72 6.56 51.16
CA PHE F 254 34.56 5.90 51.79
C PHE F 254 34.59 4.42 51.65
N VAL F 255 34.11 3.69 52.65
CA VAL F 255 33.84 2.29 52.32
C VAL F 255 32.52 2.12 51.57
N LEU F 256 31.56 3.02 51.81
CA LEU F 256 30.24 2.91 51.14
C LEU F 256 29.32 4.15 51.35
N VAL F 257 28.44 4.41 50.37
CA VAL F 257 27.45 5.47 50.49
C VAL F 257 26.12 4.87 50.03
N LEU F 258 25.05 5.18 50.79
CA LEU F 258 23.75 4.57 50.65
C LEU F 258 22.61 5.56 50.90
N ALA F 259 21.94 5.92 49.82
CA ALA F 259 20.66 6.62 49.84
C ALA F 259 19.61 5.54 49.94
N LEU F 260 18.71 5.61 50.95
CA LEU F 260 17.76 4.53 51.22
C LEU F 260 16.39 5.11 51.59
N LEU F 261 15.38 4.74 50.82
CA LEU F 261 14.10 5.38 50.91
C LEU F 261 13.19 4.66 51.86
N HIS F 262 13.66 3.54 52.42
CA HIS F 262 12.81 2.67 53.22
C HIS F 262 13.53 2.04 54.36
N SER F 263 12.82 1.26 55.17
CA SER F 263 13.41 0.67 56.37
C SER F 263 14.34 -0.52 56.10
N HIS F 264 14.13 -1.27 55.00
CA HIS F 264 14.94 -2.50 54.78
C HIS F 264 15.86 -2.45 53.53
N LEU F 265 17.04 -3.03 53.64
CA LEU F 265 17.90 -3.24 52.46
C LEU F 265 17.67 -4.60 51.83
N GLY F 266 17.15 -5.55 52.61
CA GLY F 266 16.76 -6.86 52.11
C GLY F 266 15.75 -7.39 53.09
N SER F 267 15.25 -8.58 52.85
CA SER F 267 14.26 -9.19 53.72
C SER F 267 14.76 -9.37 55.15
N GLU F 268 16.07 -9.51 55.28
CA GLU F 268 16.67 -9.77 56.58
C GLU F 268 17.68 -8.74 56.93
N MET F 269 17.56 -7.57 56.31
CA MET F 269 18.43 -6.43 56.57
C MET F 269 17.61 -5.18 56.93
N PHE F 270 17.32 -5.05 58.21
CA PHE F 270 16.58 -3.91 58.76
C PHE F 270 17.53 -2.70 58.94
N ALA F 271 17.93 -2.08 57.83
CA ALA F 271 18.99 -1.08 57.81
C ALA F 271 18.68 0.31 58.36
N ALA F 272 17.40 0.67 58.50
CA ALA F 272 17.02 2.03 58.92
C ALA F 272 15.91 2.01 59.99
N PRO F 273 16.25 1.65 61.24
CA PRO F 273 15.24 1.40 62.27
C PRO F 273 14.79 2.63 63.03
N MET F 274 15.28 3.81 62.63
CA MET F 274 14.99 5.05 63.33
C MET F 274 13.59 5.60 63.01
N GLY F 275 12.85 4.94 62.13
CA GLY F 275 11.50 5.35 61.81
C GLY F 275 11.22 5.50 60.34
N ARG F 276 10.02 5.15 59.92
CA ARG F 276 9.65 5.28 58.53
C ARG F 276 9.88 6.72 58.01
N CYS F 277 10.37 6.84 56.78
CA CYS F 277 10.66 8.12 56.19
C CYS F 277 9.37 8.93 56.03
N ALA F 278 9.43 10.23 56.31
CA ALA F 278 8.29 11.07 56.11
C ALA F 278 8.25 11.42 54.62
N ALA F 279 7.16 12.03 54.15
CA ALA F 279 7.11 12.45 52.77
C ALA F 279 8.33 13.31 52.48
N GLY F 280 8.94 13.07 51.32
CA GLY F 280 10.12 13.83 50.85
C GLY F 280 11.40 13.66 51.60
N VAL F 281 11.48 12.73 52.54
CA VAL F 281 12.80 12.52 53.16
C VAL F 281 13.35 11.18 52.75
N MET F 282 14.67 11.09 52.54
CA MET F 282 15.34 9.76 52.42
C MET F 282 16.49 9.51 53.42
N HIS F 283 16.89 8.26 53.68
CA HIS F 283 18.00 8.11 54.59
C HIS F 283 19.29 8.26 53.76
N LEU F 284 20.27 8.99 54.27
CA LEU F 284 21.67 8.91 53.76
C LEU F 284 22.52 8.28 54.85
N PHE F 285 23.23 7.21 54.49
CA PHE F 285 24.22 6.60 55.34
C PHE F 285 25.55 6.67 54.61
N TYR F 286 26.61 6.68 55.40
CA TYR F 286 27.92 6.39 54.86
C TYR F 286 28.82 5.74 55.91
N VAL F 287 29.78 4.96 55.45
CA VAL F 287 30.85 4.47 56.30
C VAL F 287 32.16 5.12 55.86
N ARG F 288 32.82 5.84 56.78
CA ARG F 288 34.06 6.52 56.41
C ARG F 288 35.26 5.59 56.61
N ALA F 289 36.36 5.95 55.92
CA ALA F 289 37.61 5.17 55.94
C ALA F 289 38.13 4.94 57.35
N GLY F 290 38.62 3.75 57.64
CA GLY F 290 39.26 3.46 58.93
C GLY F 290 38.62 2.40 59.80
N VAL F 291 37.33 2.12 59.57
CA VAL F 291 36.62 1.04 60.28
C VAL F 291 37.37 -0.29 60.12
N SER F 292 37.44 -1.06 61.19
CA SER F 292 37.99 -2.41 61.08
C SER F 292 37.02 -3.38 60.39
N ARG F 293 37.58 -4.36 59.73
CA ARG F 293 36.80 -5.47 59.21
C ARG F 293 35.78 -5.99 60.22
N ALA F 294 36.25 -6.45 61.39
CA ALA F 294 35.39 -7.11 62.41
C ALA F 294 34.23 -6.21 62.85
N MET F 295 34.52 -4.93 63.01
CA MET F 295 33.50 -3.91 63.18
C MET F 295 32.52 -3.85 61.99
N LEU F 296 32.99 -3.80 60.74
CA LEU F 296 32.05 -3.62 59.62
C LEU F 296 31.08 -4.78 59.59
N LEU F 297 31.61 -5.96 59.83
CA LEU F 297 30.89 -7.19 59.85
C LEU F 297 29.89 -7.28 61.01
N ARG F 298 30.29 -6.78 62.18
CA ARG F 298 29.38 -6.63 63.32
C ARG F 298 28.16 -5.76 62.92
N LEU F 299 28.42 -4.62 62.26
CA LEU F 299 27.35 -3.76 61.74
C LEU F 299 26.42 -4.53 60.80
N PHE F 300 27.02 -5.30 59.90
CA PHE F 300 26.27 -6.06 58.94
C PHE F 300 25.37 -7.14 59.59
N LEU F 301 25.91 -7.85 60.57
CA LEU F 301 25.16 -8.90 61.24
C LEU F 301 24.05 -8.39 62.17
N ALA F 302 24.33 -7.31 62.91
CA ALA F 302 23.39 -6.74 63.87
C ALA F 302 22.21 -6.07 63.13
N MET F 303 22.50 -5.58 61.92
CA MET F 303 21.50 -5.00 61.04
C MET F 303 20.39 -5.98 60.73
N GLU F 304 20.63 -7.26 60.94
CA GLU F 304 19.52 -8.17 60.79
C GLU F 304 18.28 -7.84 61.69
N LYS F 305 18.51 -7.60 62.97
CA LYS F 305 17.42 -7.22 63.91
C LYS F 305 17.45 -5.71 64.20
N GLY F 306 18.12 -4.95 63.34
CA GLY F 306 18.05 -3.50 63.36
C GLY F 306 18.84 -2.85 64.48
N ARG F 307 19.82 -3.58 64.97
CA ARG F 307 20.60 -3.22 66.17
C ARG F 307 21.94 -2.58 65.83
N HIS F 308 22.19 -2.24 64.56
CA HIS F 308 23.51 -1.78 64.16
C HIS F 308 23.82 -0.36 64.65
N MET F 309 22.81 0.50 64.70
CA MET F 309 22.98 1.89 65.20
C MET F 309 23.34 1.96 66.69
N GLU F 310 22.95 0.93 67.45
CA GLU F 310 23.27 0.85 68.88
C GLU F 310 24.77 0.77 69.15
N TYR F 311 25.60 0.63 68.12
CA TYR F 311 27.04 0.56 68.39
C TYR F 311 27.62 1.95 68.53
N GLU F 312 27.00 2.97 67.93
CA GLU F 312 27.60 4.32 67.92
C GLU F 312 29.10 4.24 67.57
N CYS F 313 29.39 3.41 66.58
CA CYS F 313 30.65 3.28 65.89
C CYS F 313 30.83 4.55 65.09
N PRO F 314 31.94 5.27 65.35
CA PRO F 314 32.07 6.64 64.81
C PRO F 314 32.25 6.67 63.30
N TYR F 315 32.57 5.51 62.70
CA TYR F 315 32.73 5.43 61.24
C TYR F 315 31.39 5.40 60.42
N LEU F 316 30.32 5.01 61.11
CA LEU F 316 29.01 4.94 60.47
C LEU F 316 28.20 6.23 60.69
N VAL F 317 28.02 6.96 59.59
CA VAL F 317 27.32 8.23 59.65
C VAL F 317 25.92 8.14 59.05
N TYR F 318 24.93 8.74 59.73
CA TYR F 318 23.53 8.78 59.26
C TYR F 318 23.02 10.20 59.21
N VAL F 319 22.27 10.58 58.17
CA VAL F 319 21.56 11.86 58.16
C VAL F 319 20.30 11.69 57.34
N PRO F 320 19.18 12.32 57.75
CA PRO F 320 18.06 12.38 56.81
C PRO F 320 18.31 13.51 55.85
N VAL F 321 18.03 13.29 54.55
CA VAL F 321 18.27 14.30 53.51
C VAL F 321 17.14 14.41 52.51
N VAL F 322 17.17 15.45 51.70
CA VAL F 322 16.16 15.58 50.67
C VAL F 322 16.83 15.52 49.30
N ALA F 323 18.16 15.68 49.28
CA ALA F 323 18.89 15.81 48.03
C ALA F 323 20.31 15.49 48.37
N PHE F 324 21.08 15.04 47.36
CA PHE F 324 22.50 14.67 47.55
C PHE F 324 23.28 14.73 46.24
N ARG F 325 24.60 14.75 46.36
CA ARG F 325 25.52 14.69 45.21
C ARG F 325 26.71 13.78 45.52
N LEU F 326 26.97 12.86 44.62
CA LEU F 326 28.09 11.94 44.75
C LEU F 326 29.01 12.00 43.52
N GLU F 327 30.27 12.31 43.76
CA GLU F 327 31.24 12.42 42.68
C GLU F 327 32.36 11.41 42.88
N PRO F 328 32.25 10.24 42.23
CA PRO F 328 33.38 9.33 42.39
C PRO F 328 34.59 9.90 41.65
N LYS F 329 35.67 10.06 42.41
CA LYS F 329 36.95 10.53 41.91
C LYS F 329 38.05 9.45 42.17
N ASP F 330 37.80 8.24 41.67
CA ASP F 330 38.86 7.32 41.18
C ASP F 330 38.49 6.94 39.72
N GLY F 331 38.52 7.97 38.86
CA GLY F 331 37.95 7.93 37.52
C GLY F 331 36.44 7.74 37.64
N LYS F 332 36.00 6.48 37.55
CA LYS F 332 34.55 6.14 37.65
C LYS F 332 34.11 5.36 38.93
N GLY F 333 32.79 5.11 39.00
CA GLY F 333 32.16 4.32 40.03
C GLY F 333 31.02 3.52 39.43
N VAL F 334 30.94 2.27 39.87
CA VAL F 334 29.75 1.42 39.73
C VAL F 334 28.79 1.68 40.91
N PHE F 335 27.51 1.89 40.58
CA PHE F 335 26.42 2.05 41.55
C PHE F 335 25.45 0.87 41.51
N ALA F 336 24.77 0.63 42.63
CA ALA F 336 23.58 -0.20 42.57
C ALA F 336 22.36 0.69 42.76
N VAL F 337 21.46 0.74 41.78
CA VAL F 337 20.29 1.59 41.82
C VAL F 337 19.12 0.64 41.91
N ASP F 338 18.47 0.63 43.06
CA ASP F 338 17.49 -0.41 43.36
C ASP F 338 18.04 -1.85 43.14
N GLY F 339 19.36 -1.99 43.25
CA GLY F 339 20.03 -3.28 43.10
C GLY F 339 20.42 -3.57 41.65
N GLU F 340 20.15 -2.61 40.74
CA GLU F 340 20.47 -2.74 39.32
C GLU F 340 21.76 -2.01 39.15
N LEU F 341 22.66 -2.55 38.32
CA LEU F 341 24.01 -1.99 38.17
C LEU F 341 24.08 -0.94 37.10
N MET F 342 24.95 0.04 37.31
CA MET F 342 24.99 1.30 36.56
C MET F 342 26.34 1.90 36.88
N VAL F 343 26.95 2.66 35.96
CA VAL F 343 28.33 3.15 36.22
C VAL F 343 28.59 4.59 35.82
N SER F 344 29.07 5.45 36.72
CA SER F 344 29.23 6.85 36.32
C SER F 344 30.19 7.62 37.16
N GLU F 345 30.60 8.78 36.62
CA GLU F 345 31.61 9.69 37.21
C GLU F 345 31.00 10.66 38.22
N ALA F 346 29.64 10.78 38.16
CA ALA F 346 28.89 11.79 38.89
C ALA F 346 27.36 11.59 38.74
N VAL F 347 26.69 11.44 39.90
CA VAL F 347 25.22 11.40 40.01
C VAL F 347 24.73 12.33 41.15
N GLN F 348 23.52 12.87 40.98
CA GLN F 348 22.85 13.53 42.09
C GLN F 348 21.34 13.31 42.07
N GLY F 349 20.72 13.48 43.23
CA GLY F 349 19.29 13.22 43.34
C GLY F 349 18.47 14.04 44.32
N GLN F 350 17.18 14.04 44.07
CA GLN F 350 16.22 14.72 44.92
C GLN F 350 14.98 13.82 45.17
N VAL F 351 14.63 13.62 46.45
CA VAL F 351 13.43 12.85 46.80
C VAL F 351 12.21 13.68 46.46
N HIS F 352 11.26 13.06 45.77
CA HIS F 352 9.98 13.65 45.54
C HIS F 352 8.99 13.07 46.53
N PRO F 353 8.17 13.94 47.16
CA PRO F 353 7.30 13.38 48.22
C PRO F 353 6.09 12.65 47.72
N ASN F 354 5.79 11.53 48.36
CA ASN F 354 4.51 10.92 48.14
C ASN F 354 4.12 11.02 46.68
N TYR F 355 4.94 10.38 45.86
CA TYR F 355 4.92 10.64 44.44
C TYR F 355 4.12 9.57 43.73
N PHE F 356 4.08 8.36 44.27
CA PHE F 356 3.28 7.29 43.59
C PHE F 356 2.57 6.41 44.64
N TRP F 357 1.67 5.54 44.21
CA TRP F 357 0.89 4.68 45.14
C TRP F 357 1.39 3.26 45.20
N MET F 358 1.42 2.69 46.41
CA MET F 358 1.73 1.28 46.57
C MET F 358 0.86 0.60 47.55
N VAL F 359 0.45 -0.65 47.26
CA VAL F 359 -0.29 -1.42 48.25
C VAL F 359 0.54 -1.60 49.49
N SER F 360 -0.07 -1.25 50.61
CA SER F 360 0.62 -1.30 51.90
C SER F 360 -0.40 -1.39 53.03
N GLY F 361 0.08 -1.62 54.25
CA GLY F 361 -0.79 -1.49 55.44
C GLY F 361 -0.04 -0.89 56.64
C16 UUL G . 7.03 -25.11 -26.02
C19 UUL G . 5.74 -25.65 -26.08
C12 UUL G . 5.03 -25.49 -27.28
O20 UUL G . 3.76 -25.93 -27.40
C18 UUL G . 5.58 -24.83 -28.38
C17 UUL G . 6.85 -24.31 -28.30
C10 UUL G . 7.59 -24.46 -27.14
N6 UUL G . 8.83 -23.92 -27.16
C2 UUL G . 9.49 -23.37 -26.12
N1 UUL G . 9.07 -23.29 -24.84
S4 UUL G . 11.08 -22.70 -26.21
C5 UUL G . 11.15 -22.36 -24.53
C3 UUL G . 9.95 -22.70 -23.97
C7 UUL G . 9.64 -22.54 -22.63
C8 UUL G . 8.32 -22.78 -22.22
C14 UUL G . 7.94 -22.68 -20.89
C11 UUL G . 8.90 -22.29 -19.94
CL UUL G . 8.41 -22.16 -18.28
C13 UUL G . 10.20 -22.05 -20.35
C9 UUL G . 10.60 -22.17 -21.67
C16 UUL H . 22.18 -21.98 -38.54
C19 UUL H . 23.50 -21.76 -39.02
C12 UUL H . 23.85 -22.19 -40.31
O20 UUL H . 25.09 -22.05 -40.84
C18 UUL H . 22.94 -22.82 -41.14
C17 UUL H . 21.65 -23.01 -40.69
C10 UUL H . 21.27 -22.61 -39.41
N6 UUL H . 19.98 -22.85 -39.17
C2 UUL H . 19.35 -22.83 -38.05
N1 UUL H . 19.81 -22.48 -36.86
S4 UUL H . 17.74 -23.30 -37.92
C5 UUL H . 17.67 -23.05 -36.24
C3 UUL H . 18.87 -22.60 -35.86
C7 UUL H . 19.22 -22.30 -34.56
C8 UUL H . 20.40 -21.58 -34.44
C14 UUL H . 20.90 -21.26 -33.21
C11 UUL H . 20.23 -21.70 -32.10
CL UUL H . 20.97 -21.23 -30.64
C13 UUL H . 19.05 -22.46 -32.17
C9 UUL H . 18.54 -22.78 -33.44
C16 UUL I . 10.64 38.58 -11.39
C19 UUL I . 9.44 37.89 -11.24
C12 UUL I . 8.24 38.53 -10.97
O20 UUL I . 7.11 37.76 -10.86
C18 UUL I . 8.24 39.92 -10.83
C17 UUL I . 9.45 40.61 -10.95
C10 UUL I . 10.66 39.95 -11.21
N6 UUL I . 11.82 40.63 -11.38
C2 UUL I . 12.94 40.60 -10.64
N1 UUL I . 13.44 39.56 -10.00
S4 UUL I . 14.01 41.90 -10.43
C5 UUL I . 15.08 41.04 -9.42
C3 UUL I . 14.59 39.79 -9.30
C7 UUL I . 15.17 38.72 -8.62
C8 UUL I . 14.30 37.72 -8.16
C14 UUL I . 14.76 36.59 -7.51
C11 UUL I . 16.14 36.43 -7.35
CL UUL I . 16.67 35.00 -6.54
C13 UUL I . 17.03 37.41 -7.82
C9 UUL I . 16.55 38.55 -8.46
P1 POP J . -3.37 31.98 -14.00
O1 POP J . -3.92 32.22 -15.39
O2 POP J . -3.55 30.51 -13.68
O3 POP J . -4.12 32.77 -12.95
O POP J . -1.81 32.39 -13.95
P2 POP J . -1.10 33.38 -15.01
O4 POP J . -2.07 33.91 -16.05
O5 POP J . -0.04 32.58 -15.75
O6 POP J . -0.44 34.53 -14.27
MG MG K . -0.83 33.94 -11.12
CL CL L . -12.93 11.26 -19.41
C16 UUL M . -37.78 12.10 -41.36
C19 UUL M . -37.03 12.22 -40.20
C12 UUL M . -35.81 11.58 -40.02
O20 UUL M . -35.17 11.70 -38.84
C18 UUL M . -35.35 10.75 -41.03
C17 UUL M . -36.11 10.63 -42.20
C10 UUL M . -37.32 11.29 -42.36
N6 UUL M . -38.00 11.14 -43.52
C2 UUL M . -39.31 10.96 -43.70
N1 UUL M . -40.24 10.93 -42.75
S4 UUL M . -40.10 10.74 -45.21
C5 UUL M . -41.65 10.62 -44.55
C3 UUL M . -41.52 10.75 -43.21
C7 UUL M . -42.62 10.69 -42.33
C8 UUL M . -42.38 10.83 -40.97
C14 UUL M . -43.45 10.80 -40.09
C11 UUL M . -44.74 10.65 -40.59
CL UUL M . -46.03 10.63 -39.45
C13 UUL M . -45.01 10.51 -41.95
C9 UUL M . -43.92 10.54 -42.83
PB ADP N . -27.20 15.27 -34.28
O1B ADP N . -26.29 15.77 -35.38
O2B ADP N . -28.42 16.17 -34.08
O3B ADP N . -27.45 13.76 -34.50
PA ADP N . -26.49 14.41 -31.53
O1A ADP N . -27.42 13.23 -31.81
O2A ADP N . -26.68 15.29 -30.29
O3A ADP N . -26.39 15.40 -32.85
O5' ADP N . -24.98 13.82 -31.40
C5' ADP N . -24.32 12.93 -32.32
C4' ADP N . -23.66 11.80 -31.53
O4' ADP N . -22.25 12.05 -31.29
C3' ADP N . -24.30 11.60 -30.16
O3' ADP N . -24.82 10.26 -30.10
C2' ADP N . -23.20 11.88 -29.14
O2' ADP N . -23.23 11.02 -27.99
C1' ADP N . -21.88 11.79 -29.92
N9 ADP N . -20.88 12.82 -29.50
C8 ADP N . -20.96 13.71 -28.46
N7 ADP N . -19.86 14.52 -28.40
C5 ADP N . -19.05 14.17 -29.44
C6 ADP N . -17.74 14.62 -29.98
N6 ADP N . -17.04 15.64 -29.42
N1 ADP N . -17.27 13.97 -31.09
C2 ADP N . -17.94 12.96 -31.69
N3 ADP N . -19.12 12.50 -31.25
C4 ADP N . -19.72 13.06 -30.16
MG MG O . -29.15 11.65 -32.28
CL CL P . -21.48 26.95 -11.78
C16 UUL Q . 36.23 -0.23 -7.78
C19 UUL Q . 36.60 0.84 -7.00
C12 UUL Q . 37.40 0.69 -5.89
O20 UUL Q . 37.75 1.79 -5.13
C18 UUL Q . 37.88 -0.58 -5.54
C17 UUL Q . 37.50 -1.69 -6.31
C10 UUL Q . 36.69 -1.52 -7.43
N6 UUL Q . 36.37 -2.61 -8.12
C2 UUL Q . 35.22 -2.78 -8.79
N1 UUL Q . 34.14 -1.97 -8.85
S4 UUL Q . 34.93 -4.13 -9.77
C5 UUL Q . 33.38 -3.59 -10.28
C3 UUL Q . 33.12 -2.41 -9.66
C7 UUL Q . 31.91 -1.69 -9.84
C8 UUL Q . 31.68 -0.55 -9.06
C14 UUL Q . 30.49 0.17 -9.18
C11 UUL Q . 29.52 -0.24 -10.10
CL UUL Q . 28.08 0.71 -10.27
C13 UUL Q . 29.73 -1.37 -10.91
C9 UUL Q . 30.93 -2.09 -10.76
C16 UUL R . -14.69 -35.72 13.80
C19 UUL R . -14.18 -34.54 14.36
C12 UUL R . -14.55 -34.12 15.65
O20 UUL R . -14.04 -32.97 16.18
C18 UUL R . -15.41 -34.91 16.43
C17 UUL R . -15.91 -36.10 15.87
C10 UUL R . -15.56 -36.49 14.57
N6 UUL R . -16.06 -37.68 14.13
C2 UUL R . -16.40 -38.04 12.88
N1 UUL R . -16.27 -37.34 11.75
S4 UUL R . -17.10 -39.54 12.48
C5 UUL R . -17.21 -39.18 10.83
C3 UUL R . -16.74 -37.94 10.64
C7 UUL R . -16.62 -37.33 9.40
C8 UUL R . -16.10 -36.02 9.36
C14 UUL R . -15.94 -35.36 8.12
C11 UUL R . -16.24 -36.02 6.93
CL UUL R . -15.95 -35.20 5.42
C13 UUL R . -16.75 -37.33 6.98
C9 UUL R . -16.93 -37.99 8.20
PB ADP S . -8.55 -27.95 22.69
O1B ADP S . -7.83 -28.18 21.37
O2B ADP S . -8.06 -28.92 23.75
O3B ADP S . -10.07 -27.83 22.57
PA ADP S . -8.75 -25.01 22.97
O1A ADP S . -7.64 -24.04 22.64
O2A ADP S . -9.95 -25.28 22.05
O3A ADP S . -8.05 -26.49 23.24
O5' ADP S . -9.34 -24.51 24.41
C5' ADP S . -10.46 -25.04 25.16
C4' ADP S . -11.15 -23.92 25.94
O4' ADP S . -10.53 -23.62 27.23
C3' ADP S . -11.13 -22.61 25.15
O3' ADP S . -12.48 -22.19 24.95
C2' ADP S . -10.37 -21.64 26.04
O2' ADP S . -10.82 -20.27 25.94
C1' ADP S . -10.52 -22.19 27.46
N9 ADP S . -9.39 -21.75 28.35
C8 ADP S . -8.42 -20.83 28.03
N7 ADP S . -7.53 -20.65 29.04
C5 ADP S . -7.94 -21.44 30.06
C6 ADP S . -7.45 -21.75 31.43
N6 ADP S . -6.33 -21.15 31.90
N1 ADP S . -8.16 -22.65 32.16
C2 ADP S . -9.27 -23.26 31.69
N3 ADP S . -9.77 -23.03 30.45
C4 ADP S . -9.17 -22.16 29.61
MG MG T . -11.84 -25.77 20.66
CL CL U . 8.39 -8.61 23.26
C16 UUL V . 24.58 -5.22 52.34
C19 UUL V . 23.62 -5.28 51.32
C12 UUL V . 23.99 -5.59 49.99
O20 UUL V . 23.04 -5.60 49.02
C18 UUL V . 25.33 -5.90 49.67
C17 UUL V . 26.29 -5.85 50.67
C10 UUL V . 25.93 -5.50 52.00
N6 UUL V . 26.89 -5.49 52.92
C2 UUL V . 27.06 -4.69 53.97
N1 UUL V . 26.23 -3.71 54.36
S4 UUL V . 28.41 -4.78 55.08
C5 UUL V . 27.80 -3.50 56.03
C3 UUL V . 26.63 -3.07 55.49
C7 UUL V . 25.86 -2.02 56.01
C8 UUL V . 24.75 -1.58 55.28
C14 UUL V . 23.95 -0.55 55.76
C11 UUL V . 24.28 0.02 56.99
CL UUL V . 23.29 1.32 57.56
C13 UUL V . 25.37 -0.41 57.76
C9 UUL V . 26.18 -1.44 57.26
#